data_7QVT
# 
_entry.id   7QVT 
# 
_audit_conform.dict_name       mmcif_pdbx.dic 
_audit_conform.dict_version    5.384 
_audit_conform.dict_location   http://mmcif.pdb.org/dictionaries/ascii/mmcif_pdbx.dic 
# 
loop_
_database_2.database_id 
_database_2.database_code 
_database_2.pdbx_database_accession 
_database_2.pdbx_DOI 
PDB   7QVT         pdb_00007qvt 10.2210/pdb7qvt/pdb 
WWPDB D_1292120466 ?            ?                   
# 
loop_
_pdbx_audit_revision_history.ordinal 
_pdbx_audit_revision_history.data_content_type 
_pdbx_audit_revision_history.major_revision 
_pdbx_audit_revision_history.minor_revision 
_pdbx_audit_revision_history.revision_date 
1 'Structure model' 1 0 2022-09-28 
2 'Structure model' 1 1 2024-01-31 
# 
_pdbx_audit_revision_details.ordinal             1 
_pdbx_audit_revision_details.revision_ordinal    1 
_pdbx_audit_revision_details.data_content_type   'Structure model' 
_pdbx_audit_revision_details.provider            repository 
_pdbx_audit_revision_details.type                'Initial release' 
_pdbx_audit_revision_details.description         ? 
_pdbx_audit_revision_details.details             ? 
# 
loop_
_pdbx_audit_revision_group.ordinal 
_pdbx_audit_revision_group.revision_ordinal 
_pdbx_audit_revision_group.data_content_type 
_pdbx_audit_revision_group.group 
1 2 'Structure model' 'Data collection'        
2 2 'Structure model' 'Refinement description' 
# 
loop_
_pdbx_audit_revision_category.ordinal 
_pdbx_audit_revision_category.revision_ordinal 
_pdbx_audit_revision_category.data_content_type 
_pdbx_audit_revision_category.category 
1 2 'Structure model' chem_comp_atom                
2 2 'Structure model' chem_comp_bond                
3 2 'Structure model' pdbx_initial_refinement_model 
# 
_pdbx_database_status.status_code                     REL 
_pdbx_database_status.status_code_sf                  REL 
_pdbx_database_status.status_code_mr                  ? 
_pdbx_database_status.entry_id                        7QVT 
_pdbx_database_status.recvd_initial_deposition_date   2022-01-23 
_pdbx_database_status.SG_entry                        N 
_pdbx_database_status.deposit_site                    PDBE 
_pdbx_database_status.process_site                    PDBE 
_pdbx_database_status.status_code_cs                  ? 
_pdbx_database_status.status_code_nmr_data            ? 
_pdbx_database_status.methods_development_category    ? 
_pdbx_database_status.pdb_format_compatible           Y 
# 
_pdbx_contact_author.id                 2 
_pdbx_contact_author.email              graziano.lolli@unitn.it 
_pdbx_contact_author.name_first         Graziano 
_pdbx_contact_author.name_last          Lolli 
_pdbx_contact_author.name_mi            ? 
_pdbx_contact_author.role               'principal investigator/group leader' 
_pdbx_contact_author.identifier_ORCID   0000-0002-8536-5599 
# 
loop_
_audit_author.name 
_audit_author.pdbx_ordinal 
_audit_author.identifier_ORCID 
'Dalle Vedove, A.' 1 ? 
'Cazzanelli, G.'   2 ? 
'Caflisch, A.'     3 ? 
'Lolli, G.'        4 ? 
# 
_citation.abstract                  ? 
_citation.abstract_id_CAS           ? 
_citation.book_id_ISBN              ? 
_citation.book_publisher            ? 
_citation.book_publisher_city       ? 
_citation.book_title                ? 
_citation.coordinate_linkage        ? 
_citation.country                   US 
_citation.database_id_Medline       ? 
_citation.details                   ? 
_citation.id                        primary 
_citation.journal_abbrev            'Acs Med.Chem.Lett.' 
_citation.journal_id_ASTM           ? 
_citation.journal_id_CSD            ? 
_citation.journal_id_ISSN           1948-5875 
_citation.journal_full              ? 
_citation.journal_issue             ? 
_citation.journal_volume            13 
_citation.language                  ? 
_citation.page_first                1434 
_citation.page_last                 1443 
_citation.title                     'Identification of a BAZ2A-Bromodomain Hit Compound by Fragment Growing.' 
_citation.year                      2022 
_citation.database_id_CSD           ? 
_citation.pdbx_database_id_DOI      10.1021/acsmedchemlett.2c00173 
_citation.pdbx_database_id_PubMed   36105334 
_citation.pdbx_database_id_patent   ? 
_citation.unpublished_flag          ? 
# 
loop_
_citation_author.citation_id 
_citation_author.name 
_citation_author.ordinal 
_citation_author.identifier_ORCID 
primary 'Dalle Vedove, A.'   1 ?                   
primary 'Cazzanelli, G.'     2 ?                   
primary 'Batiste, L.'        3 ?                   
primary 'Marchand, J.R.'     4 0000-0002-8002-9457 
primary 'Spiliotopoulos, D.' 5 ?                   
primary 'Corsi, J.'          6 ?                   
primary 
;D'Agostino, V.G.
;
7 ?                   
primary 'Caflisch, A.'       8 0000-0002-2317-6792 
primary 'Lolli, G.'          9 0000-0002-8536-5599 
# 
loop_
_entity.id 
_entity.type 
_entity.src_method 
_entity.pdbx_description 
_entity.formula_weight 
_entity.pdbx_number_of_molecules 
_entity.pdbx_ec 
_entity.pdbx_mutation 
_entity.pdbx_fragment 
_entity.details 
1 polymer     man 'Bromodomain adjacent to zinc finger domain protein 2A' 12380.919 1  ? 
'First two residues SM derive from the expression tag' 'Bromodomain (residues 1796-1899)' ? 
2 non-polymer syn 1,2-ETHANEDIOL                                          62.068    1  ? ? ?                                  ? 
3 non-polymer syn 4-piperidin-4-yloxypyridine-2-carboxamide               221.256   1  ? ? ?                                  ? 
4 water       nat water                                                   18.015    30 ? ? ?                                  ? 
# 
_entity_name_com.entity_id   1 
_entity_name_com.name        'Transcription termination factor I-interacting protein 5,Tip5,hWALp3' 
# 
_entity_poly.entity_id                      1 
_entity_poly.type                           'polypeptide(L)' 
_entity_poly.nstd_linkage                   no 
_entity_poly.nstd_monomer                   no 
_entity_poly.pdbx_seq_one_letter_code       
;SMHSDLTFCEIILMEMESHDAAWPFLEPVNPRLVSGYRRIIKNPMDFSTMRERLLRGGYTSSEEFAADALLVFDNCQTFN
EDDSEVGKAGHIMRRFFESRWEEFY
;
_entity_poly.pdbx_seq_one_letter_code_can   
;SMHSDLTFCEIILMEMESHDAAWPFLEPVNPRLVSGYRRIIKNPMDFSTMRERLLRGGYTSSEEFAADALLVFDNCQTFN
EDDSEVGKAGHIMRRFFESRWEEFY
;
_entity_poly.pdbx_strand_id                 A 
_entity_poly.pdbx_target_identifier         ? 
# 
loop_
_pdbx_entity_nonpoly.entity_id 
_pdbx_entity_nonpoly.name 
_pdbx_entity_nonpoly.comp_id 
2 1,2-ETHANEDIOL                            EDO 
3 4-piperidin-4-yloxypyridine-2-carboxamide FI5 
4 water                                     HOH 
# 
loop_
_entity_poly_seq.entity_id 
_entity_poly_seq.num 
_entity_poly_seq.mon_id 
_entity_poly_seq.hetero 
1 1   SER n 
1 2   MET n 
1 3   HIS n 
1 4   SER n 
1 5   ASP n 
1 6   LEU n 
1 7   THR n 
1 8   PHE n 
1 9   CYS n 
1 10  GLU n 
1 11  ILE n 
1 12  ILE n 
1 13  LEU n 
1 14  MET n 
1 15  GLU n 
1 16  MET n 
1 17  GLU n 
1 18  SER n 
1 19  HIS n 
1 20  ASP n 
1 21  ALA n 
1 22  ALA n 
1 23  TRP n 
1 24  PRO n 
1 25  PHE n 
1 26  LEU n 
1 27  GLU n 
1 28  PRO n 
1 29  VAL n 
1 30  ASN n 
1 31  PRO n 
1 32  ARG n 
1 33  LEU n 
1 34  VAL n 
1 35  SER n 
1 36  GLY n 
1 37  TYR n 
1 38  ARG n 
1 39  ARG n 
1 40  ILE n 
1 41  ILE n 
1 42  LYS n 
1 43  ASN n 
1 44  PRO n 
1 45  MET n 
1 46  ASP n 
1 47  PHE n 
1 48  SER n 
1 49  THR n 
1 50  MET n 
1 51  ARG n 
1 52  GLU n 
1 53  ARG n 
1 54  LEU n 
1 55  LEU n 
1 56  ARG n 
1 57  GLY n 
1 58  GLY n 
1 59  TYR n 
1 60  THR n 
1 61  SER n 
1 62  SER n 
1 63  GLU n 
1 64  GLU n 
1 65  PHE n 
1 66  ALA n 
1 67  ALA n 
1 68  ASP n 
1 69  ALA n 
1 70  LEU n 
1 71  LEU n 
1 72  VAL n 
1 73  PHE n 
1 74  ASP n 
1 75  ASN n 
1 76  CYS n 
1 77  GLN n 
1 78  THR n 
1 79  PHE n 
1 80  ASN n 
1 81  GLU n 
1 82  ASP n 
1 83  ASP n 
1 84  SER n 
1 85  GLU n 
1 86  VAL n 
1 87  GLY n 
1 88  LYS n 
1 89  ALA n 
1 90  GLY n 
1 91  HIS n 
1 92  ILE n 
1 93  MET n 
1 94  ARG n 
1 95  ARG n 
1 96  PHE n 
1 97  PHE n 
1 98  GLU n 
1 99  SER n 
1 100 ARG n 
1 101 TRP n 
1 102 GLU n 
1 103 GLU n 
1 104 PHE n 
1 105 TYR n 
# 
_entity_src_gen.entity_id                          1 
_entity_src_gen.pdbx_src_id                        1 
_entity_src_gen.pdbx_alt_source_flag               sample 
_entity_src_gen.pdbx_seq_type                      'Biological sequence' 
_entity_src_gen.pdbx_beg_seq_num                   1 
_entity_src_gen.pdbx_end_seq_num                   105 
_entity_src_gen.gene_src_common_name               human 
_entity_src_gen.gene_src_genus                     ? 
_entity_src_gen.pdbx_gene_src_gene                 'BAZ2A, KIAA0314, TIP5' 
_entity_src_gen.gene_src_species                   ? 
_entity_src_gen.gene_src_strain                    ? 
_entity_src_gen.gene_src_tissue                    ? 
_entity_src_gen.gene_src_tissue_fraction           ? 
_entity_src_gen.gene_src_details                   ? 
_entity_src_gen.pdbx_gene_src_fragment             ? 
_entity_src_gen.pdbx_gene_src_scientific_name      'Homo sapiens' 
_entity_src_gen.pdbx_gene_src_ncbi_taxonomy_id     9606 
_entity_src_gen.pdbx_gene_src_variant              ? 
_entity_src_gen.pdbx_gene_src_cell_line            ? 
_entity_src_gen.pdbx_gene_src_atcc                 ? 
_entity_src_gen.pdbx_gene_src_organ                ? 
_entity_src_gen.pdbx_gene_src_organelle            ? 
_entity_src_gen.pdbx_gene_src_cell                 ? 
_entity_src_gen.pdbx_gene_src_cellular_location    ? 
_entity_src_gen.host_org_common_name               ? 
_entity_src_gen.pdbx_host_org_scientific_name      'Escherichia coli' 
_entity_src_gen.pdbx_host_org_ncbi_taxonomy_id     562 
_entity_src_gen.host_org_genus                     ? 
_entity_src_gen.pdbx_host_org_gene                 ? 
_entity_src_gen.pdbx_host_org_organ                ? 
_entity_src_gen.host_org_species                   ? 
_entity_src_gen.pdbx_host_org_tissue               ? 
_entity_src_gen.pdbx_host_org_tissue_fraction      ? 
_entity_src_gen.pdbx_host_org_strain               ? 
_entity_src_gen.pdbx_host_org_variant              ? 
_entity_src_gen.pdbx_host_org_cell_line            ? 
_entity_src_gen.pdbx_host_org_atcc                 ? 
_entity_src_gen.pdbx_host_org_culture_collection   ? 
_entity_src_gen.pdbx_host_org_cell                 ? 
_entity_src_gen.pdbx_host_org_organelle            ? 
_entity_src_gen.pdbx_host_org_cellular_location    ? 
_entity_src_gen.pdbx_host_org_vector_type          ? 
_entity_src_gen.pdbx_host_org_vector               ? 
_entity_src_gen.host_org_details                   ? 
_entity_src_gen.expression_system_id               ? 
_entity_src_gen.plasmid_name                       ? 
_entity_src_gen.plasmid_details                    ? 
_entity_src_gen.pdbx_description                   ? 
# 
loop_
_chem_comp.id 
_chem_comp.type 
_chem_comp.mon_nstd_flag 
_chem_comp.name 
_chem_comp.pdbx_synonyms 
_chem_comp.formula 
_chem_comp.formula_weight 
ALA 'L-peptide linking' y ALANINE                                   ?                 'C3 H7 N O2'     89.093  
ARG 'L-peptide linking' y ARGININE                                  ?                 'C6 H15 N4 O2 1' 175.209 
ASN 'L-peptide linking' y ASPARAGINE                                ?                 'C4 H8 N2 O3'    132.118 
ASP 'L-peptide linking' y 'ASPARTIC ACID'                           ?                 'C4 H7 N O4'     133.103 
CYS 'L-peptide linking' y CYSTEINE                                  ?                 'C3 H7 N O2 S'   121.158 
EDO non-polymer         . 1,2-ETHANEDIOL                            'ETHYLENE GLYCOL' 'C2 H6 O2'       62.068  
FI5 non-polymer         . 4-piperidin-4-yloxypyridine-2-carboxamide ?                 'C11 H15 N3 O2'  221.256 
GLN 'L-peptide linking' y GLUTAMINE                                 ?                 'C5 H10 N2 O3'   146.144 
GLU 'L-peptide linking' y 'GLUTAMIC ACID'                           ?                 'C5 H9 N O4'     147.129 
GLY 'peptide linking'   y GLYCINE                                   ?                 'C2 H5 N O2'     75.067  
HIS 'L-peptide linking' y HISTIDINE                                 ?                 'C6 H10 N3 O2 1' 156.162 
HOH non-polymer         . WATER                                     ?                 'H2 O'           18.015  
ILE 'L-peptide linking' y ISOLEUCINE                                ?                 'C6 H13 N O2'    131.173 
LEU 'L-peptide linking' y LEUCINE                                   ?                 'C6 H13 N O2'    131.173 
LYS 'L-peptide linking' y LYSINE                                    ?                 'C6 H15 N2 O2 1' 147.195 
MET 'L-peptide linking' y METHIONINE                                ?                 'C5 H11 N O2 S'  149.211 
PHE 'L-peptide linking' y PHENYLALANINE                             ?                 'C9 H11 N O2'    165.189 
PRO 'L-peptide linking' y PROLINE                                   ?                 'C5 H9 N O2'     115.130 
SER 'L-peptide linking' y SERINE                                    ?                 'C3 H7 N O3'     105.093 
THR 'L-peptide linking' y THREONINE                                 ?                 'C4 H9 N O3'     119.119 
TRP 'L-peptide linking' y TRYPTOPHAN                                ?                 'C11 H12 N2 O2'  204.225 
TYR 'L-peptide linking' y TYROSINE                                  ?                 'C9 H11 N O3'    181.189 
VAL 'L-peptide linking' y VALINE                                    ?                 'C5 H11 N O2'    117.146 
# 
loop_
_pdbx_poly_seq_scheme.asym_id 
_pdbx_poly_seq_scheme.entity_id 
_pdbx_poly_seq_scheme.seq_id 
_pdbx_poly_seq_scheme.mon_id 
_pdbx_poly_seq_scheme.ndb_seq_num 
_pdbx_poly_seq_scheme.pdb_seq_num 
_pdbx_poly_seq_scheme.auth_seq_num 
_pdbx_poly_seq_scheme.pdb_mon_id 
_pdbx_poly_seq_scheme.auth_mon_id 
_pdbx_poly_seq_scheme.pdb_strand_id 
_pdbx_poly_seq_scheme.pdb_ins_code 
_pdbx_poly_seq_scheme.hetero 
A 1 1   SER 1   1794 ?    ?   ?   A . n 
A 1 2   MET 2   1795 1795 MET MET A . n 
A 1 3   HIS 3   1796 1796 HIS HIS A . n 
A 1 4   SER 4   1797 1797 SER SER A . n 
A 1 5   ASP 5   1798 1798 ASP ASP A . n 
A 1 6   LEU 6   1799 1799 LEU LEU A . n 
A 1 7   THR 7   1800 1800 THR THR A . n 
A 1 8   PHE 8   1801 1801 PHE PHE A . n 
A 1 9   CYS 9   1802 1802 CYS CYS A . n 
A 1 10  GLU 10  1803 1803 GLU GLU A . n 
A 1 11  ILE 11  1804 1804 ILE ILE A . n 
A 1 12  ILE 12  1805 1805 ILE ILE A . n 
A 1 13  LEU 13  1806 1806 LEU LEU A . n 
A 1 14  MET 14  1807 1807 MET MET A . n 
A 1 15  GLU 15  1808 1808 GLU GLU A . n 
A 1 16  MET 16  1809 1809 MET MET A . n 
A 1 17  GLU 17  1810 1810 GLU GLU A . n 
A 1 18  SER 18  1811 1811 SER SER A . n 
A 1 19  HIS 19  1812 1812 HIS HIS A . n 
A 1 20  ASP 20  1813 1813 ASP ASP A . n 
A 1 21  ALA 21  1814 1814 ALA ALA A . n 
A 1 22  ALA 22  1815 1815 ALA ALA A . n 
A 1 23  TRP 23  1816 1816 TRP TRP A . n 
A 1 24  PRO 24  1817 1817 PRO PRO A . n 
A 1 25  PHE 25  1818 1818 PHE PHE A . n 
A 1 26  LEU 26  1819 1819 LEU LEU A . n 
A 1 27  GLU 27  1820 1820 GLU GLU A . n 
A 1 28  PRO 28  1821 1821 PRO PRO A . n 
A 1 29  VAL 29  1822 1822 VAL VAL A . n 
A 1 30  ASN 30  1823 1823 ASN ASN A . n 
A 1 31  PRO 31  1824 1824 PRO PRO A . n 
A 1 32  ARG 32  1825 1825 ARG ARG A . n 
A 1 33  LEU 33  1826 1826 LEU LEU A . n 
A 1 34  VAL 34  1827 1827 VAL VAL A . n 
A 1 35  SER 35  1828 1828 SER SER A . n 
A 1 36  GLY 36  1829 1829 GLY GLY A . n 
A 1 37  TYR 37  1830 1830 TYR TYR A . n 
A 1 38  ARG 38  1831 1831 ARG ARG A . n 
A 1 39  ARG 39  1832 1832 ARG ARG A . n 
A 1 40  ILE 40  1833 1833 ILE ILE A . n 
A 1 41  ILE 41  1834 1834 ILE ILE A . n 
A 1 42  LYS 42  1835 1835 LYS LYS A . n 
A 1 43  ASN 43  1836 1836 ASN ASN A . n 
A 1 44  PRO 44  1837 1837 PRO PRO A . n 
A 1 45  MET 45  1838 1838 MET MET A . n 
A 1 46  ASP 46  1839 1839 ASP ASP A . n 
A 1 47  PHE 47  1840 1840 PHE PHE A . n 
A 1 48  SER 48  1841 1841 SER SER A . n 
A 1 49  THR 49  1842 1842 THR THR A . n 
A 1 50  MET 50  1843 1843 MET MET A . n 
A 1 51  ARG 51  1844 1844 ARG ARG A . n 
A 1 52  GLU 52  1845 1845 GLU GLU A . n 
A 1 53  ARG 53  1846 1846 ARG ARG A . n 
A 1 54  LEU 54  1847 1847 LEU LEU A . n 
A 1 55  LEU 55  1848 1848 LEU LEU A . n 
A 1 56  ARG 56  1849 1849 ARG ARG A . n 
A 1 57  GLY 57  1850 1850 GLY GLY A . n 
A 1 58  GLY 58  1851 1851 GLY GLY A . n 
A 1 59  TYR 59  1852 1852 TYR TYR A . n 
A 1 60  THR 60  1853 1853 THR THR A . n 
A 1 61  SER 61  1854 1854 SER SER A . n 
A 1 62  SER 62  1855 1855 SER SER A . n 
A 1 63  GLU 63  1856 1856 GLU GLU A . n 
A 1 64  GLU 64  1857 1857 GLU GLU A . n 
A 1 65  PHE 65  1858 1858 PHE PHE A . n 
A 1 66  ALA 66  1859 1859 ALA ALA A . n 
A 1 67  ALA 67  1860 1860 ALA ALA A . n 
A 1 68  ASP 68  1861 1861 ASP ASP A . n 
A 1 69  ALA 69  1862 1862 ALA ALA A . n 
A 1 70  LEU 70  1863 1863 LEU LEU A . n 
A 1 71  LEU 71  1864 1864 LEU LEU A . n 
A 1 72  VAL 72  1865 1865 VAL VAL A . n 
A 1 73  PHE 73  1866 1866 PHE PHE A . n 
A 1 74  ASP 74  1867 1867 ASP ASP A . n 
A 1 75  ASN 75  1868 1868 ASN ASN A . n 
A 1 76  CYS 76  1869 1869 CYS CYS A . n 
A 1 77  GLN 77  1870 1870 GLN GLN A . n 
A 1 78  THR 78  1871 1871 THR THR A . n 
A 1 79  PHE 79  1872 1872 PHE PHE A . n 
A 1 80  ASN 80  1873 1873 ASN ASN A . n 
A 1 81  GLU 81  1874 1874 GLU GLU A . n 
A 1 82  ASP 82  1875 1875 ASP ASP A . n 
A 1 83  ASP 83  1876 1876 ASP ASP A . n 
A 1 84  SER 84  1877 1877 SER SER A . n 
A 1 85  GLU 85  1878 1878 GLU GLU A . n 
A 1 86  VAL 86  1879 1879 VAL VAL A . n 
A 1 87  GLY 87  1880 1880 GLY GLY A . n 
A 1 88  LYS 88  1881 1881 LYS LYS A . n 
A 1 89  ALA 89  1882 1882 ALA ALA A . n 
A 1 90  GLY 90  1883 1883 GLY GLY A . n 
A 1 91  HIS 91  1884 1884 HIS HIS A . n 
A 1 92  ILE 92  1885 1885 ILE ILE A . n 
A 1 93  MET 93  1886 1886 MET MET A . n 
A 1 94  ARG 94  1887 1887 ARG ARG A . n 
A 1 95  ARG 95  1888 1888 ARG ARG A . n 
A 1 96  PHE 96  1889 1889 PHE PHE A . n 
A 1 97  PHE 97  1890 1890 PHE PHE A . n 
A 1 98  GLU 98  1891 1891 GLU GLU A . n 
A 1 99  SER 99  1892 1892 SER SER A . n 
A 1 100 ARG 100 1893 1893 ARG ARG A . n 
A 1 101 TRP 101 1894 1894 TRP TRP A . n 
A 1 102 GLU 102 1895 1895 GLU GLU A . n 
A 1 103 GLU 103 1896 1896 GLU GLU A . n 
A 1 104 PHE 104 1897 1897 PHE PHE A . n 
A 1 105 TYR 105 1898 1898 TYR TYR A . n 
# 
loop_
_pdbx_nonpoly_scheme.asym_id 
_pdbx_nonpoly_scheme.entity_id 
_pdbx_nonpoly_scheme.mon_id 
_pdbx_nonpoly_scheme.ndb_seq_num 
_pdbx_nonpoly_scheme.pdb_seq_num 
_pdbx_nonpoly_scheme.auth_seq_num 
_pdbx_nonpoly_scheme.pdb_mon_id 
_pdbx_nonpoly_scheme.auth_mon_id 
_pdbx_nonpoly_scheme.pdb_strand_id 
_pdbx_nonpoly_scheme.pdb_ins_code 
B 2 EDO 1  1901 1901 EDO EDO A . 
C 3 FI5 1  1902 1    FI5 B13 A . 
D 4 HOH 1  2001 14   HOH HOH A . 
D 4 HOH 2  2002 2    HOH HOH A . 
D 4 HOH 3  2003 16   HOH HOH A . 
D 4 HOH 4  2004 29   HOH HOH A . 
D 4 HOH 5  2005 24   HOH HOH A . 
D 4 HOH 6  2006 26   HOH HOH A . 
D 4 HOH 7  2007 20   HOH HOH A . 
D 4 HOH 8  2008 30   HOH HOH A . 
D 4 HOH 9  2009 7    HOH HOH A . 
D 4 HOH 10 2010 22   HOH HOH A . 
D 4 HOH 11 2011 3    HOH HOH A . 
D 4 HOH 12 2012 21   HOH HOH A . 
D 4 HOH 13 2013 8    HOH HOH A . 
D 4 HOH 14 2014 12   HOH HOH A . 
D 4 HOH 15 2015 13   HOH HOH A . 
D 4 HOH 16 2016 4    HOH HOH A . 
D 4 HOH 17 2017 15   HOH HOH A . 
D 4 HOH 18 2018 17   HOH HOH A . 
D 4 HOH 19 2019 23   HOH HOH A . 
D 4 HOH 20 2020 10   HOH HOH A . 
D 4 HOH 21 2021 18   HOH HOH A . 
D 4 HOH 22 2022 1    HOH HOH A . 
D 4 HOH 23 2023 6    HOH HOH A . 
D 4 HOH 24 2024 9    HOH HOH A . 
D 4 HOH 25 2025 5    HOH HOH A . 
D 4 HOH 26 2026 27   HOH HOH A . 
D 4 HOH 27 2027 11   HOH HOH A . 
D 4 HOH 28 2028 19   HOH HOH A . 
D 4 HOH 29 2029 25   HOH HOH A . 
D 4 HOH 30 2030 28   HOH HOH A . 
# 
loop_
_software.citation_id 
_software.classification 
_software.compiler_name 
_software.compiler_version 
_software.contact_author 
_software.contact_author_email 
_software.date 
_software.description 
_software.dependencies 
_software.hardware 
_software.language 
_software.location 
_software.mods 
_software.name 
_software.os 
_software.os_version 
_software.type 
_software.version 
_software.pdbx_ordinal 
? 'data reduction'  ? ? ? ? ? ? ? ? ? ? ? XDS         ? ? ? .      1 
? 'data scaling'    ? ? ? ? ? ? ? ? ? ? ? Aimless     ? ? ? 0.6.2  2 
? phasing           ? ? ? ? ? ? ? ? ? ? ? PHASER      ? ? ? .      3 
? refinement        ? ? ? ? ? ? ? ? ? ? ? PHENIX      ? ? ? 1.11.1 4 
? 'data extraction' ? ? ? ? ? ? ? ? ? ? ? PDB_EXTRACT ? ? ? 3.27   5 
# 
_cell.angle_alpha                  90.000 
_cell.angle_alpha_esd              ? 
_cell.angle_beta                   90.000 
_cell.angle_beta_esd               ? 
_cell.angle_gamma                  120.000 
_cell.angle_gamma_esd              ? 
_cell.entry_id                     7QVT 
_cell.details                      ? 
_cell.formula_units_Z              ? 
_cell.length_a                     95.144 
_cell.length_a_esd                 ? 
_cell.length_b                     95.144 
_cell.length_b_esd                 ? 
_cell.length_c                     32.718 
_cell.length_c_esd                 ? 
_cell.volume                       ? 
_cell.volume_esd                   ? 
_cell.Z_PDB                        6 
_cell.reciprocal_angle_alpha       ? 
_cell.reciprocal_angle_beta        ? 
_cell.reciprocal_angle_gamma       ? 
_cell.reciprocal_angle_alpha_esd   ? 
_cell.reciprocal_angle_beta_esd    ? 
_cell.reciprocal_angle_gamma_esd   ? 
_cell.reciprocal_length_a          ? 
_cell.reciprocal_length_b          ? 
_cell.reciprocal_length_c          ? 
_cell.reciprocal_length_a_esd      ? 
_cell.reciprocal_length_b_esd      ? 
_cell.reciprocal_length_c_esd      ? 
_cell.pdbx_unique_axis             ? 
# 
_symmetry.entry_id                         7QVT 
_symmetry.cell_setting                     ? 
_symmetry.Int_Tables_number                152 
_symmetry.space_group_name_Hall            ? 
_symmetry.space_group_name_H-M             'P 31 2 1' 
_symmetry.pdbx_full_space_group_name_H-M   ? 
# 
_exptl.absorpt_coefficient_mu     ? 
_exptl.absorpt_correction_T_max   ? 
_exptl.absorpt_correction_T_min   ? 
_exptl.absorpt_correction_type    ? 
_exptl.absorpt_process_details    ? 
_exptl.entry_id                   7QVT 
_exptl.crystals_number            1 
_exptl.details                    ? 
_exptl.method                     'X-RAY DIFFRACTION' 
_exptl.method_details             ? 
# 
_exptl_crystal.colour                      ? 
_exptl_crystal.density_diffrn              ? 
_exptl_crystal.density_Matthews            3.45 
_exptl_crystal.density_method              ? 
_exptl_crystal.density_percent_sol         64.38 
_exptl_crystal.description                 ? 
_exptl_crystal.F_000                       ? 
_exptl_crystal.id                          1 
_exptl_crystal.preparation                 ? 
_exptl_crystal.size_max                    ? 
_exptl_crystal.size_mid                    ? 
_exptl_crystal.size_min                    ? 
_exptl_crystal.size_rad                    ? 
_exptl_crystal.colour_lustre               ? 
_exptl_crystal.colour_modifier             ? 
_exptl_crystal.colour_primary              ? 
_exptl_crystal.density_meas                ? 
_exptl_crystal.density_meas_esd            ? 
_exptl_crystal.density_meas_gt             ? 
_exptl_crystal.density_meas_lt             ? 
_exptl_crystal.density_meas_temp           ? 
_exptl_crystal.density_meas_temp_esd       ? 
_exptl_crystal.density_meas_temp_gt        ? 
_exptl_crystal.density_meas_temp_lt        ? 
_exptl_crystal.pdbx_crystal_image_url      ? 
_exptl_crystal.pdbx_crystal_image_format   ? 
_exptl_crystal.pdbx_mosaicity              0.520 
_exptl_crystal.pdbx_mosaicity_esd          ? 
# 
_exptl_crystal_grow.apparatus       ? 
_exptl_crystal_grow.atmosphere      ? 
_exptl_crystal_grow.crystal_id      1 
_exptl_crystal_grow.details         ? 
_exptl_crystal_grow.method          'VAPOR DIFFUSION, SITTING DROP' 
_exptl_crystal_grow.method_ref      ? 
_exptl_crystal_grow.pH              7.5 
_exptl_crystal_grow.pressure        ? 
_exptl_crystal_grow.pressure_esd    ? 
_exptl_crystal_grow.seeding         ? 
_exptl_crystal_grow.seeding_ref     ? 
_exptl_crystal_grow.temp            277 
_exptl_crystal_grow.temp_details    ? 
_exptl_crystal_grow.temp_esd        ? 
_exptl_crystal_grow.time            ? 
_exptl_crystal_grow.pdbx_details    '20% PEG3350, 0.2 M MgCl2' 
_exptl_crystal_grow.pdbx_pH_range   ? 
# 
_diffrn.ambient_environment              ? 
_diffrn.ambient_temp                     100 
_diffrn.ambient_temp_details             ? 
_diffrn.ambient_temp_esd                 ? 
_diffrn.crystal_id                       1 
_diffrn.crystal_support                  ? 
_diffrn.crystal_treatment                ? 
_diffrn.details                          ? 
_diffrn.id                               1 
_diffrn.ambient_pressure                 ? 
_diffrn.ambient_pressure_esd             ? 
_diffrn.ambient_pressure_gt              ? 
_diffrn.ambient_pressure_lt              ? 
_diffrn.ambient_temp_gt                  ? 
_diffrn.ambient_temp_lt                  ? 
_diffrn.pdbx_serial_crystal_experiment   N 
# 
_diffrn_detector.details                      ? 
_diffrn_detector.detector                     PIXEL 
_diffrn_detector.diffrn_id                    1 
_diffrn_detector.type                         'DECTRIS PILATUS 2M' 
_diffrn_detector.area_resol_mean              ? 
_diffrn_detector.dtime                        ? 
_diffrn_detector.pdbx_frames_total            ? 
_diffrn_detector.pdbx_collection_time_total   ? 
_diffrn_detector.pdbx_collection_date         2018-03-01 
_diffrn_detector.pdbx_frequency               ? 
# 
_diffrn_radiation.collimation                      ? 
_diffrn_radiation.diffrn_id                        1 
_diffrn_radiation.filter_edge                      ? 
_diffrn_radiation.inhomogeneity                    ? 
_diffrn_radiation.monochromator                    ? 
_diffrn_radiation.polarisn_norm                    ? 
_diffrn_radiation.polarisn_ratio                   ? 
_diffrn_radiation.probe                            ? 
_diffrn_radiation.type                             ? 
_diffrn_radiation.xray_symbol                      ? 
_diffrn_radiation.wavelength_id                    1 
_diffrn_radiation.pdbx_monochromatic_or_laue_m_l   M 
_diffrn_radiation.pdbx_wavelength_list             ? 
_diffrn_radiation.pdbx_wavelength                  ? 
_diffrn_radiation.pdbx_diffrn_protocol             'SINGLE WAVELENGTH' 
_diffrn_radiation.pdbx_analyzer                    ? 
_diffrn_radiation.pdbx_scattering_type             x-ray 
# 
_diffrn_radiation_wavelength.id           1 
_diffrn_radiation_wavelength.wavelength   1.000 
_diffrn_radiation_wavelength.wt           1.0 
# 
_diffrn_source.current                     ? 
_diffrn_source.details                     ? 
_diffrn_source.diffrn_id                   1 
_diffrn_source.power                       ? 
_diffrn_source.size                        ? 
_diffrn_source.source                      SYNCHROTRON 
_diffrn_source.target                      ? 
_diffrn_source.type                        'ELETTRA BEAMLINE 5.2R' 
_diffrn_source.voltage                     ? 
_diffrn_source.take-off_angle              ? 
_diffrn_source.pdbx_wavelength_list        1.000 
_diffrn_source.pdbx_wavelength             ? 
_diffrn_source.pdbx_synchrotron_beamline   5.2R 
_diffrn_source.pdbx_synchrotron_site       ELETTRA 
# 
_reflns.B_iso_Wilson_estimate                          ? 
_reflns.entry_id                                       7QVT 
_reflns.data_reduction_details                         ? 
_reflns.data_reduction_method                          ? 
_reflns.d_resolution_high                              2.600 
_reflns.d_resolution_low                               47.570 
_reflns.details                                        ? 
_reflns.limit_h_max                                    ? 
_reflns.limit_h_min                                    ? 
_reflns.limit_k_max                                    ? 
_reflns.limit_k_min                                    ? 
_reflns.limit_l_max                                    ? 
_reflns.limit_l_min                                    ? 
_reflns.number_all                                     ? 
_reflns.number_obs                                     5425 
_reflns.observed_criterion                             ? 
_reflns.observed_criterion_F_max                       ? 
_reflns.observed_criterion_F_min                       ? 
_reflns.observed_criterion_I_max                       ? 
_reflns.observed_criterion_I_min                       ? 
_reflns.observed_criterion_sigma_F                     ? 
_reflns.observed_criterion_sigma_I                     ? 
_reflns.percent_possible_obs                           100.000 
_reflns.R_free_details                                 ? 
_reflns.Rmerge_F_all                                   ? 
_reflns.Rmerge_F_obs                                   ? 
_reflns.Friedel_coverage                               ? 
_reflns.number_gt                                      ? 
_reflns.threshold_expression                           ? 
_reflns.pdbx_redundancy                                10.600 
_reflns.pdbx_Rmerge_I_obs                              0.256 
_reflns.pdbx_Rmerge_I_all                              ? 
_reflns.pdbx_Rsym_value                                ? 
_reflns.pdbx_netI_over_av_sigmaI                       ? 
_reflns.pdbx_netI_over_sigmaI                          8.800 
_reflns.pdbx_res_netI_over_av_sigmaI_2                 ? 
_reflns.pdbx_res_netI_over_sigmaI_2                    ? 
_reflns.pdbx_chi_squared                               ? 
_reflns.pdbx_scaling_rejects                           ? 
_reflns.pdbx_d_res_high_opt                            ? 
_reflns.pdbx_d_res_low_opt                             ? 
_reflns.pdbx_d_res_opt_method                          ? 
_reflns.phase_calculation_details                      ? 
_reflns.pdbx_Rrim_I_all                                0.269 
_reflns.pdbx_Rpim_I_all                                0.082 
_reflns.pdbx_d_opt                                     ? 
_reflns.pdbx_number_measured_all                       57564 
_reflns.pdbx_diffrn_id                                 1 
_reflns.pdbx_ordinal                                   1 
_reflns.pdbx_CC_half                                   0.992 
_reflns.pdbx_CC_star                                   ? 
_reflns.pdbx_R_split                                   ? 
_reflns.pdbx_aniso_diffraction_limit_axis_1_ortho[1]   ? 
_reflns.pdbx_aniso_diffraction_limit_axis_1_ortho[2]   ? 
_reflns.pdbx_aniso_diffraction_limit_axis_1_ortho[3]   ? 
_reflns.pdbx_aniso_diffraction_limit_axis_2_ortho[1]   ? 
_reflns.pdbx_aniso_diffraction_limit_axis_2_ortho[2]   ? 
_reflns.pdbx_aniso_diffraction_limit_axis_2_ortho[3]   ? 
_reflns.pdbx_aniso_diffraction_limit_axis_3_ortho[1]   ? 
_reflns.pdbx_aniso_diffraction_limit_axis_3_ortho[2]   ? 
_reflns.pdbx_aniso_diffraction_limit_axis_3_ortho[3]   ? 
_reflns.pdbx_aniso_diffraction_limit_1                 ? 
_reflns.pdbx_aniso_diffraction_limit_2                 ? 
_reflns.pdbx_aniso_diffraction_limit_3                 ? 
_reflns.pdbx_aniso_B_tensor_eigenvector_1_ortho[1]     ? 
_reflns.pdbx_aniso_B_tensor_eigenvector_1_ortho[2]     ? 
_reflns.pdbx_aniso_B_tensor_eigenvector_1_ortho[3]     ? 
_reflns.pdbx_aniso_B_tensor_eigenvector_2_ortho[1]     ? 
_reflns.pdbx_aniso_B_tensor_eigenvector_2_ortho[2]     ? 
_reflns.pdbx_aniso_B_tensor_eigenvector_2_ortho[3]     ? 
_reflns.pdbx_aniso_B_tensor_eigenvector_3_ortho[1]     ? 
_reflns.pdbx_aniso_B_tensor_eigenvector_3_ortho[2]     ? 
_reflns.pdbx_aniso_B_tensor_eigenvector_3_ortho[3]     ? 
_reflns.pdbx_aniso_B_tensor_eigenvalue_1               ? 
_reflns.pdbx_aniso_B_tensor_eigenvalue_2               ? 
_reflns.pdbx_aniso_B_tensor_eigenvalue_3               ? 
_reflns.pdbx_orthogonalization_convention              ? 
_reflns.pdbx_percent_possible_ellipsoidal              ? 
_reflns.pdbx_percent_possible_spherical                ? 
_reflns.pdbx_percent_possible_ellipsoidal_anomalous    ? 
_reflns.pdbx_percent_possible_spherical_anomalous      ? 
_reflns.pdbx_redundancy_anomalous                      ? 
_reflns.pdbx_CC_half_anomalous                         ? 
_reflns.pdbx_absDiff_over_sigma_anomalous              ? 
_reflns.pdbx_percent_possible_anomalous                ? 
_reflns.pdbx_observed_signal_threshold                 ? 
_reflns.pdbx_signal_type                               ? 
_reflns.pdbx_signal_details                            ? 
_reflns.pdbx_signal_software_id                        ? 
# 
loop_
_reflns_shell.d_res_high 
_reflns_shell.d_res_low 
_reflns_shell.meanI_over_sigI_all 
_reflns_shell.meanI_over_sigI_obs 
_reflns_shell.number_measured_all 
_reflns_shell.number_measured_obs 
_reflns_shell.number_possible 
_reflns_shell.number_unique_all 
_reflns_shell.number_unique_obs 
_reflns_shell.percent_possible_all 
_reflns_shell.percent_possible_obs 
_reflns_shell.Rmerge_F_all 
_reflns_shell.Rmerge_F_obs 
_reflns_shell.Rmerge_I_all 
_reflns_shell.Rmerge_I_obs 
_reflns_shell.meanI_over_sigI_gt 
_reflns_shell.meanI_over_uI_all 
_reflns_shell.meanI_over_uI_gt 
_reflns_shell.number_measured_gt 
_reflns_shell.number_unique_gt 
_reflns_shell.percent_possible_gt 
_reflns_shell.Rmerge_F_gt 
_reflns_shell.Rmerge_I_gt 
_reflns_shell.pdbx_redundancy 
_reflns_shell.pdbx_Rsym_value 
_reflns_shell.pdbx_chi_squared 
_reflns_shell.pdbx_netI_over_sigmaI_all 
_reflns_shell.pdbx_netI_over_sigmaI_obs 
_reflns_shell.pdbx_Rrim_I_all 
_reflns_shell.pdbx_Rpim_I_all 
_reflns_shell.pdbx_rejects 
_reflns_shell.pdbx_ordinal 
_reflns_shell.pdbx_diffrn_id 
_reflns_shell.pdbx_CC_half 
_reflns_shell.pdbx_CC_star 
_reflns_shell.pdbx_R_split 
_reflns_shell.pdbx_percent_possible_ellipsoidal 
_reflns_shell.pdbx_percent_possible_spherical 
_reflns_shell.pdbx_percent_possible_ellipsoidal_anomalous 
_reflns_shell.pdbx_percent_possible_spherical_anomalous 
_reflns_shell.pdbx_redundancy_anomalous 
_reflns_shell.pdbx_CC_half_anomalous 
_reflns_shell.pdbx_absDiff_over_sigma_anomalous 
_reflns_shell.pdbx_percent_possible_anomalous 
2.600 2.720  ? ? 6950 ? ? ? 659 100.000 ? ? ? ? 1.704 ? ? ? ? ? ? ? ? 10.500 ? ? ? 1.700  1.791 0.547 ? 1 1 0.747 ? ? ? ? ? ? ? ? 
? ? 
9.010 47.570 ? ? 1550 ? ? ? 150 99.500  ? ? ? ? 0.067 ? ? ? ? ? ? ? ? 10.300 ? ? ? 26.700 0.071 0.023 ? 2 1 0.996 ? ? ? ? ? ? ? ? 
? ? 
# 
_refine.aniso_B[1][1]                            ? 
_refine.aniso_B[1][2]                            ? 
_refine.aniso_B[1][3]                            ? 
_refine.aniso_B[2][2]                            ? 
_refine.aniso_B[2][3]                            ? 
_refine.aniso_B[3][3]                            ? 
_refine.B_iso_max                                103.100 
_refine.B_iso_mean                               45.1445 
_refine.B_iso_min                                13.060 
_refine.correlation_coeff_Fo_to_Fc               ? 
_refine.correlation_coeff_Fo_to_Fc_free          ? 
_refine.details                                  ? 
_refine.diff_density_max                         ? 
_refine.diff_density_max_esd                     ? 
_refine.diff_density_min                         ? 
_refine.diff_density_min_esd                     ? 
_refine.diff_density_rms                         ? 
_refine.diff_density_rms_esd                     ? 
_refine.entry_id                                 7QVT 
_refine.pdbx_refine_id                           'X-RAY DIFFRACTION' 
_refine.ls_abs_structure_details                 ? 
_refine.ls_abs_structure_Flack                   ? 
_refine.ls_abs_structure_Flack_esd               ? 
_refine.ls_abs_structure_Rogers                  ? 
_refine.ls_abs_structure_Rogers_esd              ? 
_refine.ls_d_res_high                            2.6000 
_refine.ls_d_res_low                             41.1990 
_refine.ls_extinction_coef                       ? 
_refine.ls_extinction_coef_esd                   ? 
_refine.ls_extinction_expression                 ? 
_refine.ls_extinction_method                     ? 
_refine.ls_goodness_of_fit_all                   ? 
_refine.ls_goodness_of_fit_all_esd               ? 
_refine.ls_goodness_of_fit_obs                   ? 
_refine.ls_goodness_of_fit_obs_esd               ? 
_refine.ls_hydrogen_treatment                    ? 
_refine.ls_matrix_type                           ? 
_refine.ls_number_constraints                    ? 
_refine.ls_number_parameters                     ? 
_refine.ls_number_reflns_all                     ? 
_refine.ls_number_reflns_obs                     5394 
_refine.ls_number_reflns_R_free                  253 
_refine.ls_number_reflns_R_work                  5141 
_refine.ls_number_restraints                     ? 
_refine.ls_percent_reflns_obs                    99.5800 
_refine.ls_percent_reflns_R_free                 4.6900 
_refine.ls_R_factor_all                          ? 
_refine.ls_R_factor_obs                          0.2096 
_refine.ls_R_factor_R_free                       0.2469 
_refine.ls_R_factor_R_free_error                 ? 
_refine.ls_R_factor_R_free_error_details         ? 
_refine.ls_R_factor_R_work                       0.2076 
_refine.ls_R_Fsqd_factor_obs                     ? 
_refine.ls_R_I_factor_obs                        ? 
_refine.ls_redundancy_reflns_all                 ? 
_refine.ls_redundancy_reflns_obs                 ? 
_refine.ls_restrained_S_all                      ? 
_refine.ls_restrained_S_obs                      ? 
_refine.ls_shift_over_esd_max                    ? 
_refine.ls_shift_over_esd_mean                   ? 
_refine.ls_structure_factor_coef                 ? 
_refine.ls_weighting_details                     ? 
_refine.ls_weighting_scheme                      ? 
_refine.ls_wR_factor_all                         ? 
_refine.ls_wR_factor_obs                         ? 
_refine.ls_wR_factor_R_free                      ? 
_refine.ls_wR_factor_R_work                      ? 
_refine.occupancy_max                            ? 
_refine.occupancy_min                            ? 
_refine.solvent_model_details                    'FLAT BULK SOLVENT MODEL' 
_refine.solvent_model_param_bsol                 ? 
_refine.solvent_model_param_ksol                 ? 
_refine.pdbx_R_complete                          ? 
_refine.ls_R_factor_gt                           ? 
_refine.ls_goodness_of_fit_gt                    ? 
_refine.ls_goodness_of_fit_ref                   ? 
_refine.ls_shift_over_su_max                     ? 
_refine.ls_shift_over_su_max_lt                  ? 
_refine.ls_shift_over_su_mean                    ? 
_refine.ls_shift_over_su_mean_lt                 ? 
_refine.pdbx_ls_sigma_I                          ? 
_refine.pdbx_ls_sigma_F                          1.340 
_refine.pdbx_ls_sigma_Fsqd                       ? 
_refine.pdbx_data_cutoff_high_absF               ? 
_refine.pdbx_data_cutoff_high_rms_absF           ? 
_refine.pdbx_data_cutoff_low_absF                ? 
_refine.pdbx_isotropic_thermal_model             ? 
_refine.pdbx_ls_cross_valid_method               'FREE R-VALUE' 
_refine.pdbx_method_to_determine_struct          'MOLECULAR REPLACEMENT' 
_refine.pdbx_starting_model                      5MGJ 
_refine.pdbx_stereochemistry_target_values       ML 
_refine.pdbx_R_Free_selection_details            ? 
_refine.pdbx_stereochem_target_val_spec_case     ? 
_refine.pdbx_overall_ESU_R                       ? 
_refine.pdbx_overall_ESU_R_Free                  ? 
_refine.pdbx_solvent_vdw_probe_radii             1.1100 
_refine.pdbx_solvent_ion_probe_radii             ? 
_refine.pdbx_solvent_shrinkage_radii             0.9000 
_refine.pdbx_real_space_R                        ? 
_refine.pdbx_density_correlation                 ? 
_refine.pdbx_pd_number_of_powder_patterns        ? 
_refine.pdbx_pd_number_of_points                 ? 
_refine.pdbx_pd_meas_number_of_points            ? 
_refine.pdbx_pd_proc_ls_prof_R_factor            ? 
_refine.pdbx_pd_proc_ls_prof_wR_factor           ? 
_refine.pdbx_pd_Marquardt_correlation_coeff      ? 
_refine.pdbx_pd_Fsqrd_R_factor                   ? 
_refine.pdbx_pd_ls_matrix_band_width             ? 
_refine.pdbx_overall_phase_error                 19.5500 
_refine.pdbx_overall_SU_R_free_Cruickshank_DPI   ? 
_refine.pdbx_overall_SU_R_free_Blow_DPI          ? 
_refine.pdbx_overall_SU_R_Blow_DPI               ? 
_refine.pdbx_TLS_residual_ADP_flag               ? 
_refine.pdbx_diffrn_id                           1 
_refine.overall_SU_B                             ? 
_refine.overall_SU_ML                            0.2700 
_refine.overall_SU_R_Cruickshank_DPI             ? 
_refine.overall_SU_R_free                        ? 
_refine.overall_FOM_free_R_set                   ? 
_refine.overall_FOM_work_R_set                   ? 
_refine.pdbx_average_fsc_overall                 ? 
_refine.pdbx_average_fsc_work                    ? 
_refine.pdbx_average_fsc_free                    ? 
# 
_refine_hist.pdbx_refine_id                   'X-RAY DIFFRACTION' 
_refine_hist.cycle_id                         final 
_refine_hist.details                          ? 
_refine_hist.d_res_high                       2.6000 
_refine_hist.d_res_low                        41.1990 
_refine_hist.number_atoms_solvent             30 
_refine_hist.number_atoms_total               911 
_refine_hist.number_reflns_all                ? 
_refine_hist.number_reflns_obs                ? 
_refine_hist.number_reflns_R_free             ? 
_refine_hist.number_reflns_R_work             ? 
_refine_hist.R_factor_all                     ? 
_refine_hist.R_factor_obs                     ? 
_refine_hist.R_factor_R_free                  ? 
_refine_hist.R_factor_R_work                  ? 
_refine_hist.pdbx_number_residues_total       104 
_refine_hist.pdbx_B_iso_mean_ligand           44.00 
_refine_hist.pdbx_B_iso_mean_solvent          37.67 
_refine_hist.pdbx_number_atoms_protein        861 
_refine_hist.pdbx_number_atoms_nucleic_acid   0 
_refine_hist.pdbx_number_atoms_ligand         20 
_refine_hist.pdbx_number_atoms_lipid          ? 
_refine_hist.pdbx_number_atoms_carb           ? 
_refine_hist.pdbx_pseudo_atom_details         ? 
# 
loop_
_refine_ls_restr.pdbx_refine_id 
_refine_ls_restr.criterion 
_refine_ls_restr.dev_ideal 
_refine_ls_restr.dev_ideal_target 
_refine_ls_restr.number 
_refine_ls_restr.rejects 
_refine_ls_restr.type 
_refine_ls_restr.weight 
_refine_ls_restr.pdbx_restraint_function 
'X-RAY DIFFRACTION' ? 0.004  ? 903  ? f_bond_d           ? ? 
'X-RAY DIFFRACTION' ? 0.604  ? 1213 ? f_angle_d          ? ? 
'X-RAY DIFFRACTION' ? 0.041  ? 121  ? f_chiral_restr     ? ? 
'X-RAY DIFFRACTION' ? 0.004  ? 159  ? f_plane_restr      ? ? 
'X-RAY DIFFRACTION' ? 11.468 ? 535  ? f_dihedral_angle_d ? ? 
# 
loop_
_refine_ls_shell.pdbx_refine_id 
_refine_ls_shell.d_res_high 
_refine_ls_shell.d_res_low 
_refine_ls_shell.number_reflns_all 
_refine_ls_shell.number_reflns_obs 
_refine_ls_shell.number_reflns_R_free 
_refine_ls_shell.number_reflns_R_work 
_refine_ls_shell.percent_reflns_obs 
_refine_ls_shell.percent_reflns_R_free 
_refine_ls_shell.R_factor_all 
_refine_ls_shell.R_factor_obs 
_refine_ls_shell.R_factor_R_free 
_refine_ls_shell.R_factor_R_free_error 
_refine_ls_shell.R_factor_R_work 
_refine_ls_shell.redundancy_reflns_all 
_refine_ls_shell.redundancy_reflns_obs 
_refine_ls_shell.wR_factor_all 
_refine_ls_shell.wR_factor_obs 
_refine_ls_shell.wR_factor_R_free 
_refine_ls_shell.wR_factor_R_work 
_refine_ls_shell.pdbx_R_complete 
_refine_ls_shell.pdbx_total_number_of_bins_used 
_refine_ls_shell.pdbx_phase_error 
_refine_ls_shell.pdbx_fsc_work 
_refine_ls_shell.pdbx_fsc_free 
'X-RAY DIFFRACTION' 2.6000 3.2756 . . 116 2548 99.0000  . . . 0.2840 0.0000 0.2564 . . . . . . . . . . . 
'X-RAY DIFFRACTION' 3.2756 41.199 . . 137 2593 100.0000 . . . 0.2338 0.0000 0.1866 . . . . . . . . . . . 
# 
_struct.entry_id                     7QVT 
_struct.title                        'BAZ2A bromodomain in complex with picolinamide derivative fragment 13' 
_struct.pdbx_model_details           ? 
_struct.pdbx_formula_weight          ? 
_struct.pdbx_formula_weight_method   ? 
_struct.pdbx_model_type_details      ? 
_struct.pdbx_CASP_flag               N 
# 
_struct_keywords.entry_id        7QVT 
_struct_keywords.text            'four helical bundle, transcription' 
_struct_keywords.pdbx_keywords   TRANSCRIPTION 
# 
loop_
_struct_asym.id 
_struct_asym.pdbx_blank_PDB_chainid_flag 
_struct_asym.pdbx_modified 
_struct_asym.entity_id 
_struct_asym.details 
A N N 1 ? 
B N N 2 ? 
C N N 3 ? 
D N N 4 ? 
# 
_struct_ref.id                         1 
_struct_ref.db_name                    UNP 
_struct_ref.db_code                    BAZ2A_HUMAN 
_struct_ref.pdbx_db_accession          Q9UIF9 
_struct_ref.pdbx_db_isoform            ? 
_struct_ref.entity_id                  1 
_struct_ref.pdbx_seq_one_letter_code   
;HSDLTFCEIILMEMESHDAAWPFLEPVNPRLVSGYRRIIKNPMDFSTMRERLLRGGYTSSEEFAADALLVFDNCQTFNED
DSEVGKAGHIMRRFFESRWEEFY
;
_struct_ref.pdbx_align_begin           1796 
# 
_struct_ref_seq.align_id                      1 
_struct_ref_seq.ref_id                        1 
_struct_ref_seq.pdbx_PDB_id_code              7QVT 
_struct_ref_seq.pdbx_strand_id                A 
_struct_ref_seq.seq_align_beg                 3 
_struct_ref_seq.pdbx_seq_align_beg_ins_code   ? 
_struct_ref_seq.seq_align_end                 105 
_struct_ref_seq.pdbx_seq_align_end_ins_code   ? 
_struct_ref_seq.pdbx_db_accession             Q9UIF9 
_struct_ref_seq.db_align_beg                  1796 
_struct_ref_seq.pdbx_db_align_beg_ins_code    ? 
_struct_ref_seq.db_align_end                  1898 
_struct_ref_seq.pdbx_db_align_end_ins_code    ? 
_struct_ref_seq.pdbx_auth_seq_align_beg       1796 
_struct_ref_seq.pdbx_auth_seq_align_end       1898 
# 
loop_
_struct_ref_seq_dif.align_id 
_struct_ref_seq_dif.pdbx_pdb_id_code 
_struct_ref_seq_dif.mon_id 
_struct_ref_seq_dif.pdbx_pdb_strand_id 
_struct_ref_seq_dif.seq_num 
_struct_ref_seq_dif.pdbx_pdb_ins_code 
_struct_ref_seq_dif.pdbx_seq_db_name 
_struct_ref_seq_dif.pdbx_seq_db_accession_code 
_struct_ref_seq_dif.db_mon_id 
_struct_ref_seq_dif.pdbx_seq_db_seq_num 
_struct_ref_seq_dif.details 
_struct_ref_seq_dif.pdbx_auth_seq_num 
_struct_ref_seq_dif.pdbx_ordinal 
1 7QVT SER A 1 ? UNP Q9UIF9 ? ? 'expression tag' 1794 1 
1 7QVT MET A 2 ? UNP Q9UIF9 ? ? 'expression tag' 1795 2 
# 
_pdbx_struct_assembly.id                   1 
_pdbx_struct_assembly.details              author_and_software_defined_assembly 
_pdbx_struct_assembly.method_details       PISA 
_pdbx_struct_assembly.oligomeric_details   monomeric 
_pdbx_struct_assembly.oligomeric_count     1 
# 
loop_
_pdbx_struct_assembly_prop.biol_id 
_pdbx_struct_assembly_prop.type 
_pdbx_struct_assembly_prop.value 
_pdbx_struct_assembly_prop.details 
1 'ABSA (A^2)' 110  ? 
1 MORE         1    ? 
1 'SSA (A^2)'  6460 ? 
# 
_pdbx_struct_assembly_gen.assembly_id       1 
_pdbx_struct_assembly_gen.oper_expression   1 
_pdbx_struct_assembly_gen.asym_id_list      A,B,C,D 
# 
_pdbx_struct_assembly_auth_evidence.id                     1 
_pdbx_struct_assembly_auth_evidence.assembly_id            1 
_pdbx_struct_assembly_auth_evidence.experimental_support   'gel filtration' 
_pdbx_struct_assembly_auth_evidence.details                ? 
# 
_pdbx_struct_oper_list.id                   1 
_pdbx_struct_oper_list.type                 'identity operation' 
_pdbx_struct_oper_list.name                 1_555 
_pdbx_struct_oper_list.symmetry_operation   x,y,z 
_pdbx_struct_oper_list.matrix[1][1]         1.0000000000 
_pdbx_struct_oper_list.matrix[1][2]         0.0000000000 
_pdbx_struct_oper_list.matrix[1][3]         0.0000000000 
_pdbx_struct_oper_list.vector[1]            0.0000000000 
_pdbx_struct_oper_list.matrix[2][1]         0.0000000000 
_pdbx_struct_oper_list.matrix[2][2]         1.0000000000 
_pdbx_struct_oper_list.matrix[2][3]         0.0000000000 
_pdbx_struct_oper_list.vector[2]            0.0000000000 
_pdbx_struct_oper_list.matrix[3][1]         0.0000000000 
_pdbx_struct_oper_list.matrix[3][2]         0.0000000000 
_pdbx_struct_oper_list.matrix[3][3]         1.0000000000 
_pdbx_struct_oper_list.vector[3]            0.0000000000 
# 
loop_
_struct_conf.conf_type_id 
_struct_conf.id 
_struct_conf.pdbx_PDB_helix_id 
_struct_conf.beg_label_comp_id 
_struct_conf.beg_label_asym_id 
_struct_conf.beg_label_seq_id 
_struct_conf.pdbx_beg_PDB_ins_code 
_struct_conf.end_label_comp_id 
_struct_conf.end_label_asym_id 
_struct_conf.end_label_seq_id 
_struct_conf.pdbx_end_PDB_ins_code 
_struct_conf.beg_auth_comp_id 
_struct_conf.beg_auth_asym_id 
_struct_conf.beg_auth_seq_id 
_struct_conf.end_auth_comp_id 
_struct_conf.end_auth_asym_id 
_struct_conf.end_auth_seq_id 
_struct_conf.pdbx_PDB_helix_class 
_struct_conf.details 
_struct_conf.pdbx_PDB_helix_length 
HELX_P HELX_P1 AA1 MET A 2  ? SER A 18  ? MET A 1795 SER A 1811 1 ? 17 
HELX_P HELX_P2 AA2 HIS A 19 ? LEU A 26  ? HIS A 1812 LEU A 1819 5 ? 8  
HELX_P HELX_P3 AA3 GLY A 36 ? ILE A 41  ? GLY A 1829 ILE A 1834 1 ? 6  
HELX_P HELX_P4 AA4 ASP A 46 ? ARG A 56  ? ASP A 1839 ARG A 1849 1 ? 11 
HELX_P HELX_P5 AA5 SER A 61 ? ASN A 80  ? SER A 1854 ASN A 1873 1 ? 20 
HELX_P HELX_P6 AA6 SER A 84 ? GLU A 103 ? SER A 1877 GLU A 1896 1 ? 20 
# 
_struct_conf_type.id          HELX_P 
_struct_conf_type.criteria    ? 
_struct_conf_type.reference   ? 
# 
_phasing.method   MR 
# 
_pdbx_entry_details.entry_id                 7QVT 
_pdbx_entry_details.has_ligand_of_interest   Y 
_pdbx_entry_details.compound_details         ? 
_pdbx_entry_details.source_details           ? 
_pdbx_entry_details.nonpolymer_details       ? 
_pdbx_entry_details.sequence_details         ? 
# 
_pdbx_unobs_or_zero_occ_residues.id               1 
_pdbx_unobs_or_zero_occ_residues.PDB_model_num    1 
_pdbx_unobs_or_zero_occ_residues.polymer_flag     Y 
_pdbx_unobs_or_zero_occ_residues.occupancy_flag   1 
_pdbx_unobs_or_zero_occ_residues.auth_asym_id     A 
_pdbx_unobs_or_zero_occ_residues.auth_comp_id     SER 
_pdbx_unobs_or_zero_occ_residues.auth_seq_id      1794 
_pdbx_unobs_or_zero_occ_residues.PDB_ins_code     ? 
_pdbx_unobs_or_zero_occ_residues.label_asym_id    A 
_pdbx_unobs_or_zero_occ_residues.label_comp_id    SER 
_pdbx_unobs_or_zero_occ_residues.label_seq_id     1 
# 
loop_
_chem_comp_atom.comp_id 
_chem_comp_atom.atom_id 
_chem_comp_atom.type_symbol 
_chem_comp_atom.pdbx_aromatic_flag 
_chem_comp_atom.pdbx_stereo_config 
_chem_comp_atom.pdbx_ordinal 
ALA N    N N N 1   
ALA CA   C N S 2   
ALA C    C N N 3   
ALA O    O N N 4   
ALA CB   C N N 5   
ALA OXT  O N N 6   
ALA H    H N N 7   
ALA H2   H N N 8   
ALA HA   H N N 9   
ALA HB1  H N N 10  
ALA HB2  H N N 11  
ALA HB3  H N N 12  
ALA HXT  H N N 13  
ARG N    N N N 14  
ARG CA   C N S 15  
ARG C    C N N 16  
ARG O    O N N 17  
ARG CB   C N N 18  
ARG CG   C N N 19  
ARG CD   C N N 20  
ARG NE   N N N 21  
ARG CZ   C N N 22  
ARG NH1  N N N 23  
ARG NH2  N N N 24  
ARG OXT  O N N 25  
ARG H    H N N 26  
ARG H2   H N N 27  
ARG HA   H N N 28  
ARG HB2  H N N 29  
ARG HB3  H N N 30  
ARG HG2  H N N 31  
ARG HG3  H N N 32  
ARG HD2  H N N 33  
ARG HD3  H N N 34  
ARG HE   H N N 35  
ARG HH11 H N N 36  
ARG HH12 H N N 37  
ARG HH21 H N N 38  
ARG HH22 H N N 39  
ARG HXT  H N N 40  
ASN N    N N N 41  
ASN CA   C N S 42  
ASN C    C N N 43  
ASN O    O N N 44  
ASN CB   C N N 45  
ASN CG   C N N 46  
ASN OD1  O N N 47  
ASN ND2  N N N 48  
ASN OXT  O N N 49  
ASN H    H N N 50  
ASN H2   H N N 51  
ASN HA   H N N 52  
ASN HB2  H N N 53  
ASN HB3  H N N 54  
ASN HD21 H N N 55  
ASN HD22 H N N 56  
ASN HXT  H N N 57  
ASP N    N N N 58  
ASP CA   C N S 59  
ASP C    C N N 60  
ASP O    O N N 61  
ASP CB   C N N 62  
ASP CG   C N N 63  
ASP OD1  O N N 64  
ASP OD2  O N N 65  
ASP OXT  O N N 66  
ASP H    H N N 67  
ASP H2   H N N 68  
ASP HA   H N N 69  
ASP HB2  H N N 70  
ASP HB3  H N N 71  
ASP HD2  H N N 72  
ASP HXT  H N N 73  
CYS N    N N N 74  
CYS CA   C N R 75  
CYS C    C N N 76  
CYS O    O N N 77  
CYS CB   C N N 78  
CYS SG   S N N 79  
CYS OXT  O N N 80  
CYS H    H N N 81  
CYS H2   H N N 82  
CYS HA   H N N 83  
CYS HB2  H N N 84  
CYS HB3  H N N 85  
CYS HG   H N N 86  
CYS HXT  H N N 87  
EDO C1   C N N 88  
EDO O1   O N N 89  
EDO C2   C N N 90  
EDO O2   O N N 91  
EDO H11  H N N 92  
EDO H12  H N N 93  
EDO HO1  H N N 94  
EDO H21  H N N 95  
EDO H22  H N N 96  
EDO HO2  H N N 97  
FI5 C16  C N N 98  
FI5 C15  C N N 99  
FI5 C13  C N N 100 
FI5 C12  C N N 101 
FI5 C11  C N N 102 
FI5 C02  C N N 103 
FI5 C04  C Y N 104 
FI5 C06  C Y N 105 
FI5 C07  C Y N 106 
FI5 C08  C Y N 107 
FI5 C09  C Y N 108 
FI5 N01  N N N 109 
FI5 N05  N Y N 110 
FI5 N14  N N N 111 
FI5 O03  O N N 112 
FI5 O10  O N N 113 
FI5 H1   H N N 114 
FI5 H2   H N N 115 
FI5 H3   H N N 116 
FI5 H4   H N N 117 
FI5 H5   H N N 118 
FI5 H6   H N N 119 
FI5 H7   H N N 120 
FI5 H8   H N N 121 
FI5 H9   H N N 122 
FI5 H10  H N N 123 
FI5 H11  H N N 124 
FI5 H12  H N N 125 
FI5 H13  H N N 126 
FI5 H14  H N N 127 
FI5 H15  H N N 128 
GLN N    N N N 129 
GLN CA   C N S 130 
GLN C    C N N 131 
GLN O    O N N 132 
GLN CB   C N N 133 
GLN CG   C N N 134 
GLN CD   C N N 135 
GLN OE1  O N N 136 
GLN NE2  N N N 137 
GLN OXT  O N N 138 
GLN H    H N N 139 
GLN H2   H N N 140 
GLN HA   H N N 141 
GLN HB2  H N N 142 
GLN HB3  H N N 143 
GLN HG2  H N N 144 
GLN HG3  H N N 145 
GLN HE21 H N N 146 
GLN HE22 H N N 147 
GLN HXT  H N N 148 
GLU N    N N N 149 
GLU CA   C N S 150 
GLU C    C N N 151 
GLU O    O N N 152 
GLU CB   C N N 153 
GLU CG   C N N 154 
GLU CD   C N N 155 
GLU OE1  O N N 156 
GLU OE2  O N N 157 
GLU OXT  O N N 158 
GLU H    H N N 159 
GLU H2   H N N 160 
GLU HA   H N N 161 
GLU HB2  H N N 162 
GLU HB3  H N N 163 
GLU HG2  H N N 164 
GLU HG3  H N N 165 
GLU HE2  H N N 166 
GLU HXT  H N N 167 
GLY N    N N N 168 
GLY CA   C N N 169 
GLY C    C N N 170 
GLY O    O N N 171 
GLY OXT  O N N 172 
GLY H    H N N 173 
GLY H2   H N N 174 
GLY HA2  H N N 175 
GLY HA3  H N N 176 
GLY HXT  H N N 177 
HIS N    N N N 178 
HIS CA   C N S 179 
HIS C    C N N 180 
HIS O    O N N 181 
HIS CB   C N N 182 
HIS CG   C Y N 183 
HIS ND1  N Y N 184 
HIS CD2  C Y N 185 
HIS CE1  C Y N 186 
HIS NE2  N Y N 187 
HIS OXT  O N N 188 
HIS H    H N N 189 
HIS H2   H N N 190 
HIS HA   H N N 191 
HIS HB2  H N N 192 
HIS HB3  H N N 193 
HIS HD1  H N N 194 
HIS HD2  H N N 195 
HIS HE1  H N N 196 
HIS HE2  H N N 197 
HIS HXT  H N N 198 
HOH O    O N N 199 
HOH H1   H N N 200 
HOH H2   H N N 201 
ILE N    N N N 202 
ILE CA   C N S 203 
ILE C    C N N 204 
ILE O    O N N 205 
ILE CB   C N S 206 
ILE CG1  C N N 207 
ILE CG2  C N N 208 
ILE CD1  C N N 209 
ILE OXT  O N N 210 
ILE H    H N N 211 
ILE H2   H N N 212 
ILE HA   H N N 213 
ILE HB   H N N 214 
ILE HG12 H N N 215 
ILE HG13 H N N 216 
ILE HG21 H N N 217 
ILE HG22 H N N 218 
ILE HG23 H N N 219 
ILE HD11 H N N 220 
ILE HD12 H N N 221 
ILE HD13 H N N 222 
ILE HXT  H N N 223 
LEU N    N N N 224 
LEU CA   C N S 225 
LEU C    C N N 226 
LEU O    O N N 227 
LEU CB   C N N 228 
LEU CG   C N N 229 
LEU CD1  C N N 230 
LEU CD2  C N N 231 
LEU OXT  O N N 232 
LEU H    H N N 233 
LEU H2   H N N 234 
LEU HA   H N N 235 
LEU HB2  H N N 236 
LEU HB3  H N N 237 
LEU HG   H N N 238 
LEU HD11 H N N 239 
LEU HD12 H N N 240 
LEU HD13 H N N 241 
LEU HD21 H N N 242 
LEU HD22 H N N 243 
LEU HD23 H N N 244 
LEU HXT  H N N 245 
LYS N    N N N 246 
LYS CA   C N S 247 
LYS C    C N N 248 
LYS O    O N N 249 
LYS CB   C N N 250 
LYS CG   C N N 251 
LYS CD   C N N 252 
LYS CE   C N N 253 
LYS NZ   N N N 254 
LYS OXT  O N N 255 
LYS H    H N N 256 
LYS H2   H N N 257 
LYS HA   H N N 258 
LYS HB2  H N N 259 
LYS HB3  H N N 260 
LYS HG2  H N N 261 
LYS HG3  H N N 262 
LYS HD2  H N N 263 
LYS HD3  H N N 264 
LYS HE2  H N N 265 
LYS HE3  H N N 266 
LYS HZ1  H N N 267 
LYS HZ2  H N N 268 
LYS HZ3  H N N 269 
LYS HXT  H N N 270 
MET N    N N N 271 
MET CA   C N S 272 
MET C    C N N 273 
MET O    O N N 274 
MET CB   C N N 275 
MET CG   C N N 276 
MET SD   S N N 277 
MET CE   C N N 278 
MET OXT  O N N 279 
MET H    H N N 280 
MET H2   H N N 281 
MET HA   H N N 282 
MET HB2  H N N 283 
MET HB3  H N N 284 
MET HG2  H N N 285 
MET HG3  H N N 286 
MET HE1  H N N 287 
MET HE2  H N N 288 
MET HE3  H N N 289 
MET HXT  H N N 290 
PHE N    N N N 291 
PHE CA   C N S 292 
PHE C    C N N 293 
PHE O    O N N 294 
PHE CB   C N N 295 
PHE CG   C Y N 296 
PHE CD1  C Y N 297 
PHE CD2  C Y N 298 
PHE CE1  C Y N 299 
PHE CE2  C Y N 300 
PHE CZ   C Y N 301 
PHE OXT  O N N 302 
PHE H    H N N 303 
PHE H2   H N N 304 
PHE HA   H N N 305 
PHE HB2  H N N 306 
PHE HB3  H N N 307 
PHE HD1  H N N 308 
PHE HD2  H N N 309 
PHE HE1  H N N 310 
PHE HE2  H N N 311 
PHE HZ   H N N 312 
PHE HXT  H N N 313 
PRO N    N N N 314 
PRO CA   C N S 315 
PRO C    C N N 316 
PRO O    O N N 317 
PRO CB   C N N 318 
PRO CG   C N N 319 
PRO CD   C N N 320 
PRO OXT  O N N 321 
PRO H    H N N 322 
PRO HA   H N N 323 
PRO HB2  H N N 324 
PRO HB3  H N N 325 
PRO HG2  H N N 326 
PRO HG3  H N N 327 
PRO HD2  H N N 328 
PRO HD3  H N N 329 
PRO HXT  H N N 330 
SER N    N N N 331 
SER CA   C N S 332 
SER C    C N N 333 
SER O    O N N 334 
SER CB   C N N 335 
SER OG   O N N 336 
SER OXT  O N N 337 
SER H    H N N 338 
SER H2   H N N 339 
SER HA   H N N 340 
SER HB2  H N N 341 
SER HB3  H N N 342 
SER HG   H N N 343 
SER HXT  H N N 344 
THR N    N N N 345 
THR CA   C N S 346 
THR C    C N N 347 
THR O    O N N 348 
THR CB   C N R 349 
THR OG1  O N N 350 
THR CG2  C N N 351 
THR OXT  O N N 352 
THR H    H N N 353 
THR H2   H N N 354 
THR HA   H N N 355 
THR HB   H N N 356 
THR HG1  H N N 357 
THR HG21 H N N 358 
THR HG22 H N N 359 
THR HG23 H N N 360 
THR HXT  H N N 361 
TRP N    N N N 362 
TRP CA   C N S 363 
TRP C    C N N 364 
TRP O    O N N 365 
TRP CB   C N N 366 
TRP CG   C Y N 367 
TRP CD1  C Y N 368 
TRP CD2  C Y N 369 
TRP NE1  N Y N 370 
TRP CE2  C Y N 371 
TRP CE3  C Y N 372 
TRP CZ2  C Y N 373 
TRP CZ3  C Y N 374 
TRP CH2  C Y N 375 
TRP OXT  O N N 376 
TRP H    H N N 377 
TRP H2   H N N 378 
TRP HA   H N N 379 
TRP HB2  H N N 380 
TRP HB3  H N N 381 
TRP HD1  H N N 382 
TRP HE1  H N N 383 
TRP HE3  H N N 384 
TRP HZ2  H N N 385 
TRP HZ3  H N N 386 
TRP HH2  H N N 387 
TRP HXT  H N N 388 
TYR N    N N N 389 
TYR CA   C N S 390 
TYR C    C N N 391 
TYR O    O N N 392 
TYR CB   C N N 393 
TYR CG   C Y N 394 
TYR CD1  C Y N 395 
TYR CD2  C Y N 396 
TYR CE1  C Y N 397 
TYR CE2  C Y N 398 
TYR CZ   C Y N 399 
TYR OH   O N N 400 
TYR OXT  O N N 401 
TYR H    H N N 402 
TYR H2   H N N 403 
TYR HA   H N N 404 
TYR HB2  H N N 405 
TYR HB3  H N N 406 
TYR HD1  H N N 407 
TYR HD2  H N N 408 
TYR HE1  H N N 409 
TYR HE2  H N N 410 
TYR HH   H N N 411 
TYR HXT  H N N 412 
VAL N    N N N 413 
VAL CA   C N S 414 
VAL C    C N N 415 
VAL O    O N N 416 
VAL CB   C N N 417 
VAL CG1  C N N 418 
VAL CG2  C N N 419 
VAL OXT  O N N 420 
VAL H    H N N 421 
VAL H2   H N N 422 
VAL HA   H N N 423 
VAL HB   H N N 424 
VAL HG11 H N N 425 
VAL HG12 H N N 426 
VAL HG13 H N N 427 
VAL HG21 H N N 428 
VAL HG22 H N N 429 
VAL HG23 H N N 430 
VAL HXT  H N N 431 
# 
loop_
_chem_comp_bond.comp_id 
_chem_comp_bond.atom_id_1 
_chem_comp_bond.atom_id_2 
_chem_comp_bond.value_order 
_chem_comp_bond.pdbx_aromatic_flag 
_chem_comp_bond.pdbx_stereo_config 
_chem_comp_bond.pdbx_ordinal 
ALA N   CA   sing N N 1   
ALA N   H    sing N N 2   
ALA N   H2   sing N N 3   
ALA CA  C    sing N N 4   
ALA CA  CB   sing N N 5   
ALA CA  HA   sing N N 6   
ALA C   O    doub N N 7   
ALA C   OXT  sing N N 8   
ALA CB  HB1  sing N N 9   
ALA CB  HB2  sing N N 10  
ALA CB  HB3  sing N N 11  
ALA OXT HXT  sing N N 12  
ARG N   CA   sing N N 13  
ARG N   H    sing N N 14  
ARG N   H2   sing N N 15  
ARG CA  C    sing N N 16  
ARG CA  CB   sing N N 17  
ARG CA  HA   sing N N 18  
ARG C   O    doub N N 19  
ARG C   OXT  sing N N 20  
ARG CB  CG   sing N N 21  
ARG CB  HB2  sing N N 22  
ARG CB  HB3  sing N N 23  
ARG CG  CD   sing N N 24  
ARG CG  HG2  sing N N 25  
ARG CG  HG3  sing N N 26  
ARG CD  NE   sing N N 27  
ARG CD  HD2  sing N N 28  
ARG CD  HD3  sing N N 29  
ARG NE  CZ   sing N N 30  
ARG NE  HE   sing N N 31  
ARG CZ  NH1  sing N N 32  
ARG CZ  NH2  doub N N 33  
ARG NH1 HH11 sing N N 34  
ARG NH1 HH12 sing N N 35  
ARG NH2 HH21 sing N N 36  
ARG NH2 HH22 sing N N 37  
ARG OXT HXT  sing N N 38  
ASN N   CA   sing N N 39  
ASN N   H    sing N N 40  
ASN N   H2   sing N N 41  
ASN CA  C    sing N N 42  
ASN CA  CB   sing N N 43  
ASN CA  HA   sing N N 44  
ASN C   O    doub N N 45  
ASN C   OXT  sing N N 46  
ASN CB  CG   sing N N 47  
ASN CB  HB2  sing N N 48  
ASN CB  HB3  sing N N 49  
ASN CG  OD1  doub N N 50  
ASN CG  ND2  sing N N 51  
ASN ND2 HD21 sing N N 52  
ASN ND2 HD22 sing N N 53  
ASN OXT HXT  sing N N 54  
ASP N   CA   sing N N 55  
ASP N   H    sing N N 56  
ASP N   H2   sing N N 57  
ASP CA  C    sing N N 58  
ASP CA  CB   sing N N 59  
ASP CA  HA   sing N N 60  
ASP C   O    doub N N 61  
ASP C   OXT  sing N N 62  
ASP CB  CG   sing N N 63  
ASP CB  HB2  sing N N 64  
ASP CB  HB3  sing N N 65  
ASP CG  OD1  doub N N 66  
ASP CG  OD2  sing N N 67  
ASP OD2 HD2  sing N N 68  
ASP OXT HXT  sing N N 69  
CYS N   CA   sing N N 70  
CYS N   H    sing N N 71  
CYS N   H2   sing N N 72  
CYS CA  C    sing N N 73  
CYS CA  CB   sing N N 74  
CYS CA  HA   sing N N 75  
CYS C   O    doub N N 76  
CYS C   OXT  sing N N 77  
CYS CB  SG   sing N N 78  
CYS CB  HB2  sing N N 79  
CYS CB  HB3  sing N N 80  
CYS SG  HG   sing N N 81  
CYS OXT HXT  sing N N 82  
EDO C1  O1   sing N N 83  
EDO C1  C2   sing N N 84  
EDO C1  H11  sing N N 85  
EDO C1  H12  sing N N 86  
EDO O1  HO1  sing N N 87  
EDO C2  O2   sing N N 88  
EDO C2  H21  sing N N 89  
EDO C2  H22  sing N N 90  
EDO O2  HO2  sing N N 91  
FI5 C12 C13  sing N N 92  
FI5 C12 C11  sing N N 93  
FI5 C13 N14  sing N N 94  
FI5 O10 C11  sing N N 95  
FI5 O10 C08  sing N N 96  
FI5 C11 C16  sing N N 97  
FI5 C08 C09  doub Y N 98  
FI5 C08 C07  sing Y N 99  
FI5 N14 C15  sing N N 100 
FI5 C09 C04  sing Y N 101 
FI5 C07 C06  doub Y N 102 
FI5 C16 C15  sing N N 103 
FI5 O03 C02  doub N N 104 
FI5 C04 C02  sing N N 105 
FI5 C04 N05  doub Y N 106 
FI5 C06 N05  sing Y N 107 
FI5 C02 N01  sing N N 108 
FI5 C16 H1   sing N N 109 
FI5 C16 H2   sing N N 110 
FI5 C15 H3   sing N N 111 
FI5 C15 H4   sing N N 112 
FI5 C13 H5   sing N N 113 
FI5 C13 H6   sing N N 114 
FI5 C12 H7   sing N N 115 
FI5 C12 H8   sing N N 116 
FI5 C11 H9   sing N N 117 
FI5 C06 H10  sing N N 118 
FI5 C07 H11  sing N N 119 
FI5 C09 H12  sing N N 120 
FI5 N01 H13  sing N N 121 
FI5 N01 H14  sing N N 122 
FI5 N14 H15  sing N N 123 
GLN N   CA   sing N N 124 
GLN N   H    sing N N 125 
GLN N   H2   sing N N 126 
GLN CA  C    sing N N 127 
GLN CA  CB   sing N N 128 
GLN CA  HA   sing N N 129 
GLN C   O    doub N N 130 
GLN C   OXT  sing N N 131 
GLN CB  CG   sing N N 132 
GLN CB  HB2  sing N N 133 
GLN CB  HB3  sing N N 134 
GLN CG  CD   sing N N 135 
GLN CG  HG2  sing N N 136 
GLN CG  HG3  sing N N 137 
GLN CD  OE1  doub N N 138 
GLN CD  NE2  sing N N 139 
GLN NE2 HE21 sing N N 140 
GLN NE2 HE22 sing N N 141 
GLN OXT HXT  sing N N 142 
GLU N   CA   sing N N 143 
GLU N   H    sing N N 144 
GLU N   H2   sing N N 145 
GLU CA  C    sing N N 146 
GLU CA  CB   sing N N 147 
GLU CA  HA   sing N N 148 
GLU C   O    doub N N 149 
GLU C   OXT  sing N N 150 
GLU CB  CG   sing N N 151 
GLU CB  HB2  sing N N 152 
GLU CB  HB3  sing N N 153 
GLU CG  CD   sing N N 154 
GLU CG  HG2  sing N N 155 
GLU CG  HG3  sing N N 156 
GLU CD  OE1  doub N N 157 
GLU CD  OE2  sing N N 158 
GLU OE2 HE2  sing N N 159 
GLU OXT HXT  sing N N 160 
GLY N   CA   sing N N 161 
GLY N   H    sing N N 162 
GLY N   H2   sing N N 163 
GLY CA  C    sing N N 164 
GLY CA  HA2  sing N N 165 
GLY CA  HA3  sing N N 166 
GLY C   O    doub N N 167 
GLY C   OXT  sing N N 168 
GLY OXT HXT  sing N N 169 
HIS N   CA   sing N N 170 
HIS N   H    sing N N 171 
HIS N   H2   sing N N 172 
HIS CA  C    sing N N 173 
HIS CA  CB   sing N N 174 
HIS CA  HA   sing N N 175 
HIS C   O    doub N N 176 
HIS C   OXT  sing N N 177 
HIS CB  CG   sing N N 178 
HIS CB  HB2  sing N N 179 
HIS CB  HB3  sing N N 180 
HIS CG  ND1  sing Y N 181 
HIS CG  CD2  doub Y N 182 
HIS ND1 CE1  doub Y N 183 
HIS ND1 HD1  sing N N 184 
HIS CD2 NE2  sing Y N 185 
HIS CD2 HD2  sing N N 186 
HIS CE1 NE2  sing Y N 187 
HIS CE1 HE1  sing N N 188 
HIS NE2 HE2  sing N N 189 
HIS OXT HXT  sing N N 190 
HOH O   H1   sing N N 191 
HOH O   H2   sing N N 192 
ILE N   CA   sing N N 193 
ILE N   H    sing N N 194 
ILE N   H2   sing N N 195 
ILE CA  C    sing N N 196 
ILE CA  CB   sing N N 197 
ILE CA  HA   sing N N 198 
ILE C   O    doub N N 199 
ILE C   OXT  sing N N 200 
ILE CB  CG1  sing N N 201 
ILE CB  CG2  sing N N 202 
ILE CB  HB   sing N N 203 
ILE CG1 CD1  sing N N 204 
ILE CG1 HG12 sing N N 205 
ILE CG1 HG13 sing N N 206 
ILE CG2 HG21 sing N N 207 
ILE CG2 HG22 sing N N 208 
ILE CG2 HG23 sing N N 209 
ILE CD1 HD11 sing N N 210 
ILE CD1 HD12 sing N N 211 
ILE CD1 HD13 sing N N 212 
ILE OXT HXT  sing N N 213 
LEU N   CA   sing N N 214 
LEU N   H    sing N N 215 
LEU N   H2   sing N N 216 
LEU CA  C    sing N N 217 
LEU CA  CB   sing N N 218 
LEU CA  HA   sing N N 219 
LEU C   O    doub N N 220 
LEU C   OXT  sing N N 221 
LEU CB  CG   sing N N 222 
LEU CB  HB2  sing N N 223 
LEU CB  HB3  sing N N 224 
LEU CG  CD1  sing N N 225 
LEU CG  CD2  sing N N 226 
LEU CG  HG   sing N N 227 
LEU CD1 HD11 sing N N 228 
LEU CD1 HD12 sing N N 229 
LEU CD1 HD13 sing N N 230 
LEU CD2 HD21 sing N N 231 
LEU CD2 HD22 sing N N 232 
LEU CD2 HD23 sing N N 233 
LEU OXT HXT  sing N N 234 
LYS N   CA   sing N N 235 
LYS N   H    sing N N 236 
LYS N   H2   sing N N 237 
LYS CA  C    sing N N 238 
LYS CA  CB   sing N N 239 
LYS CA  HA   sing N N 240 
LYS C   O    doub N N 241 
LYS C   OXT  sing N N 242 
LYS CB  CG   sing N N 243 
LYS CB  HB2  sing N N 244 
LYS CB  HB3  sing N N 245 
LYS CG  CD   sing N N 246 
LYS CG  HG2  sing N N 247 
LYS CG  HG3  sing N N 248 
LYS CD  CE   sing N N 249 
LYS CD  HD2  sing N N 250 
LYS CD  HD3  sing N N 251 
LYS CE  NZ   sing N N 252 
LYS CE  HE2  sing N N 253 
LYS CE  HE3  sing N N 254 
LYS NZ  HZ1  sing N N 255 
LYS NZ  HZ2  sing N N 256 
LYS NZ  HZ3  sing N N 257 
LYS OXT HXT  sing N N 258 
MET N   CA   sing N N 259 
MET N   H    sing N N 260 
MET N   H2   sing N N 261 
MET CA  C    sing N N 262 
MET CA  CB   sing N N 263 
MET CA  HA   sing N N 264 
MET C   O    doub N N 265 
MET C   OXT  sing N N 266 
MET CB  CG   sing N N 267 
MET CB  HB2  sing N N 268 
MET CB  HB3  sing N N 269 
MET CG  SD   sing N N 270 
MET CG  HG2  sing N N 271 
MET CG  HG3  sing N N 272 
MET SD  CE   sing N N 273 
MET CE  HE1  sing N N 274 
MET CE  HE2  sing N N 275 
MET CE  HE3  sing N N 276 
MET OXT HXT  sing N N 277 
PHE N   CA   sing N N 278 
PHE N   H    sing N N 279 
PHE N   H2   sing N N 280 
PHE CA  C    sing N N 281 
PHE CA  CB   sing N N 282 
PHE CA  HA   sing N N 283 
PHE C   O    doub N N 284 
PHE C   OXT  sing N N 285 
PHE CB  CG   sing N N 286 
PHE CB  HB2  sing N N 287 
PHE CB  HB3  sing N N 288 
PHE CG  CD1  doub Y N 289 
PHE CG  CD2  sing Y N 290 
PHE CD1 CE1  sing Y N 291 
PHE CD1 HD1  sing N N 292 
PHE CD2 CE2  doub Y N 293 
PHE CD2 HD2  sing N N 294 
PHE CE1 CZ   doub Y N 295 
PHE CE1 HE1  sing N N 296 
PHE CE2 CZ   sing Y N 297 
PHE CE2 HE2  sing N N 298 
PHE CZ  HZ   sing N N 299 
PHE OXT HXT  sing N N 300 
PRO N   CA   sing N N 301 
PRO N   CD   sing N N 302 
PRO N   H    sing N N 303 
PRO CA  C    sing N N 304 
PRO CA  CB   sing N N 305 
PRO CA  HA   sing N N 306 
PRO C   O    doub N N 307 
PRO C   OXT  sing N N 308 
PRO CB  CG   sing N N 309 
PRO CB  HB2  sing N N 310 
PRO CB  HB3  sing N N 311 
PRO CG  CD   sing N N 312 
PRO CG  HG2  sing N N 313 
PRO CG  HG3  sing N N 314 
PRO CD  HD2  sing N N 315 
PRO CD  HD3  sing N N 316 
PRO OXT HXT  sing N N 317 
SER N   CA   sing N N 318 
SER N   H    sing N N 319 
SER N   H2   sing N N 320 
SER CA  C    sing N N 321 
SER CA  CB   sing N N 322 
SER CA  HA   sing N N 323 
SER C   O    doub N N 324 
SER C   OXT  sing N N 325 
SER CB  OG   sing N N 326 
SER CB  HB2  sing N N 327 
SER CB  HB3  sing N N 328 
SER OG  HG   sing N N 329 
SER OXT HXT  sing N N 330 
THR N   CA   sing N N 331 
THR N   H    sing N N 332 
THR N   H2   sing N N 333 
THR CA  C    sing N N 334 
THR CA  CB   sing N N 335 
THR CA  HA   sing N N 336 
THR C   O    doub N N 337 
THR C   OXT  sing N N 338 
THR CB  OG1  sing N N 339 
THR CB  CG2  sing N N 340 
THR CB  HB   sing N N 341 
THR OG1 HG1  sing N N 342 
THR CG2 HG21 sing N N 343 
THR CG2 HG22 sing N N 344 
THR CG2 HG23 sing N N 345 
THR OXT HXT  sing N N 346 
TRP N   CA   sing N N 347 
TRP N   H    sing N N 348 
TRP N   H2   sing N N 349 
TRP CA  C    sing N N 350 
TRP CA  CB   sing N N 351 
TRP CA  HA   sing N N 352 
TRP C   O    doub N N 353 
TRP C   OXT  sing N N 354 
TRP CB  CG   sing N N 355 
TRP CB  HB2  sing N N 356 
TRP CB  HB3  sing N N 357 
TRP CG  CD1  doub Y N 358 
TRP CG  CD2  sing Y N 359 
TRP CD1 NE1  sing Y N 360 
TRP CD1 HD1  sing N N 361 
TRP CD2 CE2  doub Y N 362 
TRP CD2 CE3  sing Y N 363 
TRP NE1 CE2  sing Y N 364 
TRP NE1 HE1  sing N N 365 
TRP CE2 CZ2  sing Y N 366 
TRP CE3 CZ3  doub Y N 367 
TRP CE3 HE3  sing N N 368 
TRP CZ2 CH2  doub Y N 369 
TRP CZ2 HZ2  sing N N 370 
TRP CZ3 CH2  sing Y N 371 
TRP CZ3 HZ3  sing N N 372 
TRP CH2 HH2  sing N N 373 
TRP OXT HXT  sing N N 374 
TYR N   CA   sing N N 375 
TYR N   H    sing N N 376 
TYR N   H2   sing N N 377 
TYR CA  C    sing N N 378 
TYR CA  CB   sing N N 379 
TYR CA  HA   sing N N 380 
TYR C   O    doub N N 381 
TYR C   OXT  sing N N 382 
TYR CB  CG   sing N N 383 
TYR CB  HB2  sing N N 384 
TYR CB  HB3  sing N N 385 
TYR CG  CD1  doub Y N 386 
TYR CG  CD2  sing Y N 387 
TYR CD1 CE1  sing Y N 388 
TYR CD1 HD1  sing N N 389 
TYR CD2 CE2  doub Y N 390 
TYR CD2 HD2  sing N N 391 
TYR CE1 CZ   doub Y N 392 
TYR CE1 HE1  sing N N 393 
TYR CE2 CZ   sing Y N 394 
TYR CE2 HE2  sing N N 395 
TYR CZ  OH   sing N N 396 
TYR OH  HH   sing N N 397 
TYR OXT HXT  sing N N 398 
VAL N   CA   sing N N 399 
VAL N   H    sing N N 400 
VAL N   H2   sing N N 401 
VAL CA  C    sing N N 402 
VAL CA  CB   sing N N 403 
VAL CA  HA   sing N N 404 
VAL C   O    doub N N 405 
VAL C   OXT  sing N N 406 
VAL CB  CG1  sing N N 407 
VAL CB  CG2  sing N N 408 
VAL CB  HB   sing N N 409 
VAL CG1 HG11 sing N N 410 
VAL CG1 HG12 sing N N 411 
VAL CG1 HG13 sing N N 412 
VAL CG2 HG21 sing N N 413 
VAL CG2 HG22 sing N N 414 
VAL CG2 HG23 sing N N 415 
VAL OXT HXT  sing N N 416 
# 
_pdbx_audit_support.funding_organization   'Italian Association for Cancer Research' 
_pdbx_audit_support.country                Italy 
_pdbx_audit_support.grant_number           'MFAG 2017 - ID. 19882' 
_pdbx_audit_support.ordinal                1 
# 
_pdbx_entity_instance_feature.ordinal        1 
_pdbx_entity_instance_feature.comp_id        FI5 
_pdbx_entity_instance_feature.asym_id        ? 
_pdbx_entity_instance_feature.seq_num        ? 
_pdbx_entity_instance_feature.auth_comp_id   FI5 
_pdbx_entity_instance_feature.auth_asym_id   ? 
_pdbx_entity_instance_feature.auth_seq_num   ? 
_pdbx_entity_instance_feature.feature_type   'SUBJECT OF INVESTIGATION' 
_pdbx_entity_instance_feature.details        ? 
# 
_pdbx_initial_refinement_model.id               1 
_pdbx_initial_refinement_model.entity_id_list   ? 
_pdbx_initial_refinement_model.type             'experimental model' 
_pdbx_initial_refinement_model.source_name      PDB 
_pdbx_initial_refinement_model.accession_code   5MGJ 
_pdbx_initial_refinement_model.details          ? 
# 
_atom_sites.entry_id                    7QVT 
_atom_sites.Cartn_transf_matrix[1][1]   ? 
_atom_sites.Cartn_transf_matrix[1][2]   ? 
_atom_sites.Cartn_transf_matrix[1][3]   ? 
_atom_sites.Cartn_transf_matrix[2][1]   ? 
_atom_sites.Cartn_transf_matrix[2][2]   ? 
_atom_sites.Cartn_transf_matrix[2][3]   ? 
_atom_sites.Cartn_transf_matrix[3][1]   ? 
_atom_sites.Cartn_transf_matrix[3][2]   ? 
_atom_sites.Cartn_transf_matrix[3][3]   ? 
_atom_sites.Cartn_transf_vector[1]      ? 
_atom_sites.Cartn_transf_vector[2]      ? 
_atom_sites.Cartn_transf_vector[3]      ? 
_atom_sites.fract_transf_matrix[1][1]   0.01082001 
_atom_sites.fract_transf_matrix[1][2]   -0.00137984 
_atom_sites.fract_transf_matrix[1][3]   -0.00532017 
_atom_sites.fract_transf_matrix[2][1]   0.00172721 
_atom_sites.fract_transf_matrix[2][2]   0.00393488 
_atom_sites.fract_transf_matrix[2][3]   -0.01134971 
_atom_sites.fract_transf_matrix[3][1]   0.00876907 
_atom_sites.fract_transf_matrix[3][2]   0.02722497 
_atom_sites.fract_transf_matrix[3][3]   0.01077323 
_atom_sites.fract_transf_vector[1]      0.143031 
_atom_sites.fract_transf_vector[2]      -0.368651 
_atom_sites.fract_transf_vector[3]      1.006133 
_atom_sites.solution_primary            ? 
_atom_sites.solution_secondary          ? 
_atom_sites.solution_hydrogens          ? 
_atom_sites.special_details             ? 
# 
loop_
_atom_type.symbol 
C 
N 
O 
S 
# 
loop_
_atom_site.group_PDB 
_atom_site.id 
_atom_site.type_symbol 
_atom_site.label_atom_id 
_atom_site.label_alt_id 
_atom_site.label_comp_id 
_atom_site.label_asym_id 
_atom_site.label_entity_id 
_atom_site.label_seq_id 
_atom_site.pdbx_PDB_ins_code 
_atom_site.Cartn_x 
_atom_site.Cartn_y 
_atom_site.Cartn_z 
_atom_site.occupancy 
_atom_site.B_iso_or_equiv 
_atom_site.pdbx_formal_charge 
_atom_site.auth_seq_id 
_atom_site.auth_comp_id 
_atom_site.auth_asym_id 
_atom_site.auth_atom_id 
_atom_site.pdbx_PDB_model_num 
ATOM   1   N N   . MET A 1 2   ? -2.272  13.538  -16.014 1.00 72.95  ? 1795 MET A N   1 
ATOM   2   C CA  . MET A 1 2   ? -1.548  13.425  -17.272 1.00 79.80  ? 1795 MET A CA  1 
ATOM   3   C C   . MET A 1 2   ? -0.210  12.715  -17.071 1.00 84.51  ? 1795 MET A C   1 
ATOM   4   O O   . MET A 1 2   ? -0.145  11.666  -16.425 1.00 80.58  ? 1795 MET A O   1 
ATOM   5   C CB  . MET A 1 2   ? -1.327  14.807  -17.882 1.00 82.64  ? 1795 MET A CB  1 
ATOM   6   C CG  . MET A 1 2   ? -1.198  15.914  -16.842 1.00 84.72  ? 1795 MET A CG  1 
ATOM   7   S SD  . MET A 1 2   ? -1.241  17.569  -17.550 1.00 103.10 ? 1795 MET A SD  1 
ATOM   8   C CE  . MET A 1 2   ? -2.580  17.397  -18.732 1.00 66.85  ? 1795 MET A CE  1 
ATOM   9   N N   . HIS A 1 3   ? 0.855   13.285  -17.645 1.00 89.33  ? 1796 HIS A N   1 
ATOM   10  C CA  . HIS A 1 3   ? 2.201   12.795  -17.351 1.00 87.44  ? 1796 HIS A CA  1 
ATOM   11  C C   . HIS A 1 3   ? 2.552   13.025  -15.887 1.00 85.21  ? 1796 HIS A C   1 
ATOM   12  O O   . HIS A 1 3   ? 3.227   12.196  -15.261 1.00 79.92  ? 1796 HIS A O   1 
ATOM   13  C CB  . HIS A 1 3   ? 3.226   13.475  -18.266 1.00 86.45  ? 1796 HIS A CB  1 
ATOM   14  C CG  . HIS A 1 3   ? 4.615   13.510  -17.703 1.00 88.26  ? 1796 HIS A CG  1 
ATOM   15  N ND1 . HIS A 1 3   ? 5.418   12.391  -17.624 1.00 95.46  ? 1796 HIS A ND1 1 
ATOM   16  C CD2 . HIS A 1 3   ? 5.345   14.531  -17.192 1.00 86.38  ? 1796 HIS A CD2 1 
ATOM   17  C CE1 . HIS A 1 3   ? 6.579   12.720  -17.085 1.00 84.52  ? 1796 HIS A CE1 1 
ATOM   18  N NE2 . HIS A 1 3   ? 6.561   14.014  -16.814 1.00 84.18  ? 1796 HIS A NE2 1 
ATOM   19  N N   . SER A 1 4   ? 2.087   14.147  -15.323 1.00 84.30  ? 1797 SER A N   1 
ATOM   20  C CA  . SER A 1 4   ? 2.271   14.423  -13.903 1.00 80.96  ? 1797 SER A CA  1 
ATOM   21  C C   . SER A 1 4   ? 1.410   13.526  -13.021 1.00 81.06  ? 1797 SER A C   1 
ATOM   22  O O   . SER A 1 4   ? 1.713   13.380  -11.829 1.00 70.14  ? 1797 SER A O   1 
ATOM   23  C CB  . SER A 1 4   ? 1.959   15.889  -13.598 1.00 77.60  ? 1797 SER A CB  1 
ATOM   24  O OG  . SER A 1 4   ? 0.622   16.205  -13.950 1.00 77.09  ? 1797 SER A OG  1 
ATOM   25  N N   . ASP A 1 5   ? 0.340   12.943  -13.572 1.00 80.96  ? 1798 ASP A N   1 
ATOM   26  C CA  . ASP A 1 5   ? -0.454  11.984  -12.808 1.00 76.90  ? 1798 ASP A CA  1 
ATOM   27  C C   . ASP A 1 5   ? 0.417   10.854  -12.295 1.00 76.27  ? 1798 ASP A C   1 
ATOM   28  O O   . ASP A 1 5   ? 0.247   10.391  -11.160 1.00 77.46  ? 1798 ASP A O   1 
ATOM   29  C CB  . ASP A 1 5   ? -1.594  11.421  -13.660 1.00 76.22  ? 1798 ASP A CB  1 
ATOM   30  C CG  . ASP A 1 5   ? -2.955  11.944  -13.241 1.00 76.25  ? 1798 ASP A CG  1 
ATOM   31  O OD1 . ASP A 1 5   ? -3.019  12.991  -12.558 1.00 74.54  ? 1798 ASP A OD1 1 
ATOM   32  O OD2 . ASP A 1 5   ? -3.964  11.292  -13.587 1.00 74.89  ? 1798 ASP A OD2 1 
ATOM   33  N N   . LEU A 1 6   ? 1.373   10.410  -13.105 1.00 71.62  ? 1799 LEU A N   1 
ATOM   34  C CA  . LEU A 1 6   ? 2.194   9.266   -12.739 1.00 68.23  ? 1799 LEU A CA  1 
ATOM   35  C C   . LEU A 1 6   ? 3.483   9.656   -12.027 1.00 65.01  ? 1799 LEU A C   1 
ATOM   36  O O   . LEU A 1 6   ? 3.990   8.866   -11.220 1.00 60.45  ? 1799 LEU A O   1 
ATOM   37  C CB  . LEU A 1 6   ? 2.495   8.432   -13.987 1.00 69.88  ? 1799 LEU A CB  1 
ATOM   38  C CG  . LEU A 1 6   ? 1.227   7.776   -14.545 1.00 70.11  ? 1799 LEU A CG  1 
ATOM   39  C CD1 . LEU A 1 6   ? 1.504   6.969   -15.813 1.00 60.00  ? 1799 LEU A CD1 1 
ATOM   40  C CD2 . LEU A 1 6   ? 0.567   6.907   -13.481 1.00 65.93  ? 1799 LEU A CD2 1 
ATOM   41  N N   . THR A 1 7   ? 4.034   10.845  -12.299 1.00 62.44  ? 1800 THR A N   1 
ATOM   42  C CA  . THR A 1 7   ? 5.159   11.312  -11.497 1.00 60.64  ? 1800 THR A CA  1 
ATOM   43  C C   . THR A 1 7   ? 4.723   11.650  -10.079 1.00 56.54  ? 1800 THR A C   1 
ATOM   44  O O   . THR A 1 7   ? 5.549   11.628  -9.160  1.00 47.79  ? 1800 THR A O   1 
ATOM   45  C CB  . THR A 1 7   ? 5.839   12.526  -12.149 1.00 62.91  ? 1800 THR A CB  1 
ATOM   46  O OG1 . THR A 1 7   ? 4.849   13.454  -12.600 1.00 64.35  ? 1800 THR A OG1 1 
ATOM   47  C CG2 . THR A 1 7   ? 6.712   12.103  -13.332 1.00 64.76  ? 1800 THR A CG2 1 
ATOM   48  N N   . PHE A 1 8   ? 3.439   11.948  -9.884  1.00 59.01  ? 1801 PHE A N   1 
ATOM   49  C CA  . PHE A 1 8   ? 2.902   12.037  -8.533  1.00 55.49  ? 1801 PHE A CA  1 
ATOM   50  C C   . PHE A 1 8   ? 3.035   10.709  -7.795  1.00 57.72  ? 1801 PHE A C   1 
ATOM   51  O O   . PHE A 1 8   ? 3.510   10.662  -6.654  1.00 52.32  ? 1801 PHE A O   1 
ATOM   52  C CB  . PHE A 1 8   ? 1.432   12.444  -8.564  1.00 66.81  ? 1801 PHE A CB  1 
ATOM   53  C CG  . PHE A 1 8   ? 0.717   12.124  -7.286  1.00 75.63  ? 1801 PHE A CG  1 
ATOM   54  C CD1 . PHE A 1 8   ? 0.013   10.936  -7.143  1.00 80.06  ? 1801 PHE A CD1 1 
ATOM   55  C CD2 . PHE A 1 8   ? 0.782   12.986  -6.212  1.00 76.36  ? 1801 PHE A CD2 1 
ATOM   56  C CE1 . PHE A 1 8   ? -0.608  10.616  -5.951  1.00 75.26  ? 1801 PHE A CE1 1 
ATOM   57  C CE2 . PHE A 1 8   ? 0.144   12.682  -5.021  1.00 72.93  ? 1801 PHE A CE2 1 
ATOM   58  C CZ  . PHE A 1 8   ? -0.546  11.504  -4.897  1.00 71.79  ? 1801 PHE A CZ  1 
ATOM   59  N N   . CYS A 1 9   ? 2.564   9.621   -8.414  1.00 53.65  ? 1802 CYS A N   1 
ATOM   60  C CA  . CYS A 1 9   ? 2.570   8.324   -7.746  1.00 55.20  ? 1802 CYS A CA  1 
ATOM   61  C C   . CYS A 1 9   ? 3.984   7.863   -7.440  1.00 50.43  ? 1802 CYS A C   1 
ATOM   62  O O   . CYS A 1 9   ? 4.221   7.215   -6.413  1.00 47.53  ? 1802 CYS A O   1 
ATOM   63  C CB  . CYS A 1 9   ? 1.841   7.291   -8.605  1.00 52.35  ? 1802 CYS A CB  1 
ATOM   64  S SG  . CYS A 1 9   ? 0.210   7.839   -9.160  1.00 55.21  ? 1802 CYS A SG  1 
ATOM   65  N N   . GLU A 1 10  ? 4.931   8.187   -8.318  1.00 45.56  ? 1803 GLU A N   1 
ATOM   66  C CA  . GLU A 1 10  ? 6.316   7.819   -8.075  1.00 45.57  ? 1803 GLU A CA  1 
ATOM   67  C C   . GLU A 1 10  ? 6.847   8.485   -6.809  1.00 45.71  ? 1803 GLU A C   1 
ATOM   68  O O   . GLU A 1 10  ? 7.539   7.844   -6.013  1.00 47.60  ? 1803 GLU A O   1 
ATOM   69  C CB  . GLU A 1 10  ? 7.170   8.184   -9.288  1.00 45.11  ? 1803 GLU A CB  1 
ATOM   70  C CG  . GLU A 1 10  ? 8.655   7.935   -9.092  1.00 47.12  ? 1803 GLU A CG  1 
ATOM   71  C CD  . GLU A 1 10  ? 8.980   6.483   -8.750  1.00 50.44  ? 1803 GLU A CD  1 
ATOM   72  O OE1 . GLU A 1 10  ? 8.638   5.585   -9.562  1.00 42.43  ? 1803 GLU A OE1 1 
ATOM   73  O OE2 . GLU A 1 10  ? 9.591   6.252   -7.679  1.00 38.25  ? 1803 GLU A OE2 1 
ATOM   74  N N   . ILE A 1 11  ? 6.521   9.765   -6.597  1.00 47.91  ? 1804 ILE A N   1 
ATOM   75  C CA  . ILE A 1 11  ? 6.950   10.451  -5.377  1.00 46.61  ? 1804 ILE A CA  1 
ATOM   76  C C   . ILE A 1 11  ? 6.410   9.738   -4.147  1.00 44.08  ? 1804 ILE A C   1 
ATOM   77  O O   . ILE A 1 11  ? 7.152   9.437   -3.205  1.00 46.20  ? 1804 ILE A O   1 
ATOM   78  C CB  . ILE A 1 11  ? 6.510   11.928  -5.395  1.00 52.55  ? 1804 ILE A CB  1 
ATOM   79  C CG1 . ILE A 1 11  ? 7.019   12.644  -6.645  1.00 48.51  ? 1804 ILE A CG1 1 
ATOM   80  C CG2 . ILE A 1 11  ? 7.010   12.650  -4.153  1.00 48.01  ? 1804 ILE A CG2 1 
ATOM   81  C CD1 . ILE A 1 11  ? 6.589   14.095  -6.716  1.00 45.31  ? 1804 ILE A CD1 1 
ATOM   82  N N   . ILE A 1 12  ? 5.107   9.446   -4.143  1.00 42.66  ? 1805 ILE A N   1 
ATOM   83  C CA  . ILE A 1 12  ? 4.449   8.911   -2.956  1.00 45.20  ? 1805 ILE A CA  1 
ATOM   84  C C   . ILE A 1 12  ? 4.865   7.470   -2.703  1.00 43.28  ? 1805 ILE A C   1 
ATOM   85  O O   . ILE A 1 12  ? 5.050   7.060   -1.549  1.00 39.55  ? 1805 ILE A O   1 
ATOM   86  C CB  . ILE A 1 12  ? 2.919   9.044   -3.092  1.00 52.05  ? 1805 ILE A CB  1 
ATOM   87  C CG1 . ILE A 1 12  ? 2.524   10.516  -3.206  1.00 55.06  ? 1805 ILE A CG1 1 
ATOM   88  C CG2 . ILE A 1 12  ? 2.208   8.349   -1.934  1.00 45.61  ? 1805 ILE A CG2 1 
ATOM   89  C CD1 . ILE A 1 12  ? 3.255   11.420  -2.239  1.00 57.94  ? 1805 ILE A CD1 1 
ATOM   90  N N   . LEU A 1 13  ? 4.980   6.667   -3.765  1.00 41.25  ? 1806 LEU A N   1 
ATOM   91  C CA  . LEU A 1 13  ? 5.386   5.278   -3.584  1.00 37.59  ? 1806 LEU A CA  1 
ATOM   92  C C   . LEU A 1 13  ? 6.826   5.194   -3.100  1.00 41.16  ? 1806 LEU A C   1 
ATOM   93  O O   . LEU A 1 13  ? 7.165   4.339   -2.274  1.00 40.60  ? 1806 LEU A O   1 
ATOM   94  C CB  . LEU A 1 13  ? 5.203   4.493   -4.883  1.00 38.92  ? 1806 LEU A CB  1 
ATOM   95  C CG  . LEU A 1 13  ? 5.523   2.999   -4.767  1.00 40.14  ? 1806 LEU A CG  1 
ATOM   96  C CD1 . LEU A 1 13  ? 4.609   2.341   -3.750  1.00 35.16  ? 1806 LEU A CD1 1 
ATOM   97  C CD2 . LEU A 1 13  ? 5.417   2.321   -6.116  1.00 40.62  ? 1806 LEU A CD2 1 
ATOM   98  N N   . MET A 1 14  ? 7.688   6.086   -3.591  1.00 44.27  ? 1807 MET A N   1 
ATOM   99  C CA  . MET A 1 14  ? 9.052   6.147   -3.079  1.00 43.58  ? 1807 MET A CA  1 
ATOM   100 C C   . MET A 1 14  ? 9.059   6.541   -1.607  1.00 40.64  ? 1807 MET A C   1 
ATOM   101 O O   . MET A 1 14  ? 9.783   5.942   -0.801  1.00 42.18  ? 1807 MET A O   1 
ATOM   102 C CB  . MET A 1 14  ? 9.878   7.122   -3.922  1.00 43.62  ? 1807 MET A CB  1 
ATOM   103 C CG  . MET A 1 14  ? 10.954  7.884   -3.156  1.00 60.47  ? 1807 MET A CG  1 
ATOM   104 S SD  . MET A 1 14  ? 11.795  9.140   -4.152  1.00 62.57  ? 1807 MET A SD  1 
ATOM   105 C CE  . MET A 1 14  ? 10.488  10.343  -4.383  1.00 49.41  ? 1807 MET A CE  1 
ATOM   106 N N   . GLU A 1 15  ? 8.233   7.522   -1.232  1.00 37.64  ? 1808 GLU A N   1 
ATOM   107 C CA  . GLU A 1 15  ? 8.177   7.957   0.162   1.00 37.14  ? 1808 GLU A CA  1 
ATOM   108 C C   . GLU A 1 15  ? 7.572   6.886   1.060   1.00 40.21  ? 1808 GLU A C   1 
ATOM   109 O O   . GLU A 1 15  ? 7.982   6.738   2.219   1.00 40.86  ? 1808 GLU A O   1 
ATOM   110 C CB  . GLU A 1 15  ? 7.385   9.255   0.276   1.00 39.21  ? 1808 GLU A CB  1 
ATOM   111 C CG  . GLU A 1 15  ? 8.196   10.495  -0.030  1.00 39.56  ? 1808 GLU A CG  1 
ATOM   112 C CD  . GLU A 1 15  ? 7.321   11.701  -0.260  1.00 45.87  ? 1808 GLU A CD  1 
ATOM   113 O OE1 . GLU A 1 15  ? 6.118   11.511  -0.531  1.00 49.36  ? 1808 GLU A OE1 1 
ATOM   114 O OE2 . GLU A 1 15  ? 7.831   12.836  -0.172  1.00 52.09  ? 1808 GLU A OE2 1 
ATOM   115 N N   . MET A 1 16  ? 6.592   6.130   0.553   1.00 41.24  ? 1809 MET A N   1 
ATOM   116 C CA  . MET A 1 16  ? 6.058   5.019   1.334   1.00 34.66  ? 1809 MET A CA  1 
ATOM   117 C C   . MET A 1 16  ? 7.069   3.882   1.432   1.00 35.37  ? 1809 MET A C   1 
ATOM   118 O O   . MET A 1 16  ? 7.220   3.274   2.497   1.00 32.64  ? 1809 MET A O   1 
ATOM   119 C CB  . MET A 1 16  ? 4.742   4.528   0.734   1.00 31.80  ? 1809 MET A CB  1 
ATOM   120 C CG  . MET A 1 16  ? 3.603   5.524   0.853   1.00 36.59  ? 1809 MET A CG  1 
ATOM   121 S SD  . MET A 1 16  ? 1.961   4.781   0.699   1.00 41.25  ? 1809 MET A SD  1 
ATOM   122 C CE  . MET A 1 16  ? 1.947   4.279   -1.024  1.00 32.93  ? 1809 MET A CE  1 
ATOM   123 N N   . GLU A 1 17  ? 7.780   3.591   0.335   1.00 37.05  ? 1810 GLU A N   1 
ATOM   124 C CA  . GLU A 1 17  ? 8.751   2.497   0.338   1.00 38.20  ? 1810 GLU A CA  1 
ATOM   125 C C   . GLU A 1 17  ? 9.842   2.716   1.380   1.00 35.98  ? 1810 GLU A C   1 
ATOM   126 O O   . GLU A 1 17  ? 10.316  1.758   2.002   1.00 31.37  ? 1810 GLU A O   1 
ATOM   127 C CB  . GLU A 1 17  ? 9.377   2.336   -1.048  1.00 35.65  ? 1810 GLU A CB  1 
ATOM   128 C CG  . GLU A 1 17  ? 8.512   1.609   -2.057  1.00 37.55  ? 1810 GLU A CG  1 
ATOM   129 C CD  . GLU A 1 17  ? 9.033   1.772   -3.475  1.00 40.62  ? 1810 GLU A CD  1 
ATOM   130 O OE1 . GLU A 1 17  ? 9.738   2.771   -3.722  1.00 41.50  ? 1810 GLU A OE1 1 
ATOM   131 O OE2 . GLU A 1 17  ? 8.740   0.917   -4.343  1.00 41.20  ? 1810 GLU A OE2 1 
ATOM   132 N N   . SER A 1 18  ? 10.253  3.967   1.589   1.00 38.04  ? 1811 SER A N   1 
ATOM   133 C CA  . SER A 1 18  ? 11.331  4.271   2.520   1.00 41.13  ? 1811 SER A CA  1 
ATOM   134 C C   . SER A 1 18  ? 10.842  4.666   3.911   1.00 38.72  ? 1811 SER A C   1 
ATOM   135 O O   . SER A 1 18  ? 11.667  4.980   4.773   1.00 44.77  ? 1811 SER A O   1 
ATOM   136 C CB  . SER A 1 18  ? 12.220  5.379   1.950   1.00 38.81  ? 1811 SER A CB  1 
ATOM   137 O OG  . SER A 1 18  ? 11.443  6.502   1.581   1.00 45.06  ? 1811 SER A OG  1 
ATOM   138 N N   . HIS A 1 19  ? 9.534   4.636   4.156   1.00 40.48  ? 1812 HIS A N   1 
ATOM   139 C CA  . HIS A 1 19  ? 8.976   5.014   5.449   1.00 34.98  ? 1812 HIS A CA  1 
ATOM   140 C C   . HIS A 1 19  ? 9.376   4.021   6.538   1.00 33.74  ? 1812 HIS A C   1 
ATOM   141 O O   . HIS A 1 19  ? 9.553   2.827   6.289   1.00 36.88  ? 1812 HIS A O   1 
ATOM   142 C CB  . HIS A 1 19  ? 7.452   5.094   5.349   1.00 31.20  ? 1812 HIS A CB  1 
ATOM   143 C CG  . HIS A 1 19  ? 6.815   5.969   6.381   1.00 31.22  ? 1812 HIS A CG  1 
ATOM   144 N ND1 . HIS A 1 19  ? 6.715   5.607   7.708   1.00 33.38  ? 1812 HIS A ND1 1 
ATOM   145 C CD2 . HIS A 1 19  ? 6.218   7.179   6.276   1.00 34.78  ? 1812 HIS A CD2 1 
ATOM   146 C CE1 . HIS A 1 19  ? 6.100   6.566   8.378   1.00 33.53  ? 1812 HIS A CE1 1 
ATOM   147 N NE2 . HIS A 1 19  ? 5.784   7.529   7.532   1.00 33.57  ? 1812 HIS A NE2 1 
ATOM   148 N N   . ASP A 1 20  ? 9.512   4.533   7.765   1.00 37.22  ? 1813 ASP A N   1 
ATOM   149 C CA  . ASP A 1 20  ? 9.863   3.679   8.901   1.00 39.00  ? 1813 ASP A CA  1 
ATOM   150 C C   . ASP A 1 20  ? 8.807   2.605   9.143   1.00 37.25  ? 1813 ASP A C   1 
ATOM   151 O O   . ASP A 1 20  ? 9.138   1.464   9.485   1.00 41.82  ? 1813 ASP A O   1 
ATOM   152 C CB  . ASP A 1 20  ? 10.044  4.525   10.167  1.00 41.21  ? 1813 ASP A CB  1 
ATOM   153 C CG  . ASP A 1 20  ? 11.412  5.191   10.251  1.00 45.58  ? 1813 ASP A CG  1 
ATOM   154 O OD1 . ASP A 1 20  ? 12.245  4.981   9.346   1.00 50.21  ? 1813 ASP A OD1 1 
ATOM   155 O OD2 . ASP A 1 20  ? 11.657  5.926   11.230  1.00 44.84  ? 1813 ASP A OD2 1 
ATOM   156 N N   . ALA A 1 21  ? 7.529   2.953   8.993   1.00 33.15  ? 1814 ALA A N   1 
ATOM   157 C CA  . ALA A 1 21  ? 6.438   2.032   9.276   1.00 31.74  ? 1814 ALA A CA  1 
ATOM   158 C C   . ALA A 1 21  ? 6.041   1.192   8.065   1.00 38.90  ? 1814 ALA A C   1 
ATOM   159 O O   . ALA A 1 21  ? 4.955   0.598   8.067   1.00 32.67  ? 1814 ALA A O   1 
ATOM   160 C CB  . ALA A 1 21  ? 5.223   2.802   9.798   1.00 29.50  ? 1814 ALA A CB  1 
ATOM   161 N N   . ALA A 1 22  ? 6.896   1.117   7.041   1.00 34.38  ? 1815 ALA A N   1 
ATOM   162 C CA  . ALA A 1 22  ? 6.543   0.414   5.812   1.00 36.67  ? 1815 ALA A CA  1 
ATOM   163 C C   . ALA A 1 22  ? 6.738   -1.094  5.898   1.00 35.42  ? 1815 ALA A C   1 
ATOM   164 O O   . ALA A 1 22  ? 6.183   -1.820  5.066   1.00 37.25  ? 1815 ALA A O   1 
ATOM   165 C CB  . ALA A 1 22  ? 7.360   0.956   4.638   1.00 31.69  ? 1815 ALA A CB  1 
ATOM   166 N N   . TRP A 1 23  ? 7.473   -1.584  6.891   1.00 32.34  ? 1816 TRP A N   1 
ATOM   167 C CA  . TRP A 1 23  ? 7.949   -2.963  6.840   1.00 39.14  ? 1816 TRP A CA  1 
ATOM   168 C C   . TRP A 1 23  ? 6.864   -4.010  6.581   1.00 40.11  ? 1816 TRP A C   1 
ATOM   169 O O   . TRP A 1 23  ? 7.143   -4.948  5.816   1.00 37.57  ? 1816 TRP A O   1 
ATOM   170 C CB  . TRP A 1 23  ? 8.741   -3.284  8.115   1.00 28.69  ? 1816 TRP A CB  1 
ATOM   171 C CG  . TRP A 1 23  ? 8.040   -2.972  9.375   1.00 38.00  ? 1816 TRP A CG  1 
ATOM   172 C CD1 . TRP A 1 23  ? 8.009   -1.771  10.022  1.00 36.78  ? 1816 TRP A CD1 1 
ATOM   173 C CD2 . TRP A 1 23  ? 7.278   -3.880  10.173  1.00 43.95  ? 1816 TRP A CD2 1 
ATOM   174 N NE1 . TRP A 1 23  ? 7.266   -1.875  11.171  1.00 37.88  ? 1816 TRP A NE1 1 
ATOM   175 C CE2 . TRP A 1 23  ? 6.803   -3.158  11.287  1.00 37.92  ? 1816 TRP A CE2 1 
ATOM   176 C CE3 . TRP A 1 23  ? 6.937   -5.231  10.047  1.00 42.40  ? 1816 TRP A CE3 1 
ATOM   177 C CZ2 . TRP A 1 23  ? 6.006   -3.740  12.271  1.00 40.48  ? 1816 TRP A CZ2 1 
ATOM   178 C CZ3 . TRP A 1 23  ? 6.149   -5.810  11.026  1.00 44.02  ? 1816 TRP A CZ3 1 
ATOM   179 C CH2 . TRP A 1 23  ? 5.692   -5.065  12.125  1.00 45.39  ? 1816 TRP A CH2 1 
ATOM   180 N N   . PRO A 1 24  ? 5.636   -3.926  7.117   1.00 41.40  ? 1817 PRO A N   1 
ATOM   181 C CA  . PRO A 1 24  ? 4.667   -5.000  6.837   1.00 35.07  ? 1817 PRO A CA  1 
ATOM   182 C C   . PRO A 1 24  ? 4.153   -5.002  5.411   1.00 37.23  ? 1817 PRO A C   1 
ATOM   183 O O   . PRO A 1 24  ? 3.408   -5.922  5.048   1.00 41.35  ? 1817 PRO A O   1 
ATOM   184 C CB  . PRO A 1 24  ? 3.525   -4.728  7.830   1.00 37.24  ? 1817 PRO A CB  1 
ATOM   185 C CG  . PRO A 1 24  ? 4.040   -3.693  8.778   1.00 39.42  ? 1817 PRO A CG  1 
ATOM   186 C CD  . PRO A 1 24  ? 5.030   -2.902  7.988   1.00 38.38  ? 1817 PRO A CD  1 
ATOM   187 N N   . PHE A 1 25  ? 4.534   -4.022  4.586   1.00 34.22  ? 1818 PHE A N   1 
ATOM   188 C CA  . PHE A 1 25  ? 3.917   -3.837  3.278   1.00 34.94  ? 1818 PHE A CA  1 
ATOM   189 C C   . PHE A 1 25  ? 4.917   -3.807  2.130   1.00 35.89  ? 1818 PHE A C   1 
ATOM   190 O O   . PHE A 1 25  ? 4.529   -3.491  1.000   1.00 39.90  ? 1818 PHE A O   1 
ATOM   191 C CB  . PHE A 1 25  ? 3.083   -2.550  3.279   1.00 35.25  ? 1818 PHE A CB  1 
ATOM   192 C CG  . PHE A 1 25  ? 2.359   -2.317  4.568   1.00 35.36  ? 1818 PHE A CG  1 
ATOM   193 C CD1 . PHE A 1 25  ? 1.334   -3.166  4.961   1.00 32.06  ? 1818 PHE A CD1 1 
ATOM   194 C CD2 . PHE A 1 25  ? 2.728   -1.279  5.407   1.00 34.02  ? 1818 PHE A CD2 1 
ATOM   195 C CE1 . PHE A 1 25  ? 0.679   -2.972  6.156   1.00 35.75  ? 1818 PHE A CE1 1 
ATOM   196 C CE2 . PHE A 1 25  ? 2.073   -1.071  6.604   1.00 33.00  ? 1818 PHE A CE2 1 
ATOM   197 C CZ  . PHE A 1 25  ? 1.049   -1.917  6.983   1.00 36.12  ? 1818 PHE A CZ  1 
ATOM   198 N N   . LEU A 1 26  ? 6.187   -4.139  2.378   1.00 41.85  ? 1819 LEU A N   1 
ATOM   199 C CA  . LEU A 1 26  ? 7.212   -3.992  1.347   1.00 39.91  ? 1819 LEU A CA  1 
ATOM   200 C C   . LEU A 1 26  ? 7.138   -5.104  0.308   1.00 40.42  ? 1819 LEU A C   1 
ATOM   201 O O   . LEU A 1 26  ? 7.332   -4.850  -0.886  1.00 39.25  ? 1819 LEU A O   1 
ATOM   202 C CB  . LEU A 1 26  ? 8.595   -3.957  1.989   1.00 35.00  ? 1819 LEU A CB  1 
ATOM   203 C CG  . LEU A 1 26  ? 8.938   -2.672  2.734   1.00 31.22  ? 1819 LEU A CG  1 
ATOM   204 C CD1 . LEU A 1 26  ? 10.148  -2.908  3.598   1.00 27.08  ? 1819 LEU A CD1 1 
ATOM   205 C CD2 . LEU A 1 26  ? 9.180   -1.529  1.761   1.00 34.57  ? 1819 LEU A CD2 1 
ATOM   206 N N   . GLU A 1 27  ? 6.853   -6.329  0.734   1.00 36.56  ? 1820 GLU A N   1 
ATOM   207 C CA  . GLU A 1 27  ? 6.726   -7.483  -0.136  1.00 42.85  ? 1820 GLU A CA  1 
ATOM   208 C C   . GLU A 1 27  ? 5.442   -8.227  0.195   1.00 43.03  ? 1820 GLU A C   1 
ATOM   209 O O   . GLU A 1 27  ? 4.887   -8.056  1.287   1.00 43.77  ? 1820 GLU A O   1 
ATOM   210 C CB  . GLU A 1 27  ? 7.928   -8.430  0.016   1.00 47.40  ? 1820 GLU A CB  1 
ATOM   211 C CG  . GLU A 1 27  ? 9.289   -7.780  -0.175  1.00 51.05  ? 1820 GLU A CG  1 
ATOM   212 C CD  . GLU A 1 27  ? 10.381  -8.558  0.526   1.00 62.17  ? 1820 GLU A CD  1 
ATOM   213 O OE1 . GLU A 1 27  ? 10.070  -9.198  1.557   1.00 64.25  ? 1820 GLU A OE1 1 
ATOM   214 O OE2 . GLU A 1 27  ? 11.540  -8.530  0.055   1.00 65.16  ? 1820 GLU A OE2 1 
ATOM   215 N N   . PRO A 1 28  ? 4.945   -9.065  -0.721  1.00 38.01  ? 1821 PRO A N   1 
ATOM   216 C CA  . PRO A 1 28  ? 3.682   -9.770  -0.468  1.00 42.16  ? 1821 PRO A CA  1 
ATOM   217 C C   . PRO A 1 28  ? 3.732   -10.611 0.799   1.00 35.36  ? 1821 PRO A C   1 
ATOM   218 O O   . PRO A 1 28  ? 4.779   -11.119 1.199   1.00 40.74  ? 1821 PRO A O   1 
ATOM   219 C CB  . PRO A 1 28  ? 3.507   -10.653 -1.710  1.00 30.02  ? 1821 PRO A CB  1 
ATOM   220 C CG  . PRO A 1 28  ? 4.253   -9.969  -2.762  1.00 36.48  ? 1821 PRO A CG  1 
ATOM   221 C CD  . PRO A 1 28  ? 5.438   -9.324  -2.084  1.00 43.31  ? 1821 PRO A CD  1 
ATOM   222 N N   . VAL A 1 29  ? 2.571   -10.757 1.424   1.00 31.90  ? 1822 VAL A N   1 
ATOM   223 C CA  . VAL A 1 29  ? 2.452   -11.637 2.575   1.00 37.03  ? 1822 VAL A CA  1 
ATOM   224 C C   . VAL A 1 29  ? 2.604   -13.080 2.108   1.00 42.92  ? 1822 VAL A C   1 
ATOM   225 O O   . VAL A 1 29  ? 1.883   -13.545 1.217   1.00 39.00  ? 1822 VAL A O   1 
ATOM   226 C CB  . VAL A 1 29  ? 1.116   -11.418 3.293   1.00 36.90  ? 1822 VAL A CB  1 
ATOM   227 C CG1 . VAL A 1 29  ? 0.912   -12.480 4.359   1.00 35.35  ? 1822 VAL A CG1 1 
ATOM   228 C CG2 . VAL A 1 29  ? 1.076   -10.020 3.901   1.00 33.00  ? 1822 VAL A CG2 1 
ATOM   229 N N   . ASN A 1 30  ? 3.561   -13.782 2.689   1.00 43.23  ? 1823 ASN A N   1 
ATOM   230 C CA  . ASN A 1 30  ? 3.742   -15.200 2.443   1.00 35.07  ? 1823 ASN A CA  1 
ATOM   231 C C   . ASN A 1 30  ? 2.713   -15.966 3.264   1.00 39.54  ? 1823 ASN A C   1 
ATOM   232 O O   . ASN A 1 30  ? 2.853   -16.074 4.487   1.00 46.36  ? 1823 ASN A O   1 
ATOM   233 C CB  . ASN A 1 30  ? 5.168   -15.613 2.808   1.00 37.67  ? 1823 ASN A CB  1 
ATOM   234 C CG  . ASN A 1 30  ? 5.486   -17.038 2.415   1.00 40.52  ? 1823 ASN A CG  1 
ATOM   235 O OD1 . ASN A 1 30  ? 4.592   -17.853 2.193   1.00 48.09  ? 1823 ASN A OD1 1 
ATOM   236 N ND2 . ASN A 1 30  ? 6.771   -17.350 2.338   1.00 48.67  ? 1823 ASN A ND2 1 
ATOM   237 N N   . PRO A 1 31  ? 1.670   -16.520 2.640   1.00 41.79  ? 1824 PRO A N   1 
ATOM   238 C CA  . PRO A 1 31  ? 0.625   -17.186 3.431   1.00 37.79  ? 1824 PRO A CA  1 
ATOM   239 C C   . PRO A 1 31  ? 1.096   -18.471 4.090   1.00 43.64  ? 1824 PRO A C   1 
ATOM   240 O O   . PRO A 1 31  ? 0.435   -18.945 5.023   1.00 44.85  ? 1824 PRO A O   1 
ATOM   241 C CB  . PRO A 1 31  ? -0.480  -17.447 2.403   1.00 40.97  ? 1824 PRO A CB  1 
ATOM   242 C CG  . PRO A 1 31  ? 0.250   -17.579 1.109   1.00 34.77  ? 1824 PRO A CG  1 
ATOM   243 C CD  . PRO A 1 31  ? 1.433   -16.647 1.189   1.00 40.32  ? 1824 PRO A CD  1 
ATOM   244 N N   . ARG A 1 32  ? 2.213   -19.052 3.640   1.00 41.03  ? 1825 ARG A N   1 
ATOM   245 C CA  . ARG A 1 32  ? 2.797   -20.175 4.368   1.00 41.43  ? 1825 ARG A CA  1 
ATOM   246 C C   . ARG A 1 32  ? 3.162   -19.778 5.792   1.00 39.98  ? 1825 ARG A C   1 
ATOM   247 O O   . ARG A 1 32  ? 3.072   -20.599 6.711   1.00 41.85  ? 1825 ARG A O   1 
ATOM   248 C CB  . ARG A 1 32  ? 4.037   -20.703 3.638   1.00 37.54  ? 1825 ARG A CB  1 
ATOM   249 C CG  . ARG A 1 32  ? 3.751   -21.571 2.415   1.00 38.14  ? 1825 ARG A CG  1 
ATOM   250 C CD  . ARG A 1 32  ? 4.999   -21.731 1.555   1.00 42.77  ? 1825 ARG A CD  1 
ATOM   251 N NE  . ARG A 1 32  ? 4.737   -22.390 0.274   1.00 42.75  ? 1825 ARG A NE  1 
ATOM   252 C CZ  . ARG A 1 32  ? 5.649   -22.560 -0.680  1.00 37.10  ? 1825 ARG A CZ  1 
ATOM   253 N NH1 . ARG A 1 32  ? 6.890   -22.127 -0.506  1.00 33.69  ? 1825 ARG A NH1 1 
ATOM   254 N NH2 . ARG A 1 32  ? 5.326   -23.168 -1.810  1.00 41.60  ? 1825 ARG A NH2 1 
ATOM   255 N N   . LEU A 1 33  ? 3.561   -18.524 5.998   1.00 38.99  ? 1826 LEU A N   1 
ATOM   256 C CA  . LEU A 1 33  ? 4.008   -18.080 7.308   1.00 38.62  ? 1826 LEU A CA  1 
ATOM   257 C C   . LEU A 1 33  ? 2.930   -17.359 8.103   1.00 44.14  ? 1826 LEU A C   1 
ATOM   258 O O   . LEU A 1 33  ? 3.105   -17.162 9.309   1.00 52.67  ? 1826 LEU A O   1 
ATOM   259 C CB  . LEU A 1 33  ? 5.228   -17.161 7.164   1.00 38.61  ? 1826 LEU A CB  1 
ATOM   260 C CG  . LEU A 1 33  ? 6.409   -17.763 6.401   1.00 44.45  ? 1826 LEU A CG  1 
ATOM   261 C CD1 . LEU A 1 33  ? 7.237   -16.672 5.737   1.00 39.65  ? 1826 LEU A CD1 1 
ATOM   262 C CD2 . LEU A 1 33  ? 7.271   -18.628 7.315   1.00 40.34  ? 1826 LEU A CD2 1 
ATOM   263 N N   . VAL A 1 34  ? 1.831   -16.970 7.473   1.00 41.47  ? 1827 VAL A N   1 
ATOM   264 C CA  . VAL A 1 34  ? 0.795   -16.169 8.120   1.00 43.78  ? 1827 VAL A CA  1 
ATOM   265 C C   . VAL A 1 34  ? -0.503  -16.960 8.029   1.00 40.07  ? 1827 VAL A C   1 
ATOM   266 O O   . VAL A 1 34  ? -1.230  -16.883 7.033   1.00 39.29  ? 1827 VAL A O   1 
ATOM   267 C CB  . VAL A 1 34  ? 0.658   -14.786 7.481   1.00 43.52  ? 1827 VAL A CB  1 
ATOM   268 C CG1 . VAL A 1 34  ? -0.511  -14.027 8.098   1.00 36.78  ? 1827 VAL A CG1 1 
ATOM   269 C CG2 . VAL A 1 34  ? 1.955   -14.012 7.635   1.00 36.94  ? 1827 VAL A CG2 1 
ATOM   270 N N   . SER A 1 35  ? -0.818  -17.721 9.074   1.00 40.51  ? 1828 SER A N   1 
ATOM   271 C CA  . SER A 1 35  ? -1.994  -18.580 9.010   1.00 46.06  ? 1828 SER A CA  1 
ATOM   272 C C   . SER A 1 35  ? -3.265  -17.741 8.969   1.00 44.46  ? 1828 SER A C   1 
ATOM   273 O O   . SER A 1 35  ? -3.388  -16.725 9.663   1.00 40.42  ? 1828 SER A O   1 
ATOM   274 C CB  . SER A 1 35  ? -2.030  -19.560 10.187  1.00 43.21  ? 1828 SER A CB  1 
ATOM   275 O OG  . SER A 1 35  ? -1.486  -19.000 11.368  1.00 56.24  ? 1828 SER A OG  1 
ATOM   276 N N   . GLY A 1 36  ? -4.204  -18.160 8.119   1.00 37.85  ? 1829 GLY A N   1 
ATOM   277 C CA  . GLY A 1 36  ? -5.451  -17.464 7.922   1.00 31.30  ? 1829 GLY A CA  1 
ATOM   278 C C   . GLY A 1 36  ? -5.437  -16.415 6.831   1.00 37.04  ? 1829 GLY A C   1 
ATOM   279 O O   . GLY A 1 36  ? -6.512  -15.997 6.386   1.00 38.08  ? 1829 GLY A O   1 
ATOM   280 N N   . TYR A 1 37  ? -4.257  -15.978 6.378   1.00 37.51  ? 1830 TYR A N   1 
ATOM   281 C CA  . TYR A 1 37  ? -4.207  -14.864 5.433   1.00 36.11  ? 1830 TYR A CA  1 
ATOM   282 C C   . TYR A 1 37  ? -4.862  -15.221 4.102   1.00 33.13  ? 1830 TYR A C   1 
ATOM   283 O O   . TYR A 1 37  ? -5.546  -14.385 3.503   1.00 32.87  ? 1830 TYR A O   1 
ATOM   284 C CB  . TYR A 1 37  ? -2.765  -14.404 5.209   1.00 34.13  ? 1830 TYR A CB  1 
ATOM   285 C CG  . TYR A 1 37  ? -2.688  -12.974 4.712   1.00 37.38  ? 1830 TYR A CG  1 
ATOM   286 C CD1 . TYR A 1 37  ? -2.828  -11.904 5.595   1.00 35.63  ? 1830 TYR A CD1 1 
ATOM   287 C CD2 . TYR A 1 37  ? -2.505  -12.691 3.363   1.00 31.26  ? 1830 TYR A CD2 1 
ATOM   288 C CE1 . TYR A 1 37  ? -2.773  -10.591 5.146   1.00 34.34  ? 1830 TYR A CE1 1 
ATOM   289 C CE2 . TYR A 1 37  ? -2.450  -11.382 2.905   1.00 31.16  ? 1830 TYR A CE2 1 
ATOM   290 C CZ  . TYR A 1 37  ? -2.586  -10.338 3.803   1.00 36.01  ? 1830 TYR A CZ  1 
ATOM   291 O OH  . TYR A 1 37  ? -2.536  -9.034  3.366   1.00 32.55  ? 1830 TYR A OH  1 
ATOM   292 N N   . ARG A 1 38  ? -4.663  -16.449 3.621   1.00 39.73  ? 1831 ARG A N   1 
ATOM   293 C CA  . ARG A 1 38  ? -5.264  -16.849 2.351   1.00 40.28  ? 1831 ARG A CA  1 
ATOM   294 C C   . ARG A 1 38  ? -6.786  -16.826 2.436   1.00 33.92  ? 1831 ARG A C   1 
ATOM   295 O O   . ARG A 1 38  ? -7.466  -16.364 1.511   1.00 30.04  ? 1831 ARG A O   1 
ATOM   296 C CB  . ARG A 1 38  ? -4.760  -18.240 1.960   1.00 41.54  ? 1831 ARG A CB  1 
ATOM   297 C CG  . ARG A 1 38  ? -4.814  -18.547 0.468   1.00 46.79  ? 1831 ARG A CG  1 
ATOM   298 C CD  . ARG A 1 38  ? -4.719  -20.056 0.215   1.00 44.43  ? 1831 ARG A CD  1 
ATOM   299 N NE  . ARG A 1 38  ? -3.455  -20.622 0.679   1.00 47.36  ? 1831 ARG A NE  1 
ATOM   300 C CZ  . ARG A 1 38  ? -2.325  -20.596 -0.024  1.00 48.73  ? 1831 ARG A CZ  1 
ATOM   301 N NH1 . ARG A 1 38  ? -2.305  -20.033 -1.226  1.00 39.03  ? 1831 ARG A NH1 1 
ATOM   302 N NH2 . ARG A 1 38  ? -1.214  -21.131 0.471   1.00 49.62  ? 1831 ARG A NH2 1 
ATOM   303 N N   . ARG A 1 39  ? -7.329  -17.291 3.562   1.00 30.07  ? 1832 ARG A N   1 
ATOM   304 C CA  . ARG A 1 39  ? -8.774  -17.336 3.751   1.00 29.03  ? 1832 ARG A CA  1 
ATOM   305 C C   . ARG A 1 39  ? -9.380  -15.934 3.811   1.00 35.38  ? 1832 ARG A C   1 
ATOM   306 O O   . ARG A 1 39  ? -10.451 -15.681 3.243   1.00 35.00  ? 1832 ARG A O   1 
ATOM   307 C CB  . ARG A 1 39  ? -9.079  -18.112 5.031   1.00 28.80  ? 1832 ARG A CB  1 
ATOM   308 C CG  . ARG A 1 39  ? -10.355 -18.904 5.005   1.00 32.97  ? 1832 ARG A CG  1 
ATOM   309 C CD  . ARG A 1 39  ? -10.662 -19.468 6.387   1.00 32.97  ? 1832 ARG A CD  1 
ATOM   310 N NE  . ARG A 1 39  ? -10.854 -18.397 7.357   1.00 40.74  ? 1832 ARG A NE  1 
ATOM   311 C CZ  . ARG A 1 39  ? -10.169 -18.277 8.490   1.00 46.48  ? 1832 ARG A CZ  1 
ATOM   312 N NH1 . ARG A 1 39  ? -10.411 -17.257 9.308   1.00 48.45  ? 1832 ARG A NH1 1 
ATOM   313 N NH2 . ARG A 1 39  ? -9.261  -19.189 8.818   1.00 49.41  ? 1832 ARG A NH2 1 
ATOM   314 N N   . ILE A 1 40  ? -8.705  -15.005 4.487   1.00 38.30  ? 1833 ILE A N   1 
ATOM   315 C CA  . ILE A 1 40  ? -9.311  -13.730 4.866   1.00 31.18  ? 1833 ILE A CA  1 
ATOM   316 C C   . ILE A 1 40  ? -9.129  -12.664 3.793   1.00 34.34  ? 1833 ILE A C   1 
ATOM   317 O O   . ILE A 1 40  ? -10.069 -11.927 3.484   1.00 43.77  ? 1833 ILE A O   1 
ATOM   318 C CB  . ILE A 1 40  ? -8.726  -13.277 6.215   1.00 32.79  ? 1833 ILE A CB  1 
ATOM   319 C CG1 . ILE A 1 40  ? -9.246  -14.173 7.335   1.00 29.46  ? 1833 ILE A CG1 1 
ATOM   320 C CG2 . ILE A 1 40  ? -9.061  -11.826 6.477   1.00 35.98  ? 1833 ILE A CG2 1 
ATOM   321 C CD1 . ILE A 1 40  ? -8.394  -14.144 8.558   1.00 28.14  ? 1833 ILE A CD1 1 
ATOM   322 N N   . ILE A 1 41  ? -7.943  -12.545 3.209   1.00 29.04  ? 1834 ILE A N   1 
ATOM   323 C CA  . ILE A 1 41  ? -7.648  -11.480 2.257   1.00 32.27  ? 1834 ILE A CA  1 
ATOM   324 C C   . ILE A 1 41  ? -7.869  -12.023 0.851   1.00 35.37  ? 1834 ILE A C   1 
ATOM   325 O O   . ILE A 1 41  ? -7.107  -12.866 0.370   1.00 44.47  ? 1834 ILE A O   1 
ATOM   326 C CB  . ILE A 1 41  ? -6.220  -10.943 2.436   1.00 32.78  ? 1834 ILE A CB  1 
ATOM   327 C CG1 . ILE A 1 41  ? -6.044  -10.393 3.853   1.00 36.84  ? 1834 ILE A CG1 1 
ATOM   328 C CG2 . ILE A 1 41  ? -5.911  -9.878  1.390   1.00 27.26  ? 1834 ILE A CG2 1 
ATOM   329 C CD1 . ILE A 1 41  ? -7.079  -9.349  4.240   1.00 30.11  ? 1834 ILE A CD1 1 
ATOM   330 N N   . LYS A 1 42  ? -8.899  -11.518 0.177   1.00 33.67  ? 1835 LYS A N   1 
ATOM   331 C CA  . LYS A 1 42  ? -9.246  -11.988 -1.156  1.00 36.39  ? 1835 LYS A CA  1 
ATOM   332 C C   . LYS A 1 42  ? -8.507  -11.264 -2.273  1.00 36.78  ? 1835 LYS A C   1 
ATOM   333 O O   . LYS A 1 42  ? -8.563  -11.717 -3.419  1.00 49.72  ? 1835 LYS A O   1 
ATOM   334 C CB  . LYS A 1 42  ? -10.759 -11.860 -1.381  1.00 38.95  ? 1835 LYS A CB  1 
ATOM   335 C CG  . LYS A 1 42  ? -11.569 -12.925 -0.643  1.00 53.90  ? 1835 LYS A CG  1 
ATOM   336 C CD  . LYS A 1 42  ? -11.155 -14.341 -1.056  1.00 56.94  ? 1835 LYS A CD  1 
ATOM   337 C CE  . LYS A 1 42  ? -10.626 -15.166 0.118   1.00 50.22  ? 1835 LYS A CE  1 
ATOM   338 N NZ  . LYS A 1 42  ? -10.172 -16.545 -0.312  1.00 40.64  ? 1835 LYS A NZ  1 
ATOM   339 N N   . ASN A 1 43  ? -7.826  -10.157 -1.983  1.00 37.48  ? 1836 ASN A N   1 
ATOM   340 C CA  . ASN A 1 43  ? -7.074  -9.416  -3.000  1.00 37.31  ? 1836 ASN A CA  1 
ATOM   341 C C   . ASN A 1 43  ? -5.833  -8.812  -2.368  1.00 40.93  ? 1836 ASN A C   1 
ATOM   342 O O   . ASN A 1 43  ? -5.770  -7.601  -2.110  1.00 39.83  ? 1836 ASN A O   1 
ATOM   343 C CB  . ASN A 1 43  ? -7.926  -8.318  -3.635  1.00 39.69  ? 1836 ASN A CB  1 
ATOM   344 C CG  . ASN A 1 43  ? -9.135  -8.861  -4.350  1.00 46.74  ? 1836 ASN A CG  1 
ATOM   345 O OD1 . ASN A 1 43  ? -10.272 -8.577  -3.966  1.00 45.41  ? 1836 ASN A OD1 1 
ATOM   346 N ND2 . ASN A 1 43  ? -8.902  -9.650  -5.396  1.00 45.64  ? 1836 ASN A ND2 1 
ATOM   347 N N   . PRO A 1 44  ? -4.810  -9.628  -2.108  1.00 39.66  ? 1837 PRO A N   1 
ATOM   348 C CA  . PRO A 1 44  ? -3.581  -9.095  -1.507  1.00 36.61  ? 1837 PRO A CA  1 
ATOM   349 C C   . PRO A 1 44  ? -2.948  -8.011  -2.368  1.00 35.17  ? 1837 PRO A C   1 
ATOM   350 O O   . PRO A 1 44  ? -3.101  -7.981  -3.590  1.00 37.50  ? 1837 PRO A O   1 
ATOM   351 C CB  . PRO A 1 44  ? -2.670  -10.325 -1.397  1.00 32.43  ? 1837 PRO A CB  1 
ATOM   352 C CG  . PRO A 1 44  ? -3.294  -11.361 -2.280  1.00 37.62  ? 1837 PRO A CG  1 
ATOM   353 C CD  . PRO A 1 44  ? -4.757  -11.090 -2.267  1.00 34.15  ? 1837 PRO A CD  1 
ATOM   354 N N   . MET A 1 45  ? -2.242  -7.102  -1.704  1.00 32.61  ? 1838 MET A N   1 
ATOM   355 C CA  . MET A 1 45  ? -1.586  -5.987  -2.367  1.00 30.35  ? 1838 MET A CA  1 
ATOM   356 C C   . MET A 1 45  ? -0.460  -5.513  -1.464  1.00 34.97  ? 1838 MET A C   1 
ATOM   357 O O   . MET A 1 45  ? -0.543  -5.627  -0.239  1.00 37.29  ? 1838 MET A O   1 
ATOM   358 C CB  . MET A 1 45  ? -2.571  -4.851  -2.663  1.00 31.29  ? 1838 MET A CB  1 
ATOM   359 C CG  . MET A 1 45  ? -1.999  -3.690  -3.478  1.00 35.45  ? 1838 MET A CG  1 
ATOM   360 S SD  . MET A 1 45  ? -1.122  -4.190  -4.975  1.00 45.12  ? 1838 MET A SD  1 
ATOM   361 C CE  . MET A 1 45  ? -2.375  -5.157  -5.816  1.00 36.00  ? 1838 MET A CE  1 
ATOM   362 N N   . ASP A 1 46  ? 0.596   -4.996  -2.081  1.00 34.53  ? 1839 ASP A N   1 
ATOM   363 C CA  . ASP A 1 46  ? 1.776   -4.582  -1.340  1.00 33.96  ? 1839 ASP A CA  1 
ATOM   364 C C   . ASP A 1 46  ? 2.549   -3.583  -2.191  1.00 38.69  ? 1839 ASP A C   1 
ATOM   365 O O   . ASP A 1 46  ? 2.274   -3.404  -3.379  1.00 36.09  ? 1839 ASP A O   1 
ATOM   366 C CB  . ASP A 1 46  ? 2.645   -5.782  -0.972  1.00 34.27  ? 1839 ASP A CB  1 
ATOM   367 C CG  . ASP A 1 46  ? 3.141   -6.528  -2.189  1.00 41.03  ? 1839 ASP A CG  1 
ATOM   368 O OD1 . ASP A 1 46  ? 2.366   -7.318  -2.783  1.00 41.13  ? 1839 ASP A OD1 1 
ATOM   369 O OD2 . ASP A 1 46  ? 4.301   -6.289  -2.572  1.00 44.99  ? 1839 ASP A OD2 1 
ATOM   370 N N   . PHE A 1 47  ? 3.534   -2.938  -1.563  1.00 37.25  ? 1840 PHE A N   1 
ATOM   371 C CA  . PHE A 1 47  ? 4.241   -1.865  -2.250  1.00 38.89  ? 1840 PHE A CA  1 
ATOM   372 C C   . PHE A 1 47  ? 5.074   -2.391  -3.410  1.00 41.81  ? 1840 PHE A C   1 
ATOM   373 O O   . PHE A 1 47  ? 5.192   -1.710  -4.435  1.00 41.12  ? 1840 PHE A O   1 
ATOM   374 C CB  . PHE A 1 47  ? 5.117   -1.085  -1.263  1.00 39.02  ? 1840 PHE A CB  1 
ATOM   375 C CG  . PHE A 1 47  ? 4.336   -0.334  -0.218  1.00 34.31  ? 1840 PHE A CG  1 
ATOM   376 C CD1 . PHE A 1 47  ? 3.063   0.137   -0.487  1.00 34.58  ? 1840 PHE A CD1 1 
ATOM   377 C CD2 . PHE A 1 47  ? 4.872   -0.110  1.034   1.00 35.59  ? 1840 PHE A CD2 1 
ATOM   378 C CE1 . PHE A 1 47  ? 2.340   0.817   0.472   1.00 34.82  ? 1840 PHE A CE1 1 
ATOM   379 C CE2 . PHE A 1 47  ? 4.156   0.572   1.999   1.00 37.23  ? 1840 PHE A CE2 1 
ATOM   380 C CZ  . PHE A 1 47  ? 2.886   1.034   1.718   1.00 33.52  ? 1840 PHE A CZ  1 
ATOM   381 N N   . SER A 1 48  ? 5.644   -3.595  -3.285  1.00 41.73  ? 1841 SER A N   1 
ATOM   382 C CA  . SER A 1 48  ? 6.482   -4.108  -4.367  1.00 39.24  ? 1841 SER A CA  1 
ATOM   383 C C   . SER A 1 48  ? 5.644   -4.463  -5.588  1.00 42.96  ? 1841 SER A C   1 
ATOM   384 O O   . SER A 1 48  ? 6.073   -4.232  -6.725  1.00 47.67  ? 1841 SER A O   1 
ATOM   385 C CB  . SER A 1 48  ? 7.298   -5.310  -3.893  1.00 33.87  ? 1841 SER A CB  1 
ATOM   386 O OG  . SER A 1 48  ? 6.671   -6.526  -4.253  1.00 47.82  ? 1841 SER A OG  1 
ATOM   387 N N   . THR A 1 49  ? 4.440   -5.006  -5.377  1.00 38.00  ? 1842 THR A N   1 
ATOM   388 C CA  . THR A 1 49  ? 3.525   -5.221  -6.497  1.00 38.74  ? 1842 THR A CA  1 
ATOM   389 C C   . THR A 1 49  ? 3.151   -3.902  -7.158  1.00 38.46  ? 1842 THR A C   1 
ATOM   390 O O   . THR A 1 49  ? 3.097   -3.808  -8.390  1.00 50.00  ? 1842 THR A O   1 
ATOM   391 C CB  . THR A 1 49  ? 2.266   -5.946  -6.024  1.00 36.56  ? 1842 THR A CB  1 
ATOM   392 O OG1 . THR A 1 49  ? 2.626   -7.173  -5.385  1.00 31.35  ? 1842 THR A OG1 1 
ATOM   393 C CG2 . THR A 1 49  ? 1.348   -6.241  -7.198  1.00 31.17  ? 1842 THR A CG2 1 
ATOM   394 N N   . MET A 1 50  ? 2.885   -2.870  -6.358  1.00 41.28  ? 1843 MET A N   1 
ATOM   395 C CA  . MET A 1 50  ? 2.559   -1.567  -6.923  1.00 46.27  ? 1843 MET A CA  1 
ATOM   396 C C   . MET A 1 50  ? 3.744   -0.979  -7.675  1.00 45.24  ? 1843 MET A C   1 
ATOM   397 O O   . MET A 1 50  ? 3.562   -0.291  -8.685  1.00 48.68  ? 1843 MET A O   1 
ATOM   398 C CB  . MET A 1 50  ? 2.100   -0.614  -5.821  1.00 44.05  ? 1843 MET A CB  1 
ATOM   399 C CG  . MET A 1 50  ? 0.794   -1.011  -5.155  1.00 39.01  ? 1843 MET A CG  1 
ATOM   400 S SD  . MET A 1 50  ? 0.470   -0.002  -3.701  1.00 43.37  ? 1843 MET A SD  1 
ATOM   401 C CE  . MET A 1 50  ? 0.228   1.610   -4.443  1.00 44.77  ? 1843 MET A CE  1 
ATOM   402 N N   . ARG A 1 51  ? 4.966   -1.235  -7.197  1.00 48.50  ? 1844 ARG A N   1 
ATOM   403 C CA  . ARG A 1 51  ? 6.154   -0.758  -7.900  1.00 46.86  ? 1844 ARG A CA  1 
ATOM   404 C C   . ARG A 1 51  ? 6.298   -1.451  -9.248  1.00 51.49  ? 1844 ARG A C   1 
ATOM   405 O O   . ARG A 1 51  ? 6.528   -0.797  -10.273 1.00 48.72  ? 1844 ARG A O   1 
ATOM   406 C CB  . ARG A 1 51  ? 7.402   -0.976  -7.040  1.00 40.55  ? 1844 ARG A CB  1 
ATOM   407 C CG  . ARG A 1 51  ? 8.721   -0.819  -7.782  1.00 39.19  ? 1844 ARG A CG  1 
ATOM   408 C CD  . ARG A 1 51  ? 8.939   0.612   -8.254  1.00 44.21  ? 1844 ARG A CD  1 
ATOM   409 N NE  . ARG A 1 51  ? 9.166   1.542   -7.147  1.00 39.45  ? 1844 ARG A NE  1 
ATOM   410 C CZ  . ARG A 1 51  ? 9.071   2.864   -7.256  1.00 42.29  ? 1844 ARG A CZ  1 
ATOM   411 N NH1 . ARG A 1 51  ? 8.749   3.411   -8.422  1.00 40.96  ? 1844 ARG A NH1 1 
ATOM   412 N NH2 . ARG A 1 51  ? 9.288   3.641   -6.200  1.00 39.48  ? 1844 ARG A NH2 1 
ATOM   413 N N   . GLU A 1 52  ? 6.155   -2.782  -9.262  1.00 50.86  ? 1845 GLU A N   1 
ATOM   414 C CA  . GLU A 1 52  ? 6.163   -3.531  -10.513 1.00 39.67  ? 1845 GLU A CA  1 
ATOM   415 C C   . GLU A 1 52  ? 5.185   -2.929  -11.506 1.00 46.11  ? 1845 GLU A C   1 
ATOM   416 O O   . GLU A 1 52  ? 5.543   -2.631  -12.648 1.00 57.41  ? 1845 GLU A O   1 
ATOM   417 C CB  . GLU A 1 52  ? 5.798   -4.990  -10.259 1.00 49.32  ? 1845 GLU A CB  1 
ATOM   418 C CG  . GLU A 1 52  ? 6.867   -5.850  -9.635  1.00 49.44  ? 1845 GLU A CG  1 
ATOM   419 C CD  . GLU A 1 52  ? 6.455   -7.312  -9.639  1.00 71.59  ? 1845 GLU A CD  1 
ATOM   420 O OE1 . GLU A 1 52  ? 5.976   -7.787  -10.696 1.00 73.58  ? 1845 GLU A OE1 1 
ATOM   421 O OE2 . GLU A 1 52  ? 6.586   -7.982  -8.590  1.00 68.18  ? 1845 GLU A OE2 1 
ATOM   422 N N   . ARG A 1 53  ? 3.936   -2.742  -11.075 1.00 49.42  ? 1846 ARG A N   1 
ATOM   423 C CA  . ARG A 1 53  ? 2.912   -2.231  -11.981 1.00 49.90  ? 1846 ARG A CA  1 
ATOM   424 C C   . ARG A 1 53  ? 3.233   -0.817  -12.434 1.00 53.29  ? 1846 ARG A C   1 
ATOM   425 O O   . ARG A 1 53  ? 3.047   -0.479  -13.608 1.00 58.29  ? 1846 ARG A O   1 
ATOM   426 C CB  . ARG A 1 53  ? 1.541   -2.269  -11.311 1.00 53.20  ? 1846 ARG A CB  1 
ATOM   427 C CG  . ARG A 1 53  ? 0.961   -3.657  -11.161 1.00 55.24  ? 1846 ARG A CG  1 
ATOM   428 C CD  . ARG A 1 53  ? -0.484  -3.584  -10.702 1.00 59.71  ? 1846 ARG A CD  1 
ATOM   429 N NE  . ARG A 1 53  ? -0.964  -4.873  -10.210 1.00 65.51  ? 1846 ARG A NE  1 
ATOM   430 C CZ  . ARG A 1 53  ? -2.017  -5.024  -9.410  1.00 63.48  ? 1846 ARG A CZ  1 
ATOM   431 N NH1 . ARG A 1 53  ? -2.706  -3.961  -9.000  1.00 52.11  ? 1846 ARG A NH1 1 
ATOM   432 N NH2 . ARG A 1 53  ? -2.379  -6.243  -9.021  1.00 59.51  ? 1846 ARG A NH2 1 
ATOM   433 N N   . LEU A 1 54  ? 3.706   0.029   -11.515 1.00 52.59  ? 1847 LEU A N   1 
ATOM   434 C CA  . LEU A 1 54  ? 4.036   1.399   -11.887 1.00 51.06  ? 1847 LEU A CA  1 
ATOM   435 C C   . LEU A 1 54  ? 5.218   1.440   -12.847 1.00 55.37  ? 1847 LEU A C   1 
ATOM   436 O O   . LEU A 1 54  ? 5.266   2.291   -13.743 1.00 53.12  ? 1847 LEU A O   1 
ATOM   437 C CB  . LEU A 1 54  ? 4.327   2.228   -10.638 1.00 49.70  ? 1847 LEU A CB  1 
ATOM   438 C CG  . LEU A 1 54  ? 4.568   3.717   -10.884 1.00 45.36  ? 1847 LEU A CG  1 
ATOM   439 C CD1 . LEU A 1 54  ? 3.341   4.335   -11.522 1.00 46.42  ? 1847 LEU A CD1 1 
ATOM   440 C CD2 . LEU A 1 54  ? 4.919   4.434   -9.586  1.00 46.56  ? 1847 LEU A CD2 1 
ATOM   441 N N   . LEU A 1 55  ? 6.178   0.525   -12.681 1.00 53.43  ? 1848 LEU A N   1 
ATOM   442 C CA  . LEU A 1 55  ? 7.350   0.515   -13.554 1.00 55.82  ? 1848 LEU A CA  1 
ATOM   443 C C   . LEU A 1 55  ? 6.977   0.121   -14.975 1.00 59.71  ? 1848 LEU A C   1 
ATOM   444 O O   . LEU A 1 55  ? 7.499   0.684   -15.941 1.00 69.61  ? 1848 LEU A O   1 
ATOM   445 C CB  . LEU A 1 55  ? 8.419   -0.431  -13.005 1.00 48.41  ? 1848 LEU A CB  1 
ATOM   446 C CG  . LEU A 1 55  ? 9.295   0.083   -11.859 1.00 51.25  ? 1848 LEU A CG  1 
ATOM   447 C CD1 . LEU A 1 55  ? 10.380  -0.932  -11.530 1.00 47.34  ? 1848 LEU A CD1 1 
ATOM   448 C CD2 . LEU A 1 55  ? 9.905   1.441   -12.197 1.00 48.31  ? 1848 LEU A CD2 1 
ATOM   449 N N   . ARG A 1 56  ? 6.077   -0.844  -15.125 1.00 55.43  ? 1849 ARG A N   1 
ATOM   450 C CA  . ARG A 1 56  ? 5.637   -1.295  -16.435 1.00 54.23  ? 1849 ARG A CA  1 
ATOM   451 C C   . ARG A 1 56  ? 4.416   -0.539  -16.939 1.00 55.13  ? 1849 ARG A C   1 
ATOM   452 O O   . ARG A 1 56  ? 3.697   -1.055  -17.802 1.00 72.11  ? 1849 ARG A O   1 
ATOM   453 C CB  . ARG A 1 56  ? 5.350   -2.797  -16.401 1.00 52.53  ? 1849 ARG A CB  1 
ATOM   454 C CG  . ARG A 1 56  ? 6.433   -3.589  -15.702 1.00 54.21  ? 1849 ARG A CG  1 
ATOM   455 C CD  . ARG A 1 56  ? 5.950   -4.993  -15.372 1.00 58.33  ? 1849 ARG A CD  1 
ATOM   456 N NE  . ARG A 1 56  ? 5.096   -5.527  -16.428 1.00 63.96  ? 1849 ARG A NE  1 
ATOM   457 C CZ  . ARG A 1 56  ? 5.001   -6.820  -16.725 1.00 64.80  ? 1849 ARG A CZ  1 
ATOM   458 N NH1 . ARG A 1 56  ? 4.199   -7.224  -17.705 1.00 67.45  ? 1849 ARG A NH1 1 
ATOM   459 N NH2 . ARG A 1 56  ? 5.711   -7.713  -16.043 1.00 67.75  ? 1849 ARG A NH2 1 
ATOM   460 N N   . GLY A 1 57  ? 4.158   0.654   -16.412 1.00 56.80  ? 1850 GLY A N   1 
ATOM   461 C CA  . GLY A 1 57  ? 3.058   1.466   -16.892 1.00 60.61  ? 1850 GLY A CA  1 
ATOM   462 C C   . GLY A 1 57  ? 1.671   0.942   -16.594 1.00 67.11  ? 1850 GLY A C   1 
ATOM   463 O O   . GLY A 1 57  ? 0.701   1.417   -17.191 1.00 75.69  ? 1850 GLY A O   1 
ATOM   464 N N   . GLY A 1 58  ? 1.540   -0.009  -15.669 1.00 64.57  ? 1851 GLY A N   1 
ATOM   465 C CA  . GLY A 1 58  ? 0.270   -0.650  -15.381 1.00 60.17  ? 1851 GLY A CA  1 
ATOM   466 C C   . GLY A 1 58  ? -0.830  0.242   -14.838 1.00 63.14  ? 1851 GLY A C   1 
ATOM   467 O O   . GLY A 1 58  ? -1.961  -0.228  -14.693 1.00 70.62  ? 1851 GLY A O   1 
ATOM   468 N N   . TYR A 1 59  ? -0.552  1.501   -14.527 1.00 61.21  ? 1852 TYR A N   1 
ATOM   469 C CA  . TYR A 1 59  ? -1.574  2.438   -14.083 1.00 67.47  ? 1852 TYR A CA  1 
ATOM   470 C C   . TYR A 1 59  ? -1.874  3.475   -15.154 1.00 68.69  ? 1852 TYR A C   1 
ATOM   471 O O   . TYR A 1 59  ? -0.959  4.147   -15.641 1.00 76.57  ? 1852 TYR A O   1 
ATOM   472 C CB  . TYR A 1 59  ? -1.100  3.121   -12.796 1.00 69.14  ? 1852 TYR A CB  1 
ATOM   473 C CG  . TYR A 1 59  ? -0.907  2.195   -11.617 1.00 60.18  ? 1852 TYR A CG  1 
ATOM   474 C CD1 . TYR A 1 59  ? -1.977  1.509   -11.058 1.00 59.91  ? 1852 TYR A CD1 1 
ATOM   475 C CD2 . TYR A 1 59  ? 0.348   2.017   -11.054 1.00 57.17  ? 1852 TYR A CD2 1 
ATOM   476 C CE1 . TYR A 1 59  ? -1.798  0.667   -9.977  1.00 50.86  ? 1852 TYR A CE1 1 
ATOM   477 C CE2 . TYR A 1 59  ? 0.536   1.178   -9.979  1.00 49.35  ? 1852 TYR A CE2 1 
ATOM   478 C CZ  . TYR A 1 59  ? -0.536  0.510   -9.443  1.00 44.79  ? 1852 TYR A CZ  1 
ATOM   479 O OH  . TYR A 1 59  ? -0.335  -0.320  -8.371  1.00 50.16  ? 1852 TYR A OH  1 
ATOM   480 N N   . THR A 1 60  ? -3.147  3.607   -15.518 1.00 68.15  ? 1853 THR A N   1 
ATOM   481 C CA  . THR A 1 60  ? -3.548  4.607   -16.496 1.00 67.28  ? 1853 THR A CA  1 
ATOM   482 C C   . THR A 1 60  ? -3.866  5.957   -15.872 1.00 73.44  ? 1853 THR A C   1 
ATOM   483 O O   . THR A 1 60  ? -4.062  6.930   -16.609 1.00 74.41  ? 1853 THR A O   1 
ATOM   484 C CB  . THR A 1 60  ? -4.770  4.127   -17.283 1.00 67.36  ? 1853 THR A CB  1 
ATOM   485 O OG1 . THR A 1 60  ? -5.962  4.497   -16.577 1.00 66.86  ? 1853 THR A OG1 1 
ATOM   486 C CG2 . THR A 1 60  ? -4.730  2.617   -17.458 1.00 56.09  ? 1853 THR A CG2 1 
ATOM   487 N N   . SER A 1 61  ? -3.929  6.041   -14.545 1.00 76.41  ? 1854 SER A N   1 
ATOM   488 C CA  . SER A 1 61  ? -4.210  7.299   -13.866 1.00 71.60  ? 1854 SER A CA  1 
ATOM   489 C C   . SER A 1 61  ? -3.813  7.158   -12.406 1.00 70.91  ? 1854 SER A C   1 
ATOM   490 O O   . SER A 1 61  ? -3.556  6.058   -11.911 1.00 63.69  ? 1854 SER A O   1 
ATOM   491 C CB  . SER A 1 61  ? -5.687  7.691   -13.976 1.00 67.93  ? 1854 SER A CB  1 
ATOM   492 O OG  . SER A 1 61  ? -6.459  6.990   -13.018 1.00 63.95  ? 1854 SER A OG  1 
ATOM   493 N N   . SER A 1 62  ? -3.781  8.297   -11.713 1.00 71.81  ? 1855 SER A N   1 
ATOM   494 C CA  . SER A 1 62  ? -3.476  8.278   -10.291 1.00 66.46  ? 1855 SER A CA  1 
ATOM   495 C C   . SER A 1 62  ? -4.605  7.669   -9.470  1.00 64.73  ? 1855 SER A C   1 
ATOM   496 O O   . SER A 1 62  ? -4.370  7.254   -8.332  1.00 63.44  ? 1855 SER A O   1 
ATOM   497 C CB  . SER A 1 62  ? -3.181  9.693   -9.801  1.00 62.25  ? 1855 SER A CB  1 
ATOM   498 O OG  . SER A 1 62  ? -4.353  10.479  -9.823  1.00 72.60  ? 1855 SER A OG  1 
ATOM   499 N N   . GLU A 1 63  ? -5.818  7.603   -10.017 1.00 65.88  ? 1856 GLU A N   1 
ATOM   500 C CA  . GLU A 1 63  ? -6.937  7.020   -9.280  1.00 59.31  ? 1856 GLU A CA  1 
ATOM   501 C C   . GLU A 1 63  ? -6.699  5.540   -9.016  1.00 53.83  ? 1856 GLU A C   1 
ATOM   502 O O   . GLU A 1 63  ? -6.798  5.078   -7.874  1.00 53.40  ? 1856 GLU A O   1 
ATOM   503 C CB  . GLU A 1 63  ? -8.239  7.228   -10.055 1.00 62.40  ? 1856 GLU A CB  1 
ATOM   504 C CG  . GLU A 1 63  ? -8.939  8.552   -9.752  1.00 75.96  ? 1856 GLU A CG  1 
ATOM   505 C CD  . GLU A 1 63  ? -8.262  9.745   -10.415 1.00 77.11  ? 1856 GLU A CD  1 
ATOM   506 O OE1 . GLU A 1 63  ? -7.858  10.681  -9.690  1.00 71.92  ? 1856 GLU A OE1 1 
ATOM   507 O OE2 . GLU A 1 63  ? -8.129  9.748   -11.658 1.00 78.85  ? 1856 GLU A OE2 1 
ATOM   508 N N   . GLU A 1 64  ? -6.381  4.778   -10.068 1.00 54.90  ? 1857 GLU A N   1 
ATOM   509 C CA  . GLU A 1 64  ? -6.116  3.354   -9.904  1.00 51.44  ? 1857 GLU A CA  1 
ATOM   510 C C   . GLU A 1 64  ? -4.930  3.107   -8.984  1.00 55.74  ? 1857 GLU A C   1 
ATOM   511 O O   . GLU A 1 64  ? -4.887  2.084   -8.287  1.00 47.22  ? 1857 GLU A O   1 
ATOM   512 C CB  . GLU A 1 64  ? -5.867  2.719   -11.267 1.00 57.15  ? 1857 GLU A CB  1 
ATOM   513 C CG  . GLU A 1 64  ? -6.814  3.207   -12.342 1.00 63.33  ? 1857 GLU A CG  1 
ATOM   514 C CD  . GLU A 1 64  ? -6.535  2.576   -13.684 1.00 74.36  ? 1857 GLU A CD  1 
ATOM   515 O OE1 . GLU A 1 64  ? -7.386  2.718   -14.589 1.00 81.49  ? 1857 GLU A OE1 1 
ATOM   516 O OE2 . GLU A 1 64  ? -5.469  1.943   -13.834 1.00 76.42  ? 1857 GLU A OE2 1 
ATOM   517 N N   . PHE A 1 65  ? -3.957  4.022   -8.973  1.00 54.08  ? 1858 PHE A N   1 
ATOM   518 C CA  . PHE A 1 65  ? -2.844  3.900   -8.040  1.00 48.13  ? 1858 PHE A CA  1 
ATOM   519 C C   . PHE A 1 65  ? -3.336  3.990   -6.604  1.00 46.61  ? 1858 PHE A C   1 
ATOM   520 O O   . PHE A 1 65  ? -3.012  3.136   -5.770  1.00 50.23  ? 1858 PHE A O   1 
ATOM   521 C CB  . PHE A 1 65  ? -1.797  4.978   -8.316  1.00 49.69  ? 1858 PHE A CB  1 
ATOM   522 C CG  . PHE A 1 65  ? -0.633  4.952   -7.362  1.00 46.48  ? 1858 PHE A CG  1 
ATOM   523 C CD1 . PHE A 1 65  ? -0.582  5.819   -6.284  1.00 40.62  ? 1858 PHE A CD1 1 
ATOM   524 C CD2 . PHE A 1 65  ? 0.408   4.056   -7.543  1.00 45.71  ? 1858 PHE A CD2 1 
ATOM   525 C CE1 . PHE A 1 65  ? 0.486   5.795   -5.409  1.00 41.65  ? 1858 PHE A CE1 1 
ATOM   526 C CE2 . PHE A 1 65  ? 1.482   4.031   -6.670  1.00 43.34  ? 1858 PHE A CE2 1 
ATOM   527 C CZ  . PHE A 1 65  ? 1.519   4.904   -5.601  1.00 41.94  ? 1858 PHE A CZ  1 
ATOM   528 N N   . ALA A 1 66  ? -4.128  5.021   -6.297  1.00 46.58  ? 1859 ALA A N   1 
ATOM   529 C CA  . ALA A 1 66  ? -4.661  5.164   -4.947  1.00 46.94  ? 1859 ALA A CA  1 
ATOM   530 C C   . ALA A 1 66  ? -5.540  3.984   -4.571  1.00 40.52  ? 1859 ALA A C   1 
ATOM   531 O O   . ALA A 1 66  ? -5.626  3.626   -3.390  1.00 39.68  ? 1859 ALA A O   1 
ATOM   532 C CB  . ALA A 1 66  ? -5.444  6.470   -4.819  1.00 50.27  ? 1859 ALA A CB  1 
ATOM   533 N N   . ALA A 1 67  ? -6.191  3.363   -5.558  1.00 40.84  ? 1860 ALA A N   1 
ATOM   534 C CA  . ALA A 1 67  ? -6.968  2.159   -5.286  1.00 37.68  ? 1860 ALA A CA  1 
ATOM   535 C C   . ALA A 1 67  ? -6.084  1.062   -4.715  1.00 38.57  ? 1860 ALA A C   1 
ATOM   536 O O   . ALA A 1 67  ? -6.430  0.436   -3.707  1.00 41.82  ? 1860 ALA A O   1 
ATOM   537 C CB  . ALA A 1 67  ? -7.668  1.683   -6.556  1.00 39.60  ? 1860 ALA A CB  1 
ATOM   538 N N   . ASP A 1 68  ? -4.925  0.826   -5.335  1.00 45.06  ? 1861 ASP A N   1 
ATOM   539 C CA  . ASP A 1 68  ? -4.025  -0.211  -4.833  1.00 39.76  ? 1861 ASP A CA  1 
ATOM   540 C C   . ASP A 1 68  ? -3.458  0.161   -3.467  1.00 38.50  ? 1861 ASP A C   1 
ATOM   541 O O   . ASP A 1 68  ? -3.322  -0.701  -2.592  1.00 35.14  ? 1861 ASP A O   1 
ATOM   542 C CB  . ASP A 1 68  ? -2.901  -0.464  -5.837  1.00 39.96  ? 1861 ASP A CB  1 
ATOM   543 C CG  . ASP A 1 68  ? -3.260  -1.530  -6.857  1.00 49.03  ? 1861 ASP A CG  1 
ATOM   544 O OD1 . ASP A 1 68  ? -4.232  -2.277  -6.619  1.00 43.95  ? 1861 ASP A OD1 1 
ATOM   545 O OD2 . ASP A 1 68  ? -2.567  -1.627  -7.894  1.00 53.72  ? 1861 ASP A OD2 1 
ATOM   546 N N   . ALA A 1 69  ? -3.136  1.439   -3.259  1.00 34.35  ? 1862 ALA A N   1 
ATOM   547 C CA  . ALA A 1 69  ? -2.627  1.862   -1.959  1.00 36.92  ? 1862 ALA A CA  1 
ATOM   548 C C   . ALA A 1 69  ? -3.667  1.647   -0.867  1.00 37.15  ? 1862 ALA A C   1 
ATOM   549 O O   . ALA A 1 69  ? -3.382  1.030   0.166   1.00 33.80  ? 1862 ALA A O   1 
ATOM   550 C CB  . ALA A 1 69  ? -2.195  3.327   -2.014  1.00 38.93  ? 1862 ALA A CB  1 
ATOM   551 N N   . LEU A 1 70  ? -4.889  2.143   -1.084  1.00 37.23  ? 1863 LEU A N   1 
ATOM   552 C CA  . LEU A 1 70  ? -5.932  1.976   -0.078  1.00 36.29  ? 1863 LEU A CA  1 
ATOM   553 C C   . LEU A 1 70  ? -6.275  0.507   0.124   1.00 35.28  ? 1863 LEU A C   1 
ATOM   554 O O   . LEU A 1 70  ? -6.725  0.119   1.209   1.00 34.17  ? 1863 LEU A O   1 
ATOM   555 C CB  . LEU A 1 70  ? -7.179  2.774   -0.464  1.00 32.03  ? 1863 LEU A CB  1 
ATOM   556 C CG  . LEU A 1 70  ? -7.010  4.299   -0.488  1.00 33.96  ? 1863 LEU A CG  1 
ATOM   557 C CD1 . LEU A 1 70  ? -8.344  4.999   -0.711  1.00 32.24  ? 1863 LEU A CD1 1 
ATOM   558 C CD2 . LEU A 1 70  ? -6.337  4.810   0.779   1.00 33.93  ? 1863 LEU A CD2 1 
ATOM   559 N N   . LEU A 1 71  ? -6.052  -0.325  -0.893  1.00 28.77  ? 1864 LEU A N   1 
ATOM   560 C CA  . LEU A 1 71  ? -6.270  -1.757  -0.718  1.00 30.81  ? 1864 LEU A CA  1 
ATOM   561 C C   . LEU A 1 71  ? -5.241  -2.360  0.227   1.00 34.99  ? 1864 LEU A C   1 
ATOM   562 O O   . LEU A 1 71  ? -5.572  -3.267  1.002   1.00 31.18  ? 1864 LEU A O   1 
ATOM   563 C CB  . LEU A 1 71  ? -6.236  -2.465  -2.071  1.00 34.81  ? 1864 LEU A CB  1 
ATOM   564 C CG  . LEU A 1 71  ? -6.229  -3.991  -2.110  1.00 34.18  ? 1864 LEU A CG  1 
ATOM   565 C CD1 . LEU A 1 71  ? -7.464  -4.578  -1.430  1.00 28.58  ? 1864 LEU A CD1 1 
ATOM   566 C CD2 . LEU A 1 71  ? -6.135  -4.431  -3.559  1.00 29.93  ? 1864 LEU A CD2 1 
ATOM   567 N N   . VAL A 1 72  ? -3.998  -1.862  0.188   1.00 31.44  ? 1865 VAL A N   1 
ATOM   568 C CA  . VAL A 1 72  ? -2.998  -2.306  1.154   1.00 32.34  ? 1865 VAL A CA  1 
ATOM   569 C C   . VAL A 1 72  ? -3.497  -2.075  2.573   1.00 34.09  ? 1865 VAL A C   1 
ATOM   570 O O   . VAL A 1 72  ? -3.405  -2.960  3.435   1.00 33.93  ? 1865 VAL A O   1 
ATOM   571 C CB  . VAL A 1 72  ? -1.649  -1.598  0.913   1.00 31.27  ? 1865 VAL A CB  1 
ATOM   572 C CG1 . VAL A 1 72  ? -0.631  -2.050  1.946   1.00 31.39  ? 1865 VAL A CG1 1 
ATOM   573 C CG2 . VAL A 1 72  ? -1.129  -1.859  -0.491  1.00 33.65  ? 1865 VAL A CG2 1 
ATOM   574 N N   . PHE A 1 73  ? -4.057  -0.894  2.836   1.00 26.65  ? 1866 PHE A N   1 
ATOM   575 C CA  . PHE A 1 73  ? -4.414  -0.560  4.206   1.00 31.12  ? 1866 PHE A CA  1 
ATOM   576 C C   . PHE A 1 73  ? -5.760  -1.147  4.600   1.00 33.63  ? 1866 PHE A C   1 
ATOM   577 O O   . PHE A 1 73  ? -5.973  -1.454  5.779   1.00 31.00  ? 1866 PHE A O   1 
ATOM   578 C CB  . PHE A 1 73  ? -4.379  0.959   4.387   1.00 29.51  ? 1866 PHE A CB  1 
ATOM   579 C CG  . PHE A 1 73  ? -3.093  1.566   3.914   1.00 32.57  ? 1866 PHE A CG  1 
ATOM   580 C CD1 . PHE A 1 73  ? -1.877  1.085   4.380   1.00 29.68  ? 1866 PHE A CD1 1 
ATOM   581 C CD2 . PHE A 1 73  ? -3.091  2.557   2.952   1.00 31.10  ? 1866 PHE A CD2 1 
ATOM   582 C CE1 . PHE A 1 73  ? -0.692  1.611   3.921   1.00 26.97  ? 1866 PHE A CE1 1 
ATOM   583 C CE2 . PHE A 1 73  ? -1.907  3.087   2.492   1.00 29.63  ? 1866 PHE A CE2 1 
ATOM   584 C CZ  . PHE A 1 73  ? -0.705  2.614   2.979   1.00 26.46  ? 1866 PHE A CZ  1 
ATOM   585 N N   . ASP A 1 74  ? -6.668  -1.326  3.637   1.00 30.78  ? 1867 ASP A N   1 
ATOM   586 C CA  . ASP A 1 74  ? -7.901  -2.044  3.934   1.00 32.27  ? 1867 ASP A CA  1 
ATOM   587 C C   . ASP A 1 74  ? -7.607  -3.494  4.308   1.00 32.36  ? 1867 ASP A C   1 
ATOM   588 O O   . ASP A 1 74  ? -8.149  -4.008  5.297   1.00 32.54  ? 1867 ASP A O   1 
ATOM   589 C CB  . ASP A 1 74  ? -8.863  -1.964  2.746   1.00 33.43  ? 1867 ASP A CB  1 
ATOM   590 C CG  . ASP A 1 74  ? -9.454  -0.568  2.563   1.00 38.62  ? 1867 ASP A CG  1 
ATOM   591 O OD1 . ASP A 1 74  ? -9.542  0.188   3.560   1.00 41.19  ? 1867 ASP A OD1 1 
ATOM   592 O OD2 . ASP A 1 74  ? -9.830  -0.224  1.423   1.00 35.45  ? 1867 ASP A OD2 1 
ATOM   593 N N   . ASN A 1 75  ? -6.725  -4.159  3.552   1.00 30.25  ? 1868 ASN A N   1 
ATOM   594 C CA  . ASN A 1 75  ? -6.336  -5.521  3.907   1.00 30.81  ? 1868 ASN A CA  1 
ATOM   595 C C   . ASN A 1 75  ? -5.684  -5.560  5.282   1.00 30.61  ? 1868 ASN A C   1 
ATOM   596 O O   . ASN A 1 75  ? -5.942  -6.473  6.074   1.00 34.02  ? 1868 ASN A O   1 
ATOM   597 C CB  . ASN A 1 75  ? -5.386  -6.105  2.859   1.00 30.88  ? 1868 ASN A CB  1 
ATOM   598 C CG  . ASN A 1 75  ? -6.048  -6.304  1.504   1.00 31.04  ? 1868 ASN A CG  1 
ATOM   599 O OD1 . ASN A 1 75  ? -7.246  -6.562  1.416   1.00 36.91  ? 1868 ASN A OD1 1 
ATOM   600 N ND2 . ASN A 1 75  ? -5.263  -6.178  0.438   1.00 33.52  ? 1868 ASN A ND2 1 
ATOM   601 N N   . CYS A 1 76  ? -4.837  -4.572  5.587   1.00 30.67  ? 1869 CYS A N   1 
ATOM   602 C CA  . CYS A 1 76  ? -4.168  -4.549  6.884   1.00 34.05  ? 1869 CYS A CA  1 
ATOM   603 C C   . CYS A 1 76  ? -5.177  -4.479  8.023   1.00 34.33  ? 1869 CYS A C   1 
ATOM   604 O O   . CYS A 1 76  ? -5.090  -5.240  8.995   1.00 35.21  ? 1869 CYS A O   1 
ATOM   605 C CB  . CYS A 1 76  ? -3.192  -3.376  6.963   1.00 29.76  ? 1869 CYS A CB  1 
ATOM   606 S SG  . CYS A 1 76  ? -2.383  -3.216  8.584   1.00 38.01  ? 1869 CYS A SG  1 
ATOM   607 N N   . GLN A 1 77  ? -6.150  -3.573  7.919   1.00 33.72  ? 1870 GLN A N   1 
ATOM   608 C CA  . GLN A 1 77  ? -7.164  -3.465  8.963   1.00 34.17  ? 1870 GLN A CA  1 
ATOM   609 C C   . GLN A 1 77  ? -8.074  -4.685  9.004   1.00 31.27  ? 1870 GLN A C   1 
ATOM   610 O O   . GLN A 1 77  ? -8.520  -5.081  10.088  1.00 28.25  ? 1870 GLN A O   1 
ATOM   611 C CB  . GLN A 1 77  ? -7.988  -2.202  8.768   1.00 29.65  ? 1870 GLN A CB  1 
ATOM   612 C CG  . GLN A 1 77  ? -7.276  -0.942  9.177   1.00 27.68  ? 1870 GLN A CG  1 
ATOM   613 C CD  . GLN A 1 77  ? -7.888  0.264   8.528   1.00 27.46  ? 1870 GLN A CD  1 
ATOM   614 O OE1 . GLN A 1 77  ? -8.563  1.057   9.182   1.00 38.00  ? 1870 GLN A OE1 1 
ATOM   615 N NE2 . GLN A 1 77  ? -7.676  0.407   7.226   1.00 29.79  ? 1870 GLN A NE2 1 
ATOM   616 N N   . THR A 1 78  ? -8.368  -5.288  7.847   1.00 27.98  ? 1871 THR A N   1 
ATOM   617 C CA  . THR A 1 78  ? -9.150  -6.522  7.850   1.00 29.42  ? 1871 THR A CA  1 
ATOM   618 C C   . THR A 1 78  ? -8.459  -7.600  8.670   1.00 30.25  ? 1871 THR A C   1 
ATOM   619 O O   . THR A 1 78  ? -9.081  -8.245  9.523   1.00 32.74  ? 1871 THR A O   1 
ATOM   620 C CB  . THR A 1 78  ? -9.379  -7.027  6.427   1.00 27.72  ? 1871 THR A CB  1 
ATOM   621 O OG1 . THR A 1 78  ? -10.056 -6.032  5.658   1.00 31.89  ? 1871 THR A OG1 1 
ATOM   622 C CG2 . THR A 1 78  ? -10.217 -8.279  6.453   1.00 26.73  ? 1871 THR A CG2 1 
ATOM   623 N N   . PHE A 1 79  ? -7.159  -7.788  8.447   1.00 31.85  ? 1872 PHE A N   1 
ATOM   624 C CA  . PHE A 1 79  ? -6.463  -8.938  9.008   1.00 35.43  ? 1872 PHE A CA  1 
ATOM   625 C C   . PHE A 1 79  ? -5.855  -8.687  10.378  1.00 30.20  ? 1872 PHE A C   1 
ATOM   626 O O   . PHE A 1 79  ? -5.791  -9.612  11.191  1.00 32.70  ? 1872 PHE A O   1 
ATOM   627 C CB  . PHE A 1 79  ? -5.355  -9.418  8.065   1.00 33.88  ? 1872 PHE A CB  1 
ATOM   628 C CG  . PHE A 1 79  ? -4.726  -10.704 8.504   1.00 32.73  ? 1872 PHE A CG  1 
ATOM   629 C CD1 . PHE A 1 79  ? -5.387  -11.911 8.312   1.00 31.09  ? 1872 PHE A CD1 1 
ATOM   630 C CD2 . PHE A 1 79  ? -3.494  -10.711 9.138   1.00 33.55  ? 1872 PHE A CD2 1 
ATOM   631 C CE1 . PHE A 1 79  ? -4.827  -13.096 8.731   1.00 28.98  ? 1872 PHE A CE1 1 
ATOM   632 C CE2 . PHE A 1 79  ? -2.927  -11.901 9.561   1.00 31.48  ? 1872 PHE A CE2 1 
ATOM   633 C CZ  . PHE A 1 79  ? -3.594  -13.091 9.358   1.00 32.37  ? 1872 PHE A CZ  1 
ATOM   634 N N   . ASN A 1 80  ? -5.384  -7.481  10.661  1.00 33.73  ? 1873 ASN A N   1 
ATOM   635 C CA  . ASN A 1 80  ? -4.663  -7.228  11.899  1.00 37.57  ? 1873 ASN A CA  1 
ATOM   636 C C   . ASN A 1 80  ? -5.476  -6.337  12.829  1.00 33.81  ? 1873 ASN A C   1 
ATOM   637 O O   . ASN A 1 80  ? -6.161  -5.413  12.379  1.00 33.86  ? 1873 ASN A O   1 
ATOM   638 C CB  . ASN A 1 80  ? -3.305  -6.598  11.602  1.00 37.75  ? 1873 ASN A CB  1 
ATOM   639 C CG  . ASN A 1 80  ? -2.481  -7.443  10.650  1.00 38.02  ? 1873 ASN A CG  1 
ATOM   640 O OD1 . ASN A 1 80  ? -1.845  -8.419  11.061  1.00 37.36  ? 1873 ASN A OD1 1 
ATOM   641 N ND2 . ASN A 1 80  ? -2.505  -7.087  9.363   1.00 28.50  ? 1873 ASN A ND2 1 
ATOM   642 N N   . GLU A 1 81  ? -5.405  -6.640  14.123  1.00 36.83  ? 1874 GLU A N   1 
ATOM   643 C CA  . GLU A 1 81  ? -6.043  -5.812  15.136  1.00 36.27  ? 1874 GLU A CA  1 
ATOM   644 C C   . GLU A 1 81  ? -5.432  -4.416  15.146  1.00 38.45  ? 1874 GLU A C   1 
ATOM   645 O O   . GLU A 1 81  ? -4.243  -4.233  14.872  1.00 40.27  ? 1874 GLU A O   1 
ATOM   646 C CB  . GLU A 1 81  ? -5.883  -6.438  16.521  1.00 35.81  ? 1874 GLU A CB  1 
ATOM   647 C CG  . GLU A 1 81  ? -6.143  -7.916  16.584  1.00 41.37  ? 1874 GLU A CG  1 
ATOM   648 C CD  . GLU A 1 81  ? -7.236  -8.246  17.565  1.00 56.31  ? 1874 GLU A CD  1 
ATOM   649 O OE1 . GLU A 1 81  ? -8.174  -7.431  17.687  1.00 58.31  ? 1874 GLU A OE1 1 
ATOM   650 O OE2 . GLU A 1 81  ? -7.159  -9.312  18.215  1.00 62.43  ? 1874 GLU A OE2 1 
ATOM   651 N N   . ASP A 1 82  ? -6.257  -3.431  15.502  1.00 37.83  ? 1875 ASP A N   1 
ATOM   652 C CA  . ASP A 1 82  ? -5.801  -2.047  15.499  1.00 30.38  ? 1875 ASP A CA  1 
ATOM   653 C C   . ASP A 1 82  ? -4.643  -1.827  16.464  1.00 32.40  ? 1875 ASP A C   1 
ATOM   654 O O   . ASP A 1 82  ? -3.833  -0.916  16.254  1.00 31.49  ? 1875 ASP A O   1 
ATOM   655 C CB  . ASP A 1 82  ? -6.964  -1.113  15.835  1.00 27.61  ? 1875 ASP A CB  1 
ATOM   656 C CG  . ASP A 1 82  ? -7.973  -0.997  14.703  1.00 27.23  ? 1875 ASP A CG  1 
ATOM   657 O OD1 . ASP A 1 82  ? -7.576  -1.021  13.518  1.00 28.30  ? 1875 ASP A OD1 1 
ATOM   658 O OD2 . ASP A 1 82  ? -9.175  -0.887  14.995  1.00 28.59  ? 1875 ASP A OD2 1 
ATOM   659 N N   . ASP A 1 83  ? -4.527  -2.641  17.514  1.00 35.09  ? 1876 ASP A N   1 
ATOM   660 C CA  . ASP A 1 83  ? -3.423  -2.492  18.458  1.00 41.71  ? 1876 ASP A CA  1 
ATOM   661 C C   . ASP A 1 83  ? -2.312  -3.520  18.253  1.00 43.66  ? 1876 ASP A C   1 
ATOM   662 O O   . ASP A 1 83  ? -1.357  -3.547  19.037  1.00 43.32  ? 1876 ASP A O   1 
ATOM   663 C CB  . ASP A 1 83  ? -3.926  -2.540  19.906  1.00 32.37  ? 1876 ASP A CB  1 
ATOM   664 C CG  . ASP A 1 83  ? -4.733  -3.764  20.218  1.00 39.96  ? 1876 ASP A CG  1 
ATOM   665 O OD1 . ASP A 1 83  ? -4.874  -4.643  19.340  1.00 46.36  ? 1876 ASP A OD1 1 
ATOM   666 O OD2 . ASP A 1 83  ? -5.233  -3.835  21.360  1.00 42.04  ? 1876 ASP A OD2 1 
ATOM   667 N N   . SER A 1 84  ? -2.405  -4.354  17.222  1.00 38.54  ? 1877 SER A N   1 
ATOM   668 C CA  . SER A 1 84  ? -1.273  -5.192  16.861  1.00 39.70  ? 1877 SER A CA  1 
ATOM   669 C C   . SER A 1 84  ? -0.155  -4.336  16.270  1.00 41.27  ? 1877 SER A C   1 
ATOM   670 O O   . SER A 1 84  ? -0.382  -3.212  15.810  1.00 39.30  ? 1877 SER A O   1 
ATOM   671 C CB  . SER A 1 84  ? -1.692  -6.267  15.861  1.00 33.46  ? 1877 SER A CB  1 
ATOM   672 O OG  . SER A 1 84  ? -1.969  -5.695  14.598  1.00 33.98  ? 1877 SER A OG  1 
ATOM   673 N N   . GLU A 1 85  ? 1.064   -4.890  16.280  1.00 36.20  ? 1878 GLU A N   1 
ATOM   674 C CA  . GLU A 1 85  ? 2.220   -4.175  15.740  1.00 32.66  ? 1878 GLU A CA  1 
ATOM   675 C C   . GLU A 1 85  ? 2.025   -3.843  14.265  1.00 38.69  ? 1878 GLU A C   1 
ATOM   676 O O   . GLU A 1 85  ? 2.285   -2.712  13.834  1.00 38.24  ? 1878 GLU A O   1 
ATOM   677 C CB  . GLU A 1 85  ? 3.494   -4.996  15.941  1.00 32.01  ? 1878 GLU A CB  1 
ATOM   678 C CG  . GLU A 1 85  ? 4.028   -4.965  17.357  1.00 37.56  ? 1878 GLU A CG  1 
ATOM   679 C CD  . GLU A 1 85  ? 4.263   -3.547  17.858  1.00 52.45  ? 1878 GLU A CD  1 
ATOM   680 O OE1 . GLU A 1 85  ? 5.117   -2.840  17.278  1.00 54.00  ? 1878 GLU A OE1 1 
ATOM   681 O OE2 . GLU A 1 85  ? 3.585   -3.133  18.825  1.00 50.38  ? 1878 GLU A OE2 1 
ATOM   682 N N   . VAL A 1 86  ? 1.567   -4.820  13.471  1.00 35.46  ? 1879 VAL A N   1 
ATOM   683 C CA  . VAL A 1 86  ? 1.290   -4.557  12.059  1.00 32.23  ? 1879 VAL A CA  1 
ATOM   684 C C   . VAL A 1 86  ? 0.161   -3.546  11.919  1.00 33.98  ? 1879 VAL A C   1 
ATOM   685 O O   . VAL A 1 86  ? 0.226   -2.630  11.087  1.00 33.32  ? 1879 VAL A O   1 
ATOM   686 C CB  . VAL A 1 86  ? 0.973   -5.873  11.317  1.00 36.80  ? 1879 VAL A CB  1 
ATOM   687 C CG1 . VAL A 1 86  ? 0.419   -5.592  9.924   1.00 28.93  ? 1879 VAL A CG1 1 
ATOM   688 C CG2 . VAL A 1 86  ? 2.219   -6.748  11.233  1.00 34.11  ? 1879 VAL A CG2 1 
ATOM   689 N N   . GLY A 1 87  ? -0.886  -3.685  12.740  1.00 37.91  ? 1880 GLY A N   1 
ATOM   690 C CA  . GLY A 1 87  ? -1.989  -2.735  12.698  1.00 31.43  ? 1880 GLY A CA  1 
ATOM   691 C C   . GLY A 1 87  ? -1.552  -1.305  12.963  1.00 33.19  ? 1880 GLY A C   1 
ATOM   692 O O   . GLY A 1 87  ? -1.984  -0.377  12.275  1.00 36.49  ? 1880 GLY A O   1 
ATOM   693 N N   . LYS A 1 88  ? -0.682  -1.106  13.956  1.00 33.83  ? 1881 LYS A N   1 
ATOM   694 C CA  . LYS A 1 88  ? -0.192  0.242   14.224  1.00 31.38  ? 1881 LYS A CA  1 
ATOM   695 C C   . LYS A 1 88  ? 0.600   0.784   13.045  1.00 32.27  ? 1881 LYS A C   1 
ATOM   696 O O   . LYS A 1 88  ? 0.486   1.966   12.702  1.00 32.59  ? 1881 LYS A O   1 
ATOM   697 C CB  . LYS A 1 88  ? 0.647   0.260   15.501  1.00 27.53  ? 1881 LYS A CB  1 
ATOM   698 C CG  . LYS A 1 88  ? -0.041  -0.339  16.693  1.00 29.36  ? 1881 LYS A CG  1 
ATOM   699 C CD  . LYS A 1 88  ? 0.555   0.184   17.980  1.00 33.54  ? 1881 LYS A CD  1 
ATOM   700 C CE  . LYS A 1 88  ? 1.250   -0.913  18.758  1.00 39.72  ? 1881 LYS A CE  1 
ATOM   701 N NZ  . LYS A 1 88  ? 2.470   -0.412  19.455  1.00 54.94  ? 1881 LYS A NZ  1 
ATOM   702 N N   . ALA A 1 89  ? 1.401   -0.062  12.405  1.00 29.30  ? 1882 ALA A N   1 
ATOM   703 C CA  . ALA A 1 89  ? 2.169   0.403   11.259  1.00 25.04  ? 1882 ALA A CA  1 
ATOM   704 C C   . ALA A 1 89  ? 1.252   0.730   10.092  1.00 29.13  ? 1882 ALA A C   1 
ATOM   705 O O   . ALA A 1 89  ? 1.477   1.707   9.367   1.00 31.72  ? 1882 ALA A O   1 
ATOM   706 C CB  . ALA A 1 89  ? 3.214   -0.639  10.857  1.00 23.64  ? 1882 ALA A CB  1 
ATOM   707 N N   . GLY A 1 90  ? 0.200   -0.072  9.902   1.00 32.92  ? 1883 GLY A N   1 
ATOM   708 C CA  . GLY A 1 90  ? -0.752  0.214   8.846   1.00 33.02  ? 1883 GLY A CA  1 
ATOM   709 C C   . GLY A 1 90  ? -1.500  1.512   9.062   1.00 31.61  ? 1883 GLY A C   1 
ATOM   710 O O   . GLY A 1 90  ? -1.829  2.213   8.102   1.00 35.11  ? 1883 GLY A O   1 
ATOM   711 N N   . HIS A 1 91  ? -1.781  1.856   10.316  1.00 30.03  ? 1884 HIS A N   1 
ATOM   712 C CA  . HIS A 1 91  ? -2.429  3.135   10.581  1.00 32.26  ? 1884 HIS A CA  1 
ATOM   713 C C   . HIS A 1 91  ? -1.477  4.296   10.314  1.00 32.90  ? 1884 HIS A C   1 
ATOM   714 O O   . HIS A 1 91  ? -1.873  5.310   9.724   1.00 27.26  ? 1884 HIS A O   1 
ATOM   715 C CB  . HIS A 1 91  ? -2.952  3.160   12.015  1.00 26.82  ? 1884 HIS A CB  1 
ATOM   716 C CG  . HIS A 1 91  ? -4.174  2.321   12.215  1.00 27.50  ? 1884 HIS A CG  1 
ATOM   717 N ND1 . HIS A 1 91  ? -5.310  2.467   11.448  1.00 24.40  ? 1884 HIS A ND1 1 
ATOM   718 C CD2 . HIS A 1 91  ? -4.433  1.317   13.085  1.00 28.13  ? 1884 HIS A CD2 1 
ATOM   719 C CE1 . HIS A 1 91  ? -6.218  1.593   11.843  1.00 27.84  ? 1884 HIS A CE1 1 
ATOM   720 N NE2 . HIS A 1 91  ? -5.711  0.883   12.834  1.00 24.90  ? 1884 HIS A NE2 1 
ATOM   721 N N   . ILE A 1 92  ? -0.214  4.162   10.737  1.00 33.13  ? 1885 ILE A N   1 
ATOM   722 C CA  . ILE A 1 92  ? 0.781   5.192   10.451  1.00 27.89  ? 1885 ILE A CA  1 
ATOM   723 C C   . ILE A 1 92  ? 0.949   5.357   8.948   1.00 34.56  ? 1885 ILE A C   1 
ATOM   724 O O   . ILE A 1 92  ? 1.028   6.482   8.436   1.00 31.60  ? 1885 ILE A O   1 
ATOM   725 C CB  . ILE A 1 92  ? 2.118   4.854   11.137  1.00 29.61  ? 1885 ILE A CB  1 
ATOM   726 C CG1 . ILE A 1 92  ? 1.956   4.886   12.659  1.00 22.18  ? 1885 ILE A CG1 1 
ATOM   727 C CG2 . ILE A 1 92  ? 3.206   5.813   10.688  1.00 25.83  ? 1885 ILE A CG2 1 
ATOM   728 C CD1 . ILE A 1 92  ? 3.181   4.495   13.406  1.00 13.06  ? 1885 ILE A CD1 1 
ATOM   729 N N   . MET A 1 93  ? 0.983   4.237   8.212   1.00 31.06  ? 1886 MET A N   1 
ATOM   730 C CA  . MET A 1 93  ? 1.163   4.308   6.766   1.00 31.57  ? 1886 MET A CA  1 
ATOM   731 C C   . MET A 1 93  ? -0.066  4.882   6.076   1.00 34.29  ? 1886 MET A C   1 
ATOM   732 O O   . MET A 1 93  ? 0.062   5.686   5.144   1.00 37.46  ? 1886 MET A O   1 
ATOM   733 C CB  . MET A 1 93  ? 1.490   2.925   6.197   1.00 32.12  ? 1886 MET A CB  1 
ATOM   734 C CG  . MET A 1 93  ? 2.900   2.426   6.480   1.00 37.42  ? 1886 MET A CG  1 
ATOM   735 S SD  . MET A 1 93  ? 4.205   3.619   6.098   1.00 38.27  ? 1886 MET A SD  1 
ATOM   736 C CE  . MET A 1 93  ? 3.824   4.086   4.405   1.00 27.28  ? 1886 MET A CE  1 
ATOM   737 N N   . ARG A 1 94  ? -1.264  4.469   6.506   1.00 33.83  ? 1887 ARG A N   1 
ATOM   738 C CA  . ARG A 1 94  ? -2.489  4.933   5.860   1.00 32.29  ? 1887 ARG A CA  1 
ATOM   739 C C   . ARG A 1 94  ? -2.686  6.432   6.069   1.00 35.88  ? 1887 ARG A C   1 
ATOM   740 O O   . ARG A 1 94  ? -3.085  7.145   5.141   1.00 36.97  ? 1887 ARG A O   1 
ATOM   741 C CB  . ARG A 1 94  ? -3.691  4.137   6.384   1.00 31.15  ? 1887 ARG A CB  1 
ATOM   742 C CG  . ARG A 1 94  ? -5.047  4.562   5.822   1.00 28.30  ? 1887 ARG A CG  1 
ATOM   743 C CD  . ARG A 1 94  ? -6.211  3.850   6.525   1.00 23.86  ? 1887 ARG A CD  1 
ATOM   744 N NE  . ARG A 1 94  ? -6.090  3.859   7.983   1.00 28.80  ? 1887 ARG A NE  1 
ATOM   745 C CZ  . ARG A 1 94  ? -6.286  4.938   8.741   1.00 32.51  ? 1887 ARG A CZ  1 
ATOM   746 N NH1 . ARG A 1 94  ? -6.605  6.099   8.181   1.00 30.26  ? 1887 ARG A NH1 1 
ATOM   747 N NH2 . ARG A 1 94  ? -6.150  4.865   10.060  1.00 25.23  ? 1887 ARG A NH2 1 
ATOM   748 N N   . ARG A 1 95  ? -2.399  6.934   7.274   1.00 34.87  ? 1888 ARG A N   1 
ATOM   749 C CA  . ARG A 1 95  ? -2.510  8.369   7.513   1.00 34.29  ? 1888 ARG A CA  1 
ATOM   750 C C   . ARG A 1 95  ? -1.473  9.142   6.707   1.00 35.68  ? 1888 ARG A C   1 
ATOM   751 O O   . ARG A 1 95  ? -1.765  10.231  6.200   1.00 43.25  ? 1888 ARG A O   1 
ATOM   752 C CB  . ARG A 1 95  ? -2.372  8.674   9.008   1.00 31.46  ? 1888 ARG A CB  1 
ATOM   753 C CG  . ARG A 1 95  ? -3.601  8.310   9.823   1.00 27.75  ? 1888 ARG A CG  1 
ATOM   754 C CD  . ARG A 1 95  ? -3.546  8.907   11.202  1.00 22.31  ? 1888 ARG A CD  1 
ATOM   755 N NE  . ARG A 1 95  ? -2.575  8.222   12.040  1.00 22.61  ? 1888 ARG A NE  1 
ATOM   756 C CZ  . ARG A 1 95  ? -2.862  7.179   12.807  1.00 28.92  ? 1888 ARG A CZ  1 
ATOM   757 N NH1 . ARG A 1 95  ? -4.098  6.701   12.838  1.00 33.67  ? 1888 ARG A NH1 1 
ATOM   758 N NH2 . ARG A 1 95  ? -1.915  6.612   13.540  1.00 23.74  ? 1888 ARG A NH2 1 
ATOM   759 N N   . PHE A 1 96  ? -0.259  8.601   6.584   1.00 39.94  ? 1889 PHE A N   1 
ATOM   760 C CA  . PHE A 1 96  ? 0.741   9.219   5.717   1.00 35.36  ? 1889 PHE A CA  1 
ATOM   761 C C   . PHE A 1 96  ? 0.239   9.303   4.284   1.00 39.02  ? 1889 PHE A C   1 
ATOM   762 O O   . PHE A 1 96  ? 0.268   10.374  3.666   1.00 40.54  ? 1889 PHE A O   1 
ATOM   763 C CB  . PHE A 1 96  ? 2.060   8.442   5.776   1.00 31.20  ? 1889 PHE A CB  1 
ATOM   764 C CG  . PHE A 1 96  ? 3.099   8.940   4.807   1.00 37.35  ? 1889 PHE A CG  1 
ATOM   765 C CD1 . PHE A 1 96  ? 3.915   10.012  5.137   1.00 42.05  ? 1889 PHE A CD1 1 
ATOM   766 C CD2 . PHE A 1 96  ? 3.262   8.342   3.567   1.00 38.06  ? 1889 PHE A CD2 1 
ATOM   767 C CE1 . PHE A 1 96  ? 4.868   10.487  4.248   1.00 35.46  ? 1889 PHE A CE1 1 
ATOM   768 C CE2 . PHE A 1 96  ? 4.213   8.809   2.673   1.00 39.69  ? 1889 PHE A CE2 1 
ATOM   769 C CZ  . PHE A 1 96  ? 5.016   9.885   3.015   1.00 40.67  ? 1889 PHE A CZ  1 
ATOM   770 N N   . PHE A 1 97  ? -0.243  8.178   3.741   1.00 39.97  ? 1890 PHE A N   1 
ATOM   771 C CA  . PHE A 1 97  ? -0.667  8.155   2.347   1.00 33.68  ? 1890 PHE A CA  1 
ATOM   772 C C   . PHE A 1 97  ? -1.834  9.100   2.106   1.00 40.07  ? 1890 PHE A C   1 
ATOM   773 O O   . PHE A 1 97  ? -1.857  9.831   1.109   1.00 43.91  ? 1890 PHE A O   1 
ATOM   774 C CB  . PHE A 1 97  ? -1.066  6.752   1.902   1.00 32.55  ? 1890 PHE A CB  1 
ATOM   775 C CG  . PHE A 1 97  ? -1.754  6.760   0.575   1.00 36.07  ? 1890 PHE A CG  1 
ATOM   776 C CD1 . PHE A 1 97  ? -1.031  7.003   -0.577  1.00 30.83  ? 1890 PHE A CD1 1 
ATOM   777 C CD2 . PHE A 1 97  ? -3.128  6.632   0.483   1.00 41.74  ? 1890 PHE A CD2 1 
ATOM   778 C CE1 . PHE A 1 97  ? -1.652  7.067   -1.800  1.00 35.24  ? 1890 PHE A CE1 1 
ATOM   779 C CE2 . PHE A 1 97  ? -3.759  6.699   -0.747  1.00 43.95  ? 1890 PHE A CE2 1 
ATOM   780 C CZ  . PHE A 1 97  ? -3.016  6.917   -1.889  1.00 42.48  ? 1890 PHE A CZ  1 
ATOM   781 N N   . GLU A 1 98  ? -2.842  9.057   2.981   1.00 44.29  ? 1891 GLU A N   1 
ATOM   782 C CA  . GLU A 1 98  ? -3.991  9.940   2.819   1.00 42.98  ? 1891 GLU A CA  1 
ATOM   783 C C   . GLU A 1 98  ? -3.564  11.394  2.893   1.00 46.93  ? 1891 GLU A C   1 
ATOM   784 O O   . GLU A 1 98  ? -4.115  12.249  2.195   1.00 51.04  ? 1891 GLU A O   1 
ATOM   785 C CB  . GLU A 1 98  ? -5.043  9.656   3.887   1.00 42.12  ? 1891 GLU A CB  1 
ATOM   786 C CG  . GLU A 1 98  ? -5.798  8.356   3.734   1.00 40.18  ? 1891 GLU A CG  1 
ATOM   787 C CD  . GLU A 1 98  ? -6.768  8.141   4.886   1.00 50.45  ? 1891 GLU A CD  1 
ATOM   788 O OE1 . GLU A 1 98  ? -7.347  7.036   4.988   1.00 49.97  ? 1891 GLU A OE1 1 
ATOM   789 O OE2 . GLU A 1 98  ? -6.950  9.083   5.694   1.00 53.54  ? 1891 GLU A OE2 1 
ATOM   790 N N   . SER A 1 99  ? -2.588  11.693  3.747   1.00 45.90  ? 1892 SER A N   1 
ATOM   791 C CA  . SER A 1 99  ? -2.098  13.058  3.850   1.00 45.89  ? 1892 SER A CA  1 
ATOM   792 C C   . SER A 1 99  ? -1.420  13.484  2.556   1.00 52.41  ? 1892 SER A C   1 
ATOM   793 O O   . SER A 1 99  ? -1.880  14.408  1.876   1.00 53.42  ? 1892 SER A O   1 
ATOM   794 C CB  . SER A 1 99  ? -1.144  13.180  5.036   1.00 42.67  ? 1892 SER A CB  1 
ATOM   795 O OG  . SER A 1 99  ? -0.713  14.523  5.193   1.00 62.77  ? 1892 SER A OG  1 
ATOM   796 N N   . ARG A 1 100 ? -0.330  12.795  2.186   1.00 51.20  ? 1893 ARG A N   1 
ATOM   797 C CA  . ARG A 1 100 ? 0.401   13.154  0.973   1.00 54.49  ? 1893 ARG A CA  1 
ATOM   798 C C   . ARG A 1 100 ? -0.507  13.174  -0.247  1.00 54.20  ? 1893 ARG A C   1 
ATOM   799 O O   . ARG A 1 100 ? -0.332  14.013  -1.136  1.00 62.49  ? 1893 ARG A O   1 
ATOM   800 C CB  . ARG A 1 100 ? 1.572   12.192  0.739   1.00 46.15  ? 1893 ARG A CB  1 
ATOM   801 C CG  . ARG A 1 100 ? 2.727   12.290  1.741   1.00 57.38  ? 1893 ARG A CG  1 
ATOM   802 C CD  . ARG A 1 100 ? 3.424   13.661  1.737   1.00 61.82  ? 1893 ARG A CD  1 
ATOM   803 N NE  . ARG A 1 100 ? 4.513   13.755  0.764   1.00 58.47  ? 1893 ARG A NE  1 
ATOM   804 C CZ  . ARG A 1 100 ? 4.560   14.652  -0.220  1.00 65.35  ? 1893 ARG A CZ  1 
ATOM   805 N NH1 . ARG A 1 100 ? 3.579   15.535  -0.360  1.00 64.25  ? 1893 ARG A NH1 1 
ATOM   806 N NH2 . ARG A 1 100 ? 5.585   14.676  -1.063  1.00 59.15  ? 1893 ARG A NH2 1 
ATOM   807 N N   . TRP A 1 101 ? -1.489  12.277  -0.307  1.00 50.26  ? 1894 TRP A N   1 
ATOM   808 C CA  . TRP A 1 101 ? -2.384  12.264  -1.459  1.00 62.01  ? 1894 TRP A CA  1 
ATOM   809 C C   . TRP A 1 101 ? -3.174  13.563  -1.558  1.00 62.24  ? 1894 TRP A C   1 
ATOM   810 O O   . TRP A 1 101 ? -3.367  14.101  -2.654  1.00 63.54  ? 1894 TRP A O   1 
ATOM   811 C CB  . TRP A 1 101 ? -3.331  11.064  -1.389  1.00 55.10  ? 1894 TRP A CB  1 
ATOM   812 C CG  . TRP A 1 101 ? -4.372  11.092  -2.465  1.00 55.28  ? 1894 TRP A CG  1 
ATOM   813 C CD1 . TRP A 1 101 ? -5.581  11.715  -2.417  1.00 58.80  ? 1894 TRP A CD1 1 
ATOM   814 C CD2 . TRP A 1 101 ? -4.289  10.480  -3.757  1.00 52.55  ? 1894 TRP A CD2 1 
ATOM   815 N NE1 . TRP A 1 101 ? -6.259  11.529  -3.595  1.00 57.23  ? 1894 TRP A NE1 1 
ATOM   816 C CE2 . TRP A 1 101 ? -5.486  10.773  -4.435  1.00 56.25  ? 1894 TRP A CE2 1 
ATOM   817 C CE3 . TRP A 1 101 ? -3.322  9.708   -4.402  1.00 56.67  ? 1894 TRP A CE3 1 
ATOM   818 C CZ2 . TRP A 1 101 ? -5.741  10.327  -5.729  1.00 63.50  ? 1894 TRP A CZ2 1 
ATOM   819 C CZ3 . TRP A 1 101 ? -3.574  9.267   -5.689  1.00 60.34  ? 1894 TRP A CZ3 1 
ATOM   820 C CH2 . TRP A 1 101 ? -4.773  9.578   -6.339  1.00 64.75  ? 1894 TRP A CH2 1 
ATOM   821 N N   . GLU A 1 102 ? -3.641  14.082  -0.423  1.00 62.94  ? 1895 GLU A N   1 
ATOM   822 C CA  . GLU A 1 102 ? -4.412  15.318  -0.437  1.00 63.46  ? 1895 GLU A CA  1 
ATOM   823 C C   . GLU A 1 102 ? -3.544  16.547  -0.675  1.00 66.14  ? 1895 GLU A C   1 
ATOM   824 O O   . GLU A 1 102 ? -4.061  17.573  -1.129  1.00 75.02  ? 1895 GLU A O   1 
ATOM   825 C CB  . GLU A 1 102 ? -5.198  15.465  0.872   1.00 59.75  ? 1895 GLU A CB  1 
ATOM   826 C CG  . GLU A 1 102 ? -6.420  14.539  0.951   1.00 64.96  ? 1895 GLU A CG  1 
ATOM   827 C CD  . GLU A 1 102 ? -6.638  13.937  2.338   1.00 69.80  ? 1895 GLU A CD  1 
ATOM   828 O OE1 . GLU A 1 102 ? -6.425  14.652  3.344   1.00 64.24  ? 1895 GLU A OE1 1 
ATOM   829 O OE2 . GLU A 1 102 ? -7.023  12.746  2.416   1.00 63.86  ? 1895 GLU A OE2 1 
ATOM   830 N N   . GLU A 1 103 ? -2.242  16.460  -0.410  1.00 62.28  ? 1896 GLU A N   1 
ATOM   831 C CA  . GLU A 1 103 ? -1.339  17.585  -0.607  1.00 64.62  ? 1896 GLU A CA  1 
ATOM   832 C C   . GLU A 1 103 ? -0.984  17.823  -2.072  1.00 71.00  ? 1896 GLU A C   1 
ATOM   833 O O   . GLU A 1 103 ? -0.135  18.674  -2.358  1.00 68.69  ? 1896 GLU A O   1 
ATOM   834 C CB  . GLU A 1 103 ? -0.066  17.380  0.215   1.00 59.99  ? 1896 GLU A CB  1 
ATOM   835 C CG  . GLU A 1 103 ? -0.247  17.727  1.682   1.00 61.09  ? 1896 GLU A CG  1 
ATOM   836 C CD  . GLU A 1 103 ? 0.986   17.456  2.525   1.00 75.74  ? 1896 GLU A CD  1 
ATOM   837 O OE1 . GLU A 1 103 ? 0.945   16.528  3.364   1.00 74.51  ? 1896 GLU A OE1 1 
ATOM   838 O OE2 . GLU A 1 103 ? 1.987   18.184  2.361   1.00 82.18  ? 1896 GLU A OE2 1 
ATOM   839 N N   . PHE A 1 104 ? -1.588  17.092  -2.996  1.00 73.29  ? 1897 PHE A N   1 
ATOM   840 C CA  . PHE A 1 104 ? -1.509  17.376  -4.427  1.00 75.38  ? 1897 PHE A CA  1 
ATOM   841 C C   . PHE A 1 104 ? -2.891  17.612  -5.014  1.00 81.09  ? 1897 PHE A C   1 
ATOM   842 O O   . PHE A 1 104 ? -3.099  18.605  -5.717  1.00 81.31  ? 1897 PHE A O   1 
ATOM   843 C CB  . PHE A 1 104 ? -0.809  16.232  -5.193  1.00 68.87  ? 1897 PHE A CB  1 
ATOM   844 C CG  . PHE A 1 104 ? 0.608   15.955  -4.743  1.00 73.97  ? 1897 PHE A CG  1 
ATOM   845 C CD1 . PHE A 1 104 ? 1.686   16.174  -5.589  1.00 69.98  ? 1897 PHE A CD1 1 
ATOM   846 C CD2 . PHE A 1 104 ? 0.862   15.459  -3.475  1.00 76.14  ? 1897 PHE A CD2 1 
ATOM   847 C CE1 . PHE A 1 104 ? 2.987   15.900  -5.172  1.00 72.42  ? 1897 PHE A CE1 1 
ATOM   848 C CE2 . PHE A 1 104 ? 2.154   15.195  -3.053  1.00 73.91  ? 1897 PHE A CE2 1 
ATOM   849 C CZ  . PHE A 1 104 ? 3.214   15.413  -3.898  1.00 70.53  ? 1897 PHE A CZ  1 
ATOM   850 N N   . TYR A 1 105 ? -3.853  16.751  -4.697  1.00 76.96  ? 1898 TYR A N   1 
ATOM   851 C CA  . TYR A 1 105 ? -5.212  16.839  -5.212  1.00 74.02  ? 1898 TYR A CA  1 
ATOM   852 C C   . TYR A 1 105 ? -6.155  17.434  -4.170  1.00 71.68  ? 1898 TYR A C   1 
ATOM   853 O O   . TYR A 1 105 ? -5.749  18.271  -3.367  1.00 74.63  ? 1898 TYR A O   1 
ATOM   854 C CB  . TYR A 1 105 ? -5.701  15.460  -5.639  1.00 74.26  ? 1898 TYR A CB  1 
ATOM   855 C CG  . TYR A 1 105 ? -4.722  14.703  -6.508  1.00 75.32  ? 1898 TYR A CG  1 
ATOM   856 C CD1 . TYR A 1 105 ? -4.859  14.690  -7.890  1.00 82.02  ? 1898 TYR A CD1 1 
ATOM   857 C CD2 . TYR A 1 105 ? -3.664  13.996  -5.949  1.00 69.29  ? 1898 TYR A CD2 1 
ATOM   858 C CE1 . TYR A 1 105 ? -3.969  13.999  -8.692  1.00 80.46  ? 1898 TYR A CE1 1 
ATOM   859 C CE2 . TYR A 1 105 ? -2.772  13.307  -6.739  1.00 69.22  ? 1898 TYR A CE2 1 
ATOM   860 C CZ  . TYR A 1 105 ? -2.928  13.309  -8.110  1.00 74.71  ? 1898 TYR A CZ  1 
ATOM   861 O OH  . TYR A 1 105 ? -2.036  12.618  -8.892  1.00 75.06  ? 1898 TYR A OH  1 
HETATM 862 C C1  . EDO B 2 .   ? -9.795  13.567  5.681   1.00 54.84  ? 1901 EDO A C1  1 
HETATM 863 O O1  . EDO B 2 .   ? -8.584  14.250  5.330   1.00 64.61  ? 1901 EDO A O1  1 
HETATM 864 C C2  . EDO B 2 .   ? -9.700  12.124  5.210   1.00 49.43  ? 1901 EDO A C2  1 
HETATM 865 O O2  . EDO B 2 .   ? -8.451  11.597  5.662   1.00 50.72  ? 1901 EDO A O2  1 
HETATM 866 C C16 . FI5 C 3 .   ? 1.610   -10.704 11.827  1.00 43.77  ? 1902 FI5 A C16 1 
HETATM 867 C C15 . FI5 C 3 .   ? 2.433   -11.114 13.046  1.00 39.50  ? 1902 FI5 A C15 1 
HETATM 868 C C13 . FI5 C 3 .   ? 1.608   -13.418 12.832  1.00 33.10  ? 1902 FI5 A C13 1 
HETATM 869 C C12 . FI5 C 3 .   ? 0.784   -13.010 11.613  1.00 42.93  ? 1902 FI5 A C12 1 
HETATM 870 C C11 . FI5 C 3 .   ? 1.370   -11.844 10.909  1.00 51.50  ? 1902 FI5 A C11 1 
HETATM 871 C C02 . FI5 C 3 .   ? 0.060   -7.569  6.863   1.00 36.34  ? 1902 FI5 A C02 1 
HETATM 872 C C04 . FI5 C 3 .   ? 0.908   -8.542  7.679   1.00 38.26  ? 1902 FI5 A C04 1 
HETATM 873 C C06 . FI5 C 3 .   ? 3.007   -9.223  8.356   1.00 45.21  ? 1902 FI5 A C06 1 
HETATM 874 C C07 . FI5 C 3 .   ? 2.450   -10.243 9.110   1.00 38.01  ? 1902 FI5 A C07 1 
HETATM 875 C C08 . FI5 C 3 .   ? 1.072   -10.411 9.144   1.00 43.18  ? 1902 FI5 A C08 1 
HETATM 876 C C09 . FI5 C 3 .   ? 0.280   -9.538  8.409   1.00 33.70  ? 1902 FI5 A C09 1 
HETATM 877 N N01 . FI5 C 3 .   ? 0.702   -6.524  6.084   1.00 36.84  ? 1902 FI5 A N01 1 
HETATM 878 N N05 . FI5 C 3 .   ? 2.220   -8.413  7.672   1.00 41.08  ? 1902 FI5 A N05 1 
HETATM 879 N N14 . FI5 C 3 .   ? 1.849   -12.280 13.748  1.00 47.98  ? 1902 FI5 A N14 1 
HETATM 880 O O03 . FI5 C 3 .   ? -1.121  -7.665  6.865   1.00 42.22  ? 1902 FI5 A O03 1 
HETATM 881 O O10 . FI5 C 3 .   ? 0.490   -11.436 9.899   1.00 46.83  ? 1902 FI5 A O10 1 
HETATM 882 O O   . HOH D 4 .   ? 1.643   8.517   9.329   1.00 40.12  ? 2001 HOH A O   1 
HETATM 883 O O   . HOH D 4 .   ? 0.700   -9.579  0.721   1.00 31.88  ? 2002 HOH A O   1 
HETATM 884 O O   . HOH D 4 .   ? 0.337   -12.594 -0.247  1.00 31.72  ? 2003 HOH A O   1 
HETATM 885 O O   . HOH D 4 .   ? 8.904   -1.347  -3.708  1.00 42.58  ? 2004 HOH A O   1 
HETATM 886 O O   . HOH D 4 .   ? -2.093  -7.862  1.292   1.00 34.71  ? 2005 HOH A O   1 
HETATM 887 O O   . HOH D 4 .   ? -9.172  -17.128 -2.468  1.00 44.06  ? 2006 HOH A O   1 
HETATM 888 O O   . HOH D 4 .   ? -2.799  -7.265  5.092   1.00 34.40  ? 2007 HOH A O   1 
HETATM 889 O O   . HOH D 4 .   ? -7.790  -18.201 10.566  1.00 52.70  ? 2008 HOH A O   1 
HETATM 890 O O   . HOH D 4 .   ? -0.957  -8.569  13.389  1.00 36.43  ? 2009 HOH A O   1 
HETATM 891 O O   . HOH D 4 .   ? 11.242  1.247   4.317   1.00 31.40  ? 2010 HOH A O   1 
HETATM 892 O O   . HOH D 4 .   ? 2.844   -7.034  2.755   1.00 36.21  ? 2011 HOH A O   1 
HETATM 893 O O   . HOH D 4 .   ? 0.331   -5.689  2.306   1.00 35.42  ? 2012 HOH A O   1 
HETATM 894 O O   . HOH D 4 .   ? -9.002  -8.261  0.177   1.00 25.97  ? 2013 HOH A O   1 
HETATM 895 O O   . HOH D 4 .   ? 0.074   -8.689  -1.375  1.00 39.93  ? 2014 HOH A O   1 
HETATM 896 O O   . HOH D 4 .   ? -4.339  0.964   8.533   1.00 34.83  ? 2015 HOH A O   1 
HETATM 897 O O   . HOH D 4 .   ? 6.909   -6.801  3.570   1.00 39.59  ? 2016 HOH A O   1 
HETATM 898 O O   . HOH D 4 .   ? 12.176  6.286   -6.330  1.00 39.01  ? 2017 HOH A O   1 
HETATM 899 O O   . HOH D 4 .   ? -4.818  20.848  -2.368  1.00 54.33  ? 2018 HOH A O   1 
HETATM 900 O O   . HOH D 4 .   ? -3.257  -7.082  20.015  1.00 43.43  ? 2019 HOH A O   1 
HETATM 901 O O   . HOH D 4 .   ? -5.446  -2.285  11.769  1.00 33.21  ? 2020 HOH A O   1 
HETATM 902 O O   . HOH D 4 .   ? -11.031 -7.065  -1.446  1.00 37.59  ? 2021 HOH A O   1 
HETATM 903 O O   . HOH D 4 .   ? -4.248  -0.833  10.274  1.00 31.32  ? 2022 HOH A O   1 
HETATM 904 O O   . HOH D 4 .   ? -1.440  -5.247  4.135   1.00 31.59  ? 2023 HOH A O   1 
HETATM 905 O O   . HOH D 4 .   ? 4.170   9.890   8.772   1.00 39.21  ? 2024 HOH A O   1 
HETATM 906 O O   . HOH D 4 .   ? 1.536   -7.656  17.782  1.00 29.14  ? 2025 HOH A O   1 
HETATM 907 O O   . HOH D 4 .   ? -2.544  12.788  8.189   1.00 47.72  ? 2026 HOH A O   1 
HETATM 908 O O   . HOH D 4 .   ? 1.204   -8.005  14.786  1.00 30.26  ? 2027 HOH A O   1 
HETATM 909 O O   . HOH D 4 .   ? 5.749   -8.664  4.775   1.00 38.42  ? 2028 HOH A O   1 
HETATM 910 O O   . HOH D 4 .   ? -7.964  8.977   -1.556  1.00 37.09  ? 2029 HOH A O   1 
HETATM 911 O O   . HOH D 4 .   ? -9.006  8.326   -3.662  1.00 45.92  ? 2030 HOH A O   1 
# 
